data_9JBN
#
_entry.id   9JBN
#
_cell.length_a   1.00
_cell.length_b   1.00
_cell.length_c   1.00
_cell.angle_alpha   90.00
_cell.angle_beta   90.00
_cell.angle_gamma   90.00
#
_symmetry.space_group_name_H-M   'P 1'
#
loop_
_entity.id
_entity.type
_entity.pdbx_description
1 polymer 'Protein EDS1'
2 polymer PAD4
3 polymer 'Probable disease resistance protein At5g04720'
4 non-polymer 'ADENOSINE MONOPHOSPHATE'
5 non-polymer 5-O-phosphono-beta-D-ribofuranose
6 water water
#
loop_
_entity_poly.entity_id
_entity_poly.type
_entity_poly.pdbx_seq_one_letter_code
_entity_poly.pdbx_strand_id
1 'polypeptide(L)'
;MAFEALTGINGDLITRSWSASKQAYLTERYHKEEAGAVVIFAFQPSFSEKDFFDPDNKSSFGEIKLNRVQFPCMRKIGKG
DVATVNEAFLKNLEAIIDPRTSFQASVEMAVRSRKQIVFTGHSSGGATAILATVWYLEKYFIRNPNVYLEPRCVTFGAPL
VGDSIFSHALGREKWSRFFVNFVSRFDIVPRIMLARKASVEETLPHVLAQLDPRKSSVQESEQRITEFYTRVMRDTSTVA
NQAVCELTGSAEAFLETLSSFLELSPYRPAGTFVFSTEKRLVAVNNSDAILQMLFYTSQASDEQEWSLIPFRSIRDHHSY
EELVQSMGKKLFNHLDGENSIESTLNDLGVSTRGRQYVQAALEEEKKRVENQKKIIQVIEQERFLKKLAWIEDEYKPKCQ
AHKNGYYDSFKVSNEENDFKANVKRAELAGVFDEVLGLMKKCQLPDEFEGDIDWIKLATRYRRLVEPLDIANYHRHLKNE
DTGPYMKRGRPTRYIYAQRGYEHYILKPNGMIAEDVFWNKVNGLNLGLQLEEIQETLKNSGSECGSCFWAEVEELKGKPY
EEVEVRVKTLEGMLGEWITDGEVDDKEIFLEGSTFRKWWITLPKNHKSHSPLRDYMMDEITDT
;
A
2 'polypeptide(L)'
;MDDCRFETSELQASVMISTPLFTDSWSSCNTANCNGSIKIHDIAGITYVAIPAVSMIQLGNLVGLPVTGDVLFPGLSSDE
PLPMVDAAILKLFLQLKIKEGLELELLGKKLVVITGHSTGGALAAFTALWLLSQSSPPSFRVFCITFGSPLLGNQSLSTS
ISRSRLAHNFCHVVSIHDLVPRSSNEQFWPFGTYLFCSDKGGVCLDNAGSVRLMFNILNTTATQNTEEHQRYGHYVFTLS
HMFLKSRSFLGGSIPDNSYQAGVALAVEALGFSNDDTSGVLVKECIETATRIVRAPILRSAELANELASVLPARLEIQWY
KDRCDASEEQLGYYDFFKRYSLKRDFKVNMSRIRLAKFWDTVIKMVETNELPFDFHLGKKWIYASQFYQLLAEPLDIANF
YKNRDIKTGGHYLEGNRPKRYEVIDKWQKGVKVPEECVRSRYASTTQDTCFWAKLEQAKEWLDEARKESSDPQRRSLLRE
KIVPFESYANTLVTKKEVSLDVKAKNSSYSVWEANLKEFKCKMGYENEIEMVVDESDAMET
;
B
3 'polypeptide(L)'
;MADIIGGEVVTELVRQLYAVSQKTLRCRGIAKNLATMIDGLQPTIKEIQYSGVELTPHRQAQLRMFSETLDKCRKLTEKV
LKSSRWNMVRQLLHVRKMENLQSKVSSFLNGQLLVHVLADVHHVRADSEFRFDRIDRKVDSLNEKLGSMKLRGSESLREA
LKTAEATVEMVTTDGADLGVGLDLGKRKVKEMLFKSIDGERLIGISGMSGSGKTTLAKELARDEEVRGHFGNKVLFLTVS
QSPNLEELRAHIWGFLTSYEAGVGATLPESRKLVILDDVWTRESLDQLMFENIPGTTTLVVSRSKLADSRVTYDVELLNE
HEATALFCLSVFNQKLVPSGFSQSLVKQVVGECKGLPLSLKVIGASLKERPEKYWEGAVERLSRGEPADETHESRVFAQI
EATLENLDPKTRDCFLVLGAFPEDKKIPLDVLINVLVELHDLEDATAFAVIVDLANRNLLTLVKDPRFGHMYTSYYDIFV
TQHDVLRDVALRLSNHGKVNNRERLLMPKRESMLPREWERNNDEPYKARVVSIHTGEMTQMDWFDMELPKAEVLILHFSS
DKYVLPPFIAKMGKLTALVIINNGMSPARLHDFSIFTNLAKLKSLWLQRVHVPELSSSTVPLQNLHKLSLIFCKINTSLD
QTELDIAQIFPKLSDLTIDHCDDLLELPSTICGITSLNSISITNCPRIKELPKNLSKLKALQLLRLYACHELNSLPVEIC
ELPRLKYVDISQCVSLSSLPEKIGKVKTLEKIDTRECSLSSIPNSVVLLTSLRHVICDREALWMWEKVQKAVAGLRVEAA
EKSFSRDWLDD
;
C
#
# COMPACT_ATOMS: atom_id res chain seq x y z
N MET A 1 -14.95 -46.07 19.65
CA MET A 1 -15.55 -44.92 20.39
C MET A 1 -15.05 -43.59 19.80
N ALA A 2 -15.43 -42.48 20.43
CA ALA A 2 -15.01 -41.18 19.93
C ALA A 2 -13.55 -40.88 20.26
N PHE A 3 -13.09 -41.35 21.42
CA PHE A 3 -11.69 -41.14 21.79
C PHE A 3 -10.75 -41.72 20.74
N GLU A 4 -10.94 -43.00 20.39
CA GLU A 4 -10.08 -43.62 19.40
C GLU A 4 -10.29 -43.02 18.03
N ALA A 5 -11.54 -42.70 17.69
CA ALA A 5 -11.82 -42.07 16.41
C ALA A 5 -11.09 -40.75 16.27
N LEU A 6 -10.82 -40.07 17.39
CA LEU A 6 -10.18 -38.76 17.35
C LEU A 6 -8.66 -38.89 17.40
N THR A 7 -8.13 -39.59 18.40
CA THR A 7 -6.69 -39.60 18.66
C THR A 7 -5.95 -40.72 17.97
N GLY A 8 -6.61 -41.82 17.65
CA GLY A 8 -5.94 -42.95 17.02
C GLY A 8 -5.33 -43.95 17.98
N ILE A 9 -5.74 -43.94 19.24
CA ILE A 9 -5.24 -44.89 20.25
C ILE A 9 -6.43 -45.39 21.06
N ASN A 10 -6.25 -46.56 21.65
CA ASN A 10 -7.31 -47.22 22.41
C ASN A 10 -6.86 -47.44 23.85
N GLY A 11 -7.80 -47.90 24.68
CA GLY A 11 -7.55 -48.00 26.11
C GLY A 11 -6.41 -48.96 26.45
N ASP A 12 -6.29 -50.05 25.70
CA ASP A 12 -5.23 -51.01 25.95
C ASP A 12 -3.86 -50.38 25.77
N LEU A 13 -3.68 -49.57 24.73
CA LEU A 13 -2.41 -48.89 24.51
C LEU A 13 -2.11 -47.91 25.63
N ILE A 14 -3.12 -47.18 26.09
CA ILE A 14 -2.90 -46.21 27.17
C ILE A 14 -2.51 -46.93 28.46
N THR A 15 -3.17 -48.05 28.76
CA THR A 15 -2.81 -48.83 29.94
C THR A 15 -1.38 -49.32 29.86
N ARG A 16 -0.99 -49.84 28.70
CA ARG A 16 0.39 -50.33 28.54
C ARG A 16 1.39 -49.19 28.64
N SER A 17 1.05 -48.02 28.10
CA SER A 17 1.93 -46.86 28.20
C SER A 17 2.14 -46.46 29.65
N TRP A 18 1.07 -46.40 30.44
CA TRP A 18 1.22 -46.05 31.85
C TRP A 18 2.05 -47.08 32.59
N SER A 19 1.82 -48.37 32.30
CA SER A 19 2.59 -49.41 32.96
C SER A 19 4.08 -49.28 32.66
N ALA A 20 4.42 -49.05 31.39
CA ALA A 20 5.82 -48.87 31.01
C ALA A 20 6.41 -47.62 31.66
N SER A 21 5.63 -46.55 31.75
CA SER A 21 6.11 -45.35 32.43
C SER A 21 6.44 -45.65 33.89
N LYS A 22 5.58 -46.40 34.56
CA LYS A 22 5.87 -46.77 35.94
C LYS A 22 7.15 -47.58 36.04
N GLN A 23 7.33 -48.56 35.15
CA GLN A 23 8.54 -49.37 35.20
C GLN A 23 9.79 -48.53 34.95
N ALA A 24 9.67 -47.46 34.18
CA ALA A 24 10.84 -46.67 33.80
C ALA A 24 11.54 -46.01 34.99
N TYR A 25 10.90 -45.93 36.17
CA TYR A 25 11.56 -45.32 37.31
C TYR A 25 12.85 -46.02 37.70
N LEU A 26 12.92 -47.34 37.53
CA LEU A 26 14.05 -48.14 37.99
C LEU A 26 15.20 -48.19 37.00
N THR A 27 14.91 -48.44 35.72
CA THR A 27 15.95 -48.56 34.72
C THR A 27 16.70 -47.24 34.58
N GLU A 28 17.88 -47.32 33.96
CA GLU A 28 18.76 -46.17 33.80
C GLU A 28 18.54 -45.52 32.44
N ARG A 29 17.90 -44.36 32.45
CA ARG A 29 17.74 -43.44 31.32
C ARG A 29 16.71 -43.88 30.28
N TYR A 30 16.27 -45.13 30.29
CA TYR A 30 15.14 -45.56 29.45
C TYR A 30 14.90 -47.04 29.67
N HIS A 31 13.73 -47.49 29.23
CA HIS A 31 13.31 -48.88 29.37
C HIS A 31 12.57 -49.28 28.10
N LYS A 32 12.81 -50.50 27.63
CA LYS A 32 12.15 -51.03 26.45
C LYS A 32 11.28 -52.22 26.83
N GLU A 33 10.08 -52.27 26.26
CA GLU A 33 9.11 -53.31 26.58
C GLU A 33 8.47 -53.77 25.28
N GLU A 34 8.41 -55.09 25.09
CA GLU A 34 7.90 -55.69 23.86
C GLU A 34 6.61 -56.46 24.17
N ALA A 35 5.57 -56.22 23.37
CA ALA A 35 4.26 -56.82 23.60
C ALA A 35 3.56 -57.03 22.25
N GLY A 36 3.67 -58.24 21.72
CA GLY A 36 2.97 -58.58 20.50
C GLY A 36 3.38 -57.75 19.29
N ALA A 37 2.50 -56.87 18.85
CA ALA A 37 2.74 -56.03 17.68
C ALA A 37 3.19 -54.62 18.04
N VAL A 38 3.46 -54.33 19.30
CA VAL A 38 3.77 -52.99 19.76
C VAL A 38 5.07 -53.01 20.57
N VAL A 39 5.88 -51.97 20.37
CA VAL A 39 7.12 -51.77 21.12
C VAL A 39 7.07 -50.40 21.76
N ILE A 40 7.37 -50.34 23.05
CA ILE A 40 7.24 -49.11 23.84
C ILE A 40 8.59 -48.75 24.41
N PHE A 41 8.99 -47.49 24.20
CA PHE A 41 10.19 -46.91 24.80
C PHE A 41 9.77 -45.90 25.84
N ALA A 42 10.09 -46.16 27.10
CA ALA A 42 9.72 -45.30 28.22
C ALA A 42 10.96 -44.67 28.82
N PHE A 43 10.88 -43.38 29.14
CA PHE A 43 12.04 -42.60 29.57
C PHE A 43 11.93 -42.24 31.04
N GLN A 44 13.07 -42.29 31.72
CA GLN A 44 13.15 -42.06 33.17
C GLN A 44 13.01 -40.58 33.49
N PRO A 45 12.22 -40.21 34.49
CA PRO A 45 12.16 -38.81 34.93
C PRO A 45 13.21 -38.49 35.99
N SER A 46 13.44 -37.19 36.16
CA SER A 46 14.43 -36.67 37.09
C SER A 46 13.82 -35.55 37.90
N PHE A 47 14.37 -35.33 39.10
CA PHE A 47 13.80 -34.39 40.06
C PHE A 47 14.88 -33.54 40.71
N SER A 48 15.78 -33.01 39.90
CA SER A 48 16.78 -32.05 40.33
C SER A 48 16.57 -30.71 39.64
N GLU A 49 17.08 -29.65 40.25
CA GLU A 49 16.91 -28.31 39.68
C GLU A 49 17.63 -28.19 38.34
N LYS A 50 18.82 -28.80 38.22
CA LYS A 50 19.59 -28.73 36.99
C LYS A 50 18.97 -29.52 35.85
N ASP A 51 17.94 -30.31 36.12
CA ASP A 51 17.24 -31.05 35.09
C ASP A 51 16.10 -30.24 34.46
N PHE A 52 15.81 -29.07 35.00
CA PHE A 52 14.84 -28.15 34.42
C PHE A 52 15.47 -26.86 33.93
N PHE A 53 16.50 -26.35 34.61
CA PHE A 53 17.22 -25.16 34.19
C PHE A 53 18.69 -25.53 34.08
N ASP A 54 19.27 -25.37 32.90
CA ASP A 54 20.67 -25.71 32.70
C ASP A 54 21.56 -24.70 33.43
N PRO A 55 22.47 -25.14 34.29
CA PRO A 55 23.26 -24.17 35.06
C PRO A 55 24.17 -23.29 34.23
N ASP A 56 24.55 -23.72 33.02
CA ASP A 56 25.43 -22.95 32.17
C ASP A 56 24.69 -22.05 31.19
N ASN A 57 23.36 -22.13 31.13
CA ASN A 57 22.57 -21.22 30.31
C ASN A 57 22.38 -19.91 31.04
N LYS A 58 22.67 -18.80 30.37
CA LYS A 58 22.61 -17.48 30.97
C LYS A 58 21.30 -16.75 30.69
N SER A 59 20.37 -17.36 29.97
CA SER A 59 19.10 -16.73 29.68
C SER A 59 18.12 -16.93 30.85
N SER A 60 16.96 -16.27 30.75
CA SER A 60 16.04 -16.21 31.88
C SER A 60 15.04 -17.36 31.93
N PHE A 61 14.98 -18.20 30.88
CA PHE A 61 14.04 -19.31 30.85
C PHE A 61 14.71 -20.63 30.47
N GLY A 62 16.02 -20.65 30.30
CA GLY A 62 16.73 -21.88 29.99
C GLY A 62 16.46 -22.45 28.61
N GLU A 63 16.32 -21.61 27.59
CA GLU A 63 16.04 -22.05 26.23
C GLU A 63 17.31 -22.00 25.38
N ILE A 64 17.26 -22.70 24.25
CA ILE A 64 18.37 -22.71 23.30
C ILE A 64 17.79 -22.98 21.91
N LYS A 65 18.53 -22.57 20.89
CA LYS A 65 18.12 -22.77 19.50
C LYS A 65 18.56 -24.15 19.01
N LEU A 66 17.72 -24.75 18.16
CA LEU A 66 18.02 -26.06 17.60
C LEU A 66 19.03 -25.93 16.46
N ASN A 67 19.69 -27.05 16.17
CA ASN A 67 20.67 -27.11 15.09
C ASN A 67 19.94 -27.37 13.78
N ARG A 68 20.14 -26.48 12.80
CA ARG A 68 19.41 -26.60 11.54
C ARG A 68 19.77 -27.87 10.78
N VAL A 69 20.93 -28.46 11.06
CA VAL A 69 21.33 -29.66 10.34
C VAL A 69 20.67 -30.89 10.93
N GLN A 70 20.54 -30.95 12.26
CA GLN A 70 19.95 -32.10 12.91
C GLN A 70 18.43 -32.13 12.80
N PHE A 71 17.78 -30.98 12.87
CA PHE A 71 16.32 -30.87 12.80
C PHE A 71 15.96 -29.88 11.70
N PRO A 72 16.12 -30.29 10.44
CA PRO A 72 15.92 -29.33 9.34
C PRO A 72 14.49 -28.89 9.12
N CYS A 73 13.51 -29.58 9.69
CA CYS A 73 12.11 -29.22 9.50
C CYS A 73 11.58 -28.26 10.55
N MET A 74 12.28 -28.08 11.66
CA MET A 74 11.78 -27.33 12.80
C MET A 74 12.16 -25.86 12.63
N ARG A 75 11.42 -25.17 11.75
CA ARG A 75 11.70 -23.77 11.45
C ARG A 75 10.52 -23.19 10.70
N LYS A 76 10.63 -21.90 10.38
CA LYS A 76 9.73 -21.22 9.46
C LYS A 76 10.39 -21.16 8.09
N ILE A 77 9.69 -21.63 7.06
CA ILE A 77 10.34 -21.84 5.76
C ILE A 77 10.69 -20.51 5.11
N GLY A 78 9.67 -19.68 4.84
CA GLY A 78 9.91 -18.44 4.13
C GLY A 78 10.77 -17.47 4.92
N LYS A 79 10.47 -17.32 6.21
CA LYS A 79 11.24 -16.40 7.05
C LYS A 79 12.62 -16.95 7.36
N GLY A 80 12.72 -18.25 7.62
CA GLY A 80 13.99 -18.89 7.91
C GLY A 80 14.39 -18.94 9.36
N ASP A 81 13.46 -18.73 10.29
CA ASP A 81 13.77 -18.75 11.72
C ASP A 81 13.67 -20.16 12.27
N VAL A 82 14.69 -20.56 13.04
CA VAL A 82 14.71 -21.87 13.68
C VAL A 82 13.93 -21.80 14.99
N ALA A 83 13.56 -22.97 15.51
CA ALA A 83 12.82 -23.07 16.75
C ALA A 83 13.77 -23.27 17.93
N THR A 84 13.26 -22.98 19.13
CA THR A 84 14.00 -23.15 20.37
C THR A 84 13.29 -24.13 21.30
N VAL A 85 14.07 -24.82 22.12
CA VAL A 85 13.56 -25.80 23.08
C VAL A 85 14.32 -25.62 24.39
N ASN A 86 13.87 -26.36 25.41
CA ASN A 86 14.55 -26.39 26.70
C ASN A 86 15.90 -27.09 26.58
N GLU A 87 16.94 -26.51 27.19
CA GLU A 87 18.30 -27.00 26.99
C GLU A 87 18.56 -28.29 27.77
N ALA A 88 18.04 -28.40 29.00
CA ALA A 88 18.30 -29.58 29.80
C ALA A 88 17.67 -30.83 29.18
N PHE A 89 16.44 -30.71 28.70
CA PHE A 89 15.77 -31.84 28.06
C PHE A 89 16.52 -32.26 26.80
N LEU A 90 16.98 -31.29 26.02
CA LEU A 90 17.73 -31.60 24.81
C LEU A 90 19.03 -32.31 25.14
N LYS A 91 19.73 -31.86 26.18
CA LYS A 91 20.97 -32.54 26.59
C LYS A 91 20.69 -33.98 27.02
N ASN A 92 19.59 -34.19 27.75
CA ASN A 92 19.22 -35.54 28.14
C ASN A 92 19.02 -36.44 26.90
N LEU A 93 18.27 -35.95 25.92
CA LEU A 93 18.06 -36.72 24.70
C LEU A 93 19.38 -36.98 23.99
N GLU A 94 20.25 -35.98 23.91
CA GLU A 94 21.54 -36.15 23.26
C GLU A 94 22.37 -37.22 23.96
N ALA A 95 22.28 -37.29 25.29
CA ALA A 95 22.97 -38.35 26.02
C ALA A 95 22.40 -39.71 25.68
N ILE A 96 21.08 -39.80 25.51
CA ILE A 96 20.46 -41.11 25.23
C ILE A 96 20.80 -41.58 23.83
N ILE A 97 20.84 -40.69 22.84
CA ILE A 97 21.03 -41.10 21.46
C ILE A 97 22.51 -41.25 21.12
N ASP A 98 23.37 -41.20 22.13
CA ASP A 98 24.80 -41.39 21.90
C ASP A 98 25.07 -42.85 21.55
N PRO A 99 25.84 -43.14 20.48
CA PRO A 99 25.98 -44.54 20.02
C PRO A 99 26.37 -45.54 21.11
N ARG A 100 26.97 -45.07 22.20
CA ARG A 100 27.39 -45.98 23.25
C ARG A 100 26.22 -46.57 24.05
N THR A 101 24.96 -46.32 23.72
CA THR A 101 23.84 -46.74 24.56
C THR A 101 23.02 -47.89 24.00
N SER A 102 23.02 -48.08 22.68
CA SER A 102 22.25 -49.12 21.98
C SER A 102 20.79 -48.74 21.75
N PHE A 103 20.41 -47.48 22.00
CA PHE A 103 19.04 -47.05 21.75
C PHE A 103 18.73 -47.07 20.26
N GLN A 104 19.67 -46.57 19.45
CA GLN A 104 19.45 -46.47 18.01
C GLN A 104 19.33 -47.85 17.37
N ALA A 105 20.19 -48.79 17.76
CA ALA A 105 20.12 -50.13 17.21
C ALA A 105 18.80 -50.81 17.57
N SER A 106 18.31 -50.60 18.79
CA SER A 106 17.01 -51.14 19.17
C SER A 106 15.90 -50.53 18.34
N VAL A 107 15.96 -49.22 18.09
CA VAL A 107 14.94 -48.59 17.27
C VAL A 107 14.97 -49.16 15.86
N GLU A 108 16.17 -49.36 15.30
CA GLU A 108 16.28 -49.93 13.97
C GLU A 108 15.73 -51.35 13.92
N MET A 109 16.03 -52.15 14.94
CA MET A 109 15.46 -53.50 15.00
C MET A 109 13.94 -53.45 15.03
N ALA A 110 13.37 -52.54 15.82
CA ALA A 110 11.92 -52.42 15.89
C ALA A 110 11.34 -52.00 14.55
N VAL A 111 12.03 -51.11 13.84
CA VAL A 111 11.57 -50.67 12.52
C VAL A 111 11.58 -51.84 11.54
N ARG A 112 12.64 -52.65 11.57
CA ARG A 112 12.75 -53.74 10.60
C ARG A 112 11.60 -54.73 10.75
N SER A 113 11.12 -54.94 11.98
CA SER A 113 10.09 -55.94 12.24
C SER A 113 8.67 -55.42 11.97
N ARG A 114 8.52 -54.15 11.63
CA ARG A 114 7.23 -53.60 11.19
C ARG A 114 6.19 -53.63 12.30
N LYS A 115 6.60 -53.24 13.51
CA LYS A 115 5.70 -53.09 14.65
C LYS A 115 5.34 -51.62 14.85
N GLN A 116 4.44 -51.38 15.80
CA GLN A 116 3.99 -50.04 16.14
C GLN A 116 4.83 -49.52 17.29
N ILE A 117 5.55 -48.42 17.06
CA ILE A 117 6.48 -47.86 18.03
C ILE A 117 5.80 -46.76 18.82
N VAL A 118 6.08 -46.70 20.12
CA VAL A 118 5.45 -45.76 21.04
C VAL A 118 6.53 -45.19 21.96
N PHE A 119 6.53 -43.88 22.12
CA PHE A 119 7.37 -43.19 23.09
C PHE A 119 6.49 -42.66 24.22
N THR A 120 6.95 -42.80 25.45
CA THR A 120 6.10 -42.44 26.59
C THR A 120 6.98 -42.07 27.78
N GLY A 121 6.37 -41.40 28.76
CA GLY A 121 7.07 -41.03 29.97
C GLY A 121 6.18 -40.21 30.88
N HIS A 122 6.58 -40.14 32.14
CA HIS A 122 5.90 -39.38 33.17
C HIS A 122 6.81 -38.25 33.64
N SER A 123 6.24 -37.05 33.76
CA SER A 123 6.99 -35.86 34.22
C SER A 123 7.98 -35.48 33.13
N SER A 124 9.26 -35.22 33.43
CA SER A 124 10.21 -34.85 32.39
C SER A 124 10.55 -36.01 31.47
N GLY A 125 10.24 -37.25 31.86
CA GLY A 125 10.26 -38.34 30.92
C GLY A 125 9.33 -38.10 29.75
N GLY A 126 8.21 -37.41 29.99
CA GLY A 126 7.32 -37.06 28.90
C GLY A 126 7.94 -36.07 27.92
N ALA A 127 8.67 -35.08 28.43
CA ALA A 127 9.35 -34.13 27.55
C ALA A 127 10.42 -34.83 26.72
N THR A 128 11.15 -35.75 27.35
CA THR A 128 12.11 -36.54 26.59
C THR A 128 11.42 -37.38 25.53
N ALA A 129 10.24 -37.92 25.85
CA ALA A 129 9.48 -38.67 24.85
C ALA A 129 9.08 -37.79 23.68
N ILE A 130 8.66 -36.56 23.95
CA ILE A 130 8.28 -35.65 22.87
C ILE A 130 9.47 -35.38 21.94
N LEU A 131 10.63 -35.08 22.54
CA LEU A 131 11.80 -34.80 21.70
C LEU A 131 12.26 -36.04 20.94
N ALA A 132 12.13 -37.22 21.55
CA ALA A 132 12.48 -38.46 20.86
C ALA A 132 11.54 -38.71 19.68
N THR A 133 10.25 -38.42 19.85
CA THR A 133 9.32 -38.57 18.73
C THR A 133 9.70 -37.64 17.59
N VAL A 134 10.06 -36.39 17.89
CA VAL A 134 10.47 -35.48 16.83
C VAL A 134 11.74 -35.98 16.13
N TRP A 135 12.70 -36.48 16.91
CA TRP A 135 13.92 -37.04 16.33
C TRP A 135 13.61 -38.21 15.40
N TYR A 136 12.72 -39.11 15.83
CA TYR A 136 12.34 -40.24 14.98
C TYR A 136 11.66 -39.78 13.70
N LEU A 137 10.75 -38.80 13.81
CA LEU A 137 10.09 -38.30 12.61
C LEU A 137 11.12 -37.80 11.61
N GLU A 138 12.04 -36.94 12.08
CA GLU A 138 13.03 -36.33 11.19
C GLU A 138 13.94 -37.39 10.57
N LYS A 139 14.33 -38.40 11.34
CA LYS A 139 15.33 -39.35 10.88
C LYS A 139 14.77 -40.50 10.07
N TYR A 140 13.51 -40.90 10.29
CA TYR A 140 12.94 -42.04 9.59
C TYR A 140 11.67 -41.72 8.83
N PHE A 141 10.70 -41.03 9.43
CA PHE A 141 9.37 -41.03 8.85
C PHE A 141 9.31 -40.25 7.55
N ILE A 142 10.05 -39.14 7.47
CA ILE A 142 10.00 -38.28 6.30
C ILE A 142 10.79 -38.84 5.12
N ARG A 143 11.69 -39.81 5.35
CA ARG A 143 12.43 -40.40 4.26
C ARG A 143 11.56 -41.37 3.45
N ASN A 144 10.82 -42.23 4.15
CA ASN A 144 10.07 -43.31 3.48
C ASN A 144 8.85 -43.63 4.33
N PRO A 145 7.75 -42.90 4.13
CA PRO A 145 6.56 -43.12 4.97
C PRO A 145 5.90 -44.48 4.77
N ASN A 146 6.46 -45.35 3.94
CA ASN A 146 5.91 -46.70 3.81
C ASN A 146 6.73 -47.70 4.63
N VAL A 147 8.04 -47.75 4.42
CA VAL A 147 8.90 -48.62 5.21
C VAL A 147 8.84 -48.27 6.69
N TYR A 148 8.84 -46.98 7.01
CA TYR A 148 8.78 -46.50 8.38
C TYR A 148 7.33 -46.10 8.68
N LEU A 149 6.74 -46.74 9.69
CA LEU A 149 5.35 -46.52 10.03
C LEU A 149 5.19 -45.30 10.94
N GLU A 150 3.92 -44.94 11.19
CA GLU A 150 3.63 -43.77 12.00
C GLU A 150 3.97 -44.04 13.47
N PRO A 151 4.41 -43.02 14.21
CA PRO A 151 4.65 -43.21 15.65
C PRO A 151 3.47 -42.80 16.51
N ARG A 152 3.58 -43.04 17.82
CA ARG A 152 2.66 -42.48 18.80
C ARG A 152 3.46 -41.97 19.98
N CYS A 153 3.01 -40.87 20.57
CA CYS A 153 3.64 -40.27 21.75
C CYS A 153 2.58 -40.06 22.81
N VAL A 154 2.80 -40.58 24.01
CA VAL A 154 1.86 -40.50 25.11
C VAL A 154 2.60 -40.01 26.35
N THR A 155 2.10 -38.92 26.95
CA THR A 155 2.75 -38.32 28.11
C THR A 155 1.73 -38.14 29.22
N PHE A 156 2.24 -38.09 30.46
CA PHE A 156 1.40 -37.99 31.66
C PHE A 156 1.91 -36.84 32.53
N GLY A 157 1.25 -35.70 32.46
CA GLY A 157 1.64 -34.54 33.28
C GLY A 157 3.02 -34.00 32.99
N ALA A 158 3.39 -33.85 31.70
CA ALA A 158 4.71 -33.39 31.33
C ALA A 158 4.78 -31.87 31.28
N PRO A 159 5.95 -31.28 31.53
CA PRO A 159 6.12 -29.84 31.31
C PRO A 159 6.22 -29.49 29.83
N LEU A 160 6.05 -28.21 29.55
CA LEU A 160 6.16 -27.72 28.17
C LEU A 160 7.60 -27.80 27.68
N VAL A 161 7.78 -27.85 26.37
CA VAL A 161 9.06 -28.22 25.78
C VAL A 161 9.57 -27.17 24.80
N GLY A 162 8.74 -26.78 23.83
CA GLY A 162 9.13 -25.89 22.77
C GLY A 162 8.38 -24.57 22.77
N ASP A 163 8.75 -23.71 21.83
CA ASP A 163 8.14 -22.40 21.65
C ASP A 163 7.08 -22.45 20.55
N SER A 164 6.64 -21.27 20.10
CA SER A 164 5.53 -21.21 19.16
C SER A 164 5.93 -21.65 17.76
N ILE A 165 7.20 -21.44 17.37
CA ILE A 165 7.65 -21.94 16.07
C ILE A 165 7.67 -23.46 16.07
N PHE A 166 8.00 -24.07 17.20
CA PHE A 166 7.95 -25.52 17.34
C PHE A 166 6.55 -26.05 17.01
N SER A 167 5.53 -25.44 17.61
CA SER A 167 4.15 -25.85 17.37
C SER A 167 3.72 -25.55 15.93
N HIS A 168 4.13 -24.41 15.39
CA HIS A 168 3.80 -24.07 14.02
C HIS A 168 4.36 -25.11 13.05
N ALA A 169 5.62 -25.49 13.26
CA ALA A 169 6.26 -26.47 12.38
C ALA A 169 5.61 -27.83 12.50
N LEU A 170 5.22 -28.23 13.71
CA LEU A 170 4.48 -29.50 13.85
C LEU A 170 3.16 -29.43 13.09
N GLY A 171 2.48 -28.28 13.14
CA GLY A 171 1.22 -28.14 12.42
C GLY A 171 1.37 -28.17 10.92
N ARG A 172 2.44 -27.56 10.40
CA ARG A 172 2.63 -27.50 8.95
C ARG A 172 2.93 -28.86 8.35
N GLU A 173 3.69 -29.69 9.07
CA GLU A 173 4.07 -31.01 8.59
C GLU A 173 2.98 -32.05 8.79
N LYS A 174 1.88 -31.70 9.45
CA LYS A 174 0.79 -32.63 9.74
C LYS A 174 1.24 -33.74 10.69
N TRP A 175 2.08 -33.37 11.67
CA TRP A 175 2.57 -34.30 12.66
C TRP A 175 1.92 -34.12 14.02
N SER A 176 1.14 -33.06 14.22
CA SER A 176 0.55 -32.82 15.54
C SER A 176 -0.37 -33.94 15.96
N ARG A 177 -0.94 -34.67 15.00
CA ARG A 177 -1.91 -35.72 15.30
C ARG A 177 -1.30 -36.90 16.03
N PHE A 178 0.03 -37.01 16.06
CA PHE A 178 0.69 -38.14 16.72
C PHE A 178 0.85 -37.98 18.22
N PHE A 179 0.68 -36.76 18.76
CA PHE A 179 1.00 -36.46 20.15
C PHE A 179 -0.28 -36.38 20.99
N VAL A 180 -0.22 -36.91 22.20
CA VAL A 180 -1.33 -36.84 23.15
C VAL A 180 -0.77 -36.58 24.54
N ASN A 181 -1.34 -35.61 25.24
CA ASN A 181 -0.85 -35.17 26.55
C ASN A 181 -2.00 -35.23 27.55
N PHE A 182 -1.81 -35.97 28.64
CA PHE A 182 -2.79 -36.06 29.71
C PHE A 182 -2.41 -35.11 30.83
N VAL A 183 -3.36 -34.29 31.27
CA VAL A 183 -3.15 -33.32 32.33
C VAL A 183 -4.30 -33.41 33.32
N SER A 184 -3.99 -33.56 34.60
CA SER A 184 -4.99 -33.40 35.64
C SER A 184 -5.31 -31.92 35.84
N ARG A 185 -6.50 -31.64 36.36
CA ARG A 185 -6.99 -30.27 36.38
C ARG A 185 -6.06 -29.35 37.17
N PHE A 186 -5.62 -29.78 38.35
CA PHE A 186 -4.86 -28.92 39.24
C PHE A 186 -3.36 -29.21 39.22
N ASP A 187 -2.89 -30.08 38.32
CA ASP A 187 -1.47 -30.45 38.31
C ASP A 187 -0.60 -29.25 37.96
N ILE A 188 0.53 -29.11 38.66
CA ILE A 188 1.35 -27.90 38.61
C ILE A 188 2.51 -28.03 37.64
N VAL A 189 3.01 -29.25 37.43
CA VAL A 189 4.20 -29.43 36.60
C VAL A 189 3.98 -28.91 35.19
N PRO A 190 2.83 -29.10 34.55
CA PRO A 190 2.62 -28.48 33.23
C PRO A 190 2.69 -26.96 33.24
N ARG A 191 2.49 -26.31 34.38
CA ARG A 191 2.50 -24.85 34.47
C ARG A 191 3.86 -24.28 34.88
N ILE A 192 4.78 -25.10 35.39
CA ILE A 192 5.98 -24.57 36.05
C ILE A 192 6.80 -23.70 35.10
N MET A 193 6.95 -24.11 33.86
CA MET A 193 7.93 -23.48 32.99
C MET A 193 7.37 -22.25 32.27
N LEU A 194 6.22 -21.73 32.70
CA LEU A 194 5.75 -20.41 32.29
C LEU A 194 6.25 -19.32 33.21
N ALA A 195 7.11 -19.65 34.17
CA ALA A 195 7.61 -18.72 35.17
C ALA A 195 9.08 -18.40 34.92
N ARG A 196 9.49 -17.21 35.34
CA ARG A 196 10.88 -16.82 35.22
C ARG A 196 11.73 -17.57 36.23
N LYS A 197 13.00 -17.80 35.87
CA LYS A 197 13.90 -18.54 36.75
C LYS A 197 14.07 -17.83 38.08
N ALA A 198 14.23 -16.51 38.06
CA ALA A 198 14.44 -15.76 39.29
C ALA A 198 13.23 -15.75 40.19
N SER A 199 12.05 -16.09 39.66
CA SER A 199 10.84 -16.12 40.49
C SER A 199 10.80 -17.35 41.38
N VAL A 200 11.33 -18.47 40.92
CA VAL A 200 11.20 -19.75 41.60
C VAL A 200 12.56 -20.34 41.96
N GLU A 201 13.63 -19.55 41.94
CA GLU A 201 14.95 -20.09 42.21
C GLU A 201 15.08 -20.58 43.65
N GLU A 202 14.48 -19.84 44.59
CA GLU A 202 14.70 -20.13 46.01
C GLU A 202 13.91 -21.33 46.48
N THR A 203 12.75 -21.59 45.89
CA THR A 203 11.83 -22.61 46.37
C THR A 203 11.74 -23.84 45.47
N LEU A 204 12.33 -23.80 44.28
CA LEU A 204 12.19 -24.91 43.34
C LEU A 204 12.74 -26.23 43.88
N PRO A 205 13.91 -26.28 44.51
CA PRO A 205 14.43 -27.58 44.97
C PRO A 205 13.54 -28.31 45.95
N HIS A 206 12.95 -27.61 46.91
CA HIS A 206 12.12 -28.26 47.91
C HIS A 206 10.85 -28.82 47.29
N VAL A 207 10.25 -28.07 46.36
CA VAL A 207 9.05 -28.56 45.69
C VAL A 207 9.39 -29.75 44.79
N LEU A 208 10.54 -29.72 44.13
CA LEU A 208 10.95 -30.87 43.32
C LEU A 208 11.18 -32.10 44.20
N ALA A 209 11.71 -31.89 45.40
CA ALA A 209 11.81 -33.01 46.35
C ALA A 209 10.43 -33.54 46.72
N GLN A 210 9.48 -32.65 46.98
CA GLN A 210 8.13 -33.10 47.30
C GLN A 210 7.49 -33.86 46.15
N LEU A 211 7.74 -33.44 44.91
CA LEU A 211 7.09 -34.04 43.76
C LEU A 211 7.62 -35.42 43.42
N ASP A 212 8.87 -35.71 43.78
CA ASP A 212 9.45 -37.02 43.55
C ASP A 212 8.61 -38.10 44.20
N PRO A 213 8.06 -39.06 43.44
CA PRO A 213 7.25 -40.12 44.06
C PRO A 213 8.03 -41.04 44.96
N ARG A 214 9.36 -41.09 44.83
CA ARG A 214 10.19 -41.96 45.67
C ARG A 214 10.54 -41.34 47.00
N LYS A 215 10.79 -40.03 47.06
CA LYS A 215 11.12 -39.37 48.32
C LYS A 215 9.85 -39.16 49.12
N SER A 216 9.86 -39.62 50.38
CA SER A 216 8.77 -39.38 51.30
C SER A 216 9.23 -38.94 52.68
N SER A 217 10.51 -38.63 52.86
CA SER A 217 11.07 -38.27 54.16
C SER A 217 11.28 -36.77 54.33
N VAL A 218 10.90 -35.95 53.36
CA VAL A 218 11.11 -34.51 53.42
C VAL A 218 9.87 -33.86 54.00
N GLN A 219 10.07 -32.74 54.71
CA GLN A 219 8.94 -31.99 55.24
C GLN A 219 8.20 -31.29 54.11
N GLU A 220 6.88 -31.12 54.29
CA GLU A 220 6.01 -30.49 53.31
C GLU A 220 5.62 -29.07 53.73
N SER A 221 6.55 -28.31 54.29
CA SER A 221 6.24 -26.99 54.84
C SER A 221 5.28 -26.23 53.94
N GLU A 222 4.12 -25.89 54.50
CA GLU A 222 3.06 -25.27 53.71
C GLU A 222 3.48 -23.91 53.17
N GLN A 223 4.33 -23.18 53.90
CA GLN A 223 4.72 -21.84 53.47
C GLN A 223 5.41 -21.86 52.12
N ARG A 224 6.41 -22.74 51.96
CA ARG A 224 7.15 -22.80 50.71
C ARG A 224 6.26 -23.26 49.55
N ILE A 225 5.37 -24.20 49.80
CA ILE A 225 4.49 -24.68 48.74
C ILE A 225 3.56 -23.57 48.28
N THR A 226 2.95 -22.85 49.23
CA THR A 226 2.07 -21.74 48.89
C THR A 226 2.83 -20.66 48.12
N GLU A 227 4.05 -20.35 48.55
CA GLU A 227 4.84 -19.34 47.86
C GLU A 227 5.13 -19.76 46.42
N PHE A 228 5.58 -21.00 46.23
CA PHE A 228 5.86 -21.51 44.89
C PHE A 228 4.63 -21.40 44.00
N TYR A 229 3.48 -21.85 44.50
CA TYR A 229 2.26 -21.82 43.71
C TYR A 229 1.90 -20.39 43.32
N THR A 230 1.96 -19.47 44.28
CA THR A 230 1.57 -18.09 44.02
C THR A 230 2.46 -17.46 42.95
N ARG A 231 3.77 -17.67 43.04
CA ARG A 231 4.66 -17.06 42.07
C ARG A 231 4.45 -17.64 40.67
N VAL A 232 4.27 -18.96 40.58
CA VAL A 232 4.04 -19.59 39.28
C VAL A 232 2.76 -19.03 38.65
N MET A 233 1.69 -18.92 39.45
CA MET A 233 0.43 -18.45 38.89
C MET A 233 0.48 -16.97 38.51
N ARG A 234 1.25 -16.15 39.24
CA ARG A 234 1.38 -14.75 38.86
C ARG A 234 2.05 -14.61 37.49
N ASP A 235 3.17 -15.31 37.29
CA ASP A 235 3.80 -15.25 35.98
C ASP A 235 2.89 -15.81 34.89
N THR A 236 2.14 -16.87 35.20
CA THR A 236 1.22 -17.43 34.23
C THR A 236 0.16 -16.41 33.81
N SER A 237 -0.41 -15.68 34.77
CA SER A 237 -1.43 -14.68 34.43
C SER A 237 -0.85 -13.62 33.50
N THR A 238 0.36 -13.15 33.80
CA THR A 238 0.97 -12.18 32.90
C THR A 238 1.06 -12.72 31.47
N VAL A 239 1.58 -13.95 31.35
CA VAL A 239 1.79 -14.53 30.01
C VAL A 239 0.47 -14.67 29.27
N ALA A 240 -0.56 -15.19 29.95
CA ALA A 240 -1.84 -15.44 29.30
C ALA A 240 -2.50 -14.14 28.85
N ASN A 241 -2.47 -13.11 29.70
CA ASN A 241 -3.06 -11.83 29.33
C ASN A 241 -2.38 -11.26 28.09
N GLN A 242 -1.05 -11.23 28.09
CA GLN A 242 -0.36 -10.68 26.92
C GLN A 242 -0.66 -11.49 25.66
N ALA A 243 -0.72 -12.81 25.78
CA ALA A 243 -0.94 -13.66 24.60
C ALA A 243 -2.31 -13.43 23.98
N VAL A 244 -3.36 -13.39 24.81
CA VAL A 244 -4.68 -13.17 24.26
C VAL A 244 -4.80 -11.76 23.70
N CYS A 245 -4.18 -10.77 24.34
CA CYS A 245 -4.21 -9.42 23.78
C CYS A 245 -3.51 -9.37 22.43
N GLU A 246 -2.44 -10.16 22.27
CA GLU A 246 -1.68 -10.13 21.03
C GLU A 246 -2.42 -10.82 19.89
N LEU A 247 -3.05 -11.97 20.15
CA LEU A 247 -3.60 -12.74 19.04
C LEU A 247 -4.79 -12.06 18.38
N THR A 248 -5.48 -11.16 19.07
CA THR A 248 -6.63 -10.46 18.50
C THR A 248 -6.26 -9.11 17.88
N GLY A 249 -4.99 -8.70 17.92
CA GLY A 249 -4.60 -7.43 17.34
C GLY A 249 -5.29 -6.23 17.99
N SER A 250 -5.28 -6.16 19.31
CA SER A 250 -6.12 -5.21 20.03
C SER A 250 -5.44 -3.85 20.21
N ALA A 251 -4.23 -3.84 20.76
CA ALA A 251 -3.58 -2.61 21.25
C ALA A 251 -2.12 -2.57 20.80
N GLU A 252 -1.90 -2.70 19.49
CA GLU A 252 -0.57 -2.95 18.95
C GLU A 252 0.48 -1.97 19.49
N ALA A 253 0.20 -0.67 19.40
CA ALA A 253 1.24 0.31 19.75
C ALA A 253 1.56 0.28 21.23
N PHE A 254 0.53 0.22 22.08
CA PHE A 254 0.75 0.13 23.51
C PHE A 254 1.48 -1.17 23.86
N LEU A 255 1.12 -2.26 23.20
CA LEU A 255 1.78 -3.53 23.47
C LEU A 255 3.25 -3.48 23.08
N GLU A 256 3.60 -2.78 22.00
CA GLU A 256 5.01 -2.71 21.60
C GLU A 256 5.81 -1.84 22.57
N THR A 257 5.27 -0.67 22.91
CA THR A 257 5.91 0.20 23.88
C THR A 257 6.14 -0.54 25.20
N LEU A 258 5.16 -1.34 25.62
CA LEU A 258 5.30 -2.08 26.88
C LEU A 258 6.23 -3.27 26.72
N SER A 259 6.22 -3.91 25.56
CA SER A 259 7.06 -5.08 25.33
C SER A 259 8.52 -4.74 25.52
N SER A 260 8.92 -3.54 25.13
CA SER A 260 10.32 -3.17 25.36
C SER A 260 10.76 -3.42 26.82
N PHE A 261 9.82 -3.43 27.78
CA PHE A 261 10.15 -3.43 29.20
C PHE A 261 9.95 -4.78 29.90
N LEU A 262 9.48 -5.83 29.21
CA LEU A 262 9.06 -7.05 29.89
C LEU A 262 9.90 -8.25 29.47
N GLU A 263 9.78 -9.32 30.25
CA GLU A 263 10.38 -10.63 29.96
C GLU A 263 9.32 -11.69 30.18
N LEU A 264 8.92 -12.35 29.10
CA LEU A 264 7.81 -13.29 29.11
C LEU A 264 8.27 -14.65 28.60
N SER A 265 7.62 -15.70 29.09
CA SER A 265 8.06 -17.05 28.79
C SER A 265 7.76 -17.40 27.33
N PRO A 266 8.66 -18.11 26.63
CA PRO A 266 8.41 -18.42 25.22
C PRO A 266 7.76 -19.79 24.96
N TYR A 267 7.45 -20.57 26.00
CA TYR A 267 7.01 -21.94 25.80
C TYR A 267 5.51 -22.02 25.54
N ARG A 268 5.13 -22.92 24.66
CA ARG A 268 3.74 -23.07 24.23
C ARG A 268 3.37 -24.55 24.14
N PRO A 269 2.09 -24.88 24.27
CA PRO A 269 1.67 -26.28 24.11
C PRO A 269 1.86 -26.79 22.69
N ALA A 270 2.09 -28.10 22.58
CA ALA A 270 2.27 -28.76 21.30
C ALA A 270 1.56 -30.11 21.32
N GLY A 271 0.67 -30.32 20.34
CA GLY A 271 -0.12 -31.54 20.27
C GLY A 271 -1.47 -31.42 20.93
N THR A 272 -2.14 -32.55 21.05
CA THR A 272 -3.46 -32.59 21.66
C THR A 272 -3.37 -32.76 23.17
N PHE A 273 -4.08 -31.92 23.89
CA PHE A 273 -4.14 -31.96 25.35
C PHE A 273 -5.48 -32.51 25.79
N VAL A 274 -5.46 -33.41 26.78
CA VAL A 274 -6.68 -34.00 27.31
C VAL A 274 -6.75 -33.66 28.79
N PHE A 275 -7.72 -32.85 29.16
CA PHE A 275 -7.96 -32.47 30.55
C PHE A 275 -8.90 -33.48 31.20
N SER A 276 -8.60 -33.87 32.43
CA SER A 276 -9.38 -34.88 33.13
C SER A 276 -9.90 -34.34 34.44
N THR A 277 -11.17 -34.63 34.72
CA THR A 277 -11.75 -34.40 36.04
C THR A 277 -12.38 -35.70 36.53
N GLU A 278 -13.14 -35.62 37.63
CA GLU A 278 -13.74 -36.84 38.17
C GLU A 278 -14.98 -37.25 37.40
N LYS A 279 -15.39 -36.48 36.40
CA LYS A 279 -16.59 -36.77 35.62
C LYS A 279 -16.40 -36.71 34.12
N ARG A 280 -15.34 -36.06 33.63
CA ARG A 280 -15.24 -35.73 32.21
C ARG A 280 -13.82 -35.90 31.70
N LEU A 281 -13.71 -36.11 30.38
CA LEU A 281 -12.46 -36.01 29.64
C LEU A 281 -12.69 -35.06 28.48
N VAL A 282 -11.91 -33.99 28.42
CA VAL A 282 -12.04 -32.96 27.41
C VAL A 282 -10.75 -32.90 26.60
N ALA A 283 -10.89 -32.96 25.27
CA ALA A 283 -9.76 -32.92 24.36
C ALA A 283 -9.76 -31.60 23.60
N VAL A 284 -8.56 -31.05 23.40
CA VAL A 284 -8.39 -29.74 22.76
C VAL A 284 -7.19 -29.83 21.82
N ASN A 285 -7.29 -29.15 20.68
CA ASN A 285 -6.23 -29.13 19.68
C ASN A 285 -5.58 -27.77 19.50
N ASN A 286 -6.25 -26.69 19.90
CA ASN A 286 -5.78 -25.34 19.64
C ASN A 286 -4.82 -24.90 20.74
N SER A 287 -3.61 -24.51 20.35
CA SER A 287 -2.55 -24.21 21.31
C SER A 287 -2.92 -23.04 22.21
N ASP A 288 -3.44 -21.96 21.62
CA ASP A 288 -3.74 -20.76 22.39
C ASP A 288 -4.89 -20.98 23.37
N ALA A 289 -5.91 -21.72 22.94
CA ALA A 289 -7.00 -22.05 23.85
C ALA A 289 -6.49 -22.89 25.01
N ILE A 290 -5.53 -23.77 24.75
CA ILE A 290 -4.95 -24.58 25.83
C ILE A 290 -4.17 -23.70 26.79
N LEU A 291 -3.46 -22.69 26.30
CA LEU A 291 -2.77 -21.76 27.20
C LEU A 291 -3.76 -21.03 28.11
N GLN A 292 -4.84 -20.50 27.52
CA GLN A 292 -5.85 -19.84 28.33
C GLN A 292 -6.46 -20.79 29.35
N MET A 293 -6.72 -22.03 28.96
CA MET A 293 -7.30 -23.00 29.87
C MET A 293 -6.33 -23.38 31.00
N LEU A 294 -5.04 -23.50 30.67
CA LEU A 294 -4.05 -23.78 31.69
C LEU A 294 -4.04 -22.69 32.75
N PHE A 295 -4.28 -21.44 32.35
CA PHE A 295 -4.40 -20.41 33.37
C PHE A 295 -5.72 -20.50 34.13
N TYR A 296 -6.84 -20.64 33.42
CA TYR A 296 -8.14 -20.40 34.05
C TYR A 296 -8.73 -21.61 34.76
N THR A 297 -8.24 -22.83 34.52
CA THR A 297 -8.80 -23.99 35.21
C THR A 297 -8.25 -24.16 36.61
N SER A 298 -7.28 -23.34 37.02
CA SER A 298 -6.59 -23.51 38.29
C SER A 298 -7.00 -22.48 39.34
N GLN A 299 -7.96 -21.61 39.03
CA GLN A 299 -8.35 -20.55 39.94
C GLN A 299 -9.30 -21.07 41.02
N ALA A 300 -9.32 -20.36 42.15
CA ALA A 300 -10.19 -20.72 43.26
C ALA A 300 -11.54 -20.00 43.16
N SER A 301 -12.56 -20.62 43.73
CA SER A 301 -13.91 -20.08 43.68
C SER A 301 -14.44 -19.60 45.02
N ASP A 302 -13.82 -19.97 46.13
CA ASP A 302 -14.18 -19.45 47.44
C ASP A 302 -12.91 -19.27 48.26
N GLU A 303 -13.07 -18.72 49.47
CA GLU A 303 -11.98 -18.69 50.42
C GLU A 303 -11.70 -20.07 50.99
N GLN A 304 -12.69 -20.96 50.95
CA GLN A 304 -12.46 -22.34 51.41
C GLN A 304 -11.65 -23.12 50.39
N GLU A 305 -11.89 -22.89 49.10
CA GLU A 305 -11.11 -23.56 48.07
C GLU A 305 -9.65 -23.14 48.13
N TRP A 306 -9.39 -21.85 48.36
CA TRP A 306 -8.02 -21.36 48.34
C TRP A 306 -7.15 -22.01 49.40
N SER A 307 -7.75 -22.59 50.44
CA SER A 307 -6.98 -23.19 51.52
C SER A 307 -6.57 -24.62 51.23
N LEU A 308 -6.92 -25.17 50.07
CA LEU A 308 -6.60 -26.54 49.73
C LEU A 308 -5.90 -26.70 48.38
N ILE A 309 -5.77 -25.64 47.60
CA ILE A 309 -5.34 -25.76 46.21
C ILE A 309 -3.83 -25.93 46.10
N PRO A 310 -3.02 -25.19 46.87
CA PRO A 310 -1.57 -25.38 46.76
C PRO A 310 -1.11 -26.81 47.00
N PHE A 311 -1.72 -27.50 47.96
CA PHE A 311 -1.38 -28.90 48.23
C PHE A 311 -2.01 -29.84 47.21
N ARG A 312 -3.22 -29.51 46.74
CA ARG A 312 -3.87 -30.32 45.72
C ARG A 312 -3.05 -30.35 44.44
N SER A 313 -2.41 -29.23 44.09
CA SER A 313 -1.65 -29.17 42.86
C SER A 313 -0.45 -30.10 42.89
N ILE A 314 0.10 -30.37 44.08
CA ILE A 314 1.18 -31.34 44.20
C ILE A 314 0.63 -32.75 44.27
N ARG A 315 -0.49 -32.94 44.99
CA ARG A 315 -1.06 -34.27 45.11
C ARG A 315 -1.59 -34.80 43.79
N ASP A 316 -1.91 -33.92 42.85
CA ASP A 316 -2.50 -34.33 41.58
C ASP A 316 -1.47 -34.75 40.54
N HIS A 317 -0.17 -34.59 40.82
CA HIS A 317 0.84 -35.16 39.94
C HIS A 317 0.98 -36.66 40.10
N HIS A 318 0.35 -37.25 41.12
CA HIS A 318 0.43 -38.67 41.41
C HIS A 318 -0.94 -39.34 41.30
N SER A 319 -1.74 -38.92 40.32
CA SER A 319 -3.13 -39.39 40.23
C SER A 319 -3.46 -39.91 38.84
N TYR A 320 -2.45 -40.35 38.08
CA TYR A 320 -2.71 -40.83 36.73
C TYR A 320 -3.02 -42.32 36.69
N GLU A 321 -2.63 -43.08 37.70
CA GLU A 321 -3.05 -44.47 37.81
C GLU A 321 -4.57 -44.57 37.91
N GLU A 322 -5.16 -43.72 38.76
CA GLU A 322 -6.61 -43.70 38.90
C GLU A 322 -7.28 -43.25 37.62
N LEU A 323 -6.70 -42.26 36.95
CA LEU A 323 -7.24 -41.79 35.68
C LEU A 323 -7.27 -42.92 34.66
N VAL A 324 -6.18 -43.68 34.56
CA VAL A 324 -6.14 -44.77 33.59
C VAL A 324 -7.13 -45.86 33.98
N GLN A 325 -7.23 -46.18 35.27
CA GLN A 325 -8.15 -47.24 35.69
C GLN A 325 -9.61 -46.86 35.48
N SER A 326 -9.95 -45.58 35.58
CA SER A 326 -11.34 -45.13 35.50
C SER A 326 -11.67 -44.43 34.18
N MET A 327 -10.77 -44.46 33.20
CA MET A 327 -11.00 -43.77 31.93
C MET A 327 -12.37 -44.11 31.33
N GLY A 328 -12.72 -45.39 31.31
CA GLY A 328 -13.88 -45.83 30.53
C GLY A 328 -15.22 -45.34 31.04
N LYS A 329 -15.30 -44.83 32.27
CA LYS A 329 -16.58 -44.44 32.84
C LYS A 329 -16.97 -43.00 32.50
N LYS A 330 -16.00 -42.12 32.26
CA LYS A 330 -16.25 -40.69 32.19
C LYS A 330 -16.87 -40.29 30.86
N LEU A 331 -17.31 -39.04 30.79
CA LEU A 331 -17.82 -38.45 29.56
C LEU A 331 -16.68 -37.92 28.70
N PHE A 332 -16.93 -37.84 27.39
CA PHE A 332 -15.95 -37.34 26.45
C PHE A 332 -16.55 -36.23 25.60
N ASN A 333 -15.82 -35.12 25.49
CA ASN A 333 -16.17 -34.02 24.62
C ASN A 333 -14.94 -33.58 23.86
N HIS A 334 -15.15 -33.10 22.64
CA HIS A 334 -14.11 -32.45 21.85
C HIS A 334 -14.48 -30.97 21.79
N LEU A 335 -13.60 -30.11 22.31
CA LEU A 335 -13.97 -28.70 22.48
C LEU A 335 -14.05 -27.98 21.14
N ASP A 336 -13.06 -28.17 20.27
CA ASP A 336 -13.02 -27.43 19.02
C ASP A 336 -14.26 -27.67 18.16
N GLY A 337 -14.82 -28.87 18.22
CA GLY A 337 -15.93 -29.25 17.36
C GLY A 337 -17.30 -29.20 18.01
N GLU A 338 -17.46 -28.52 19.14
CA GLU A 338 -18.75 -28.43 19.82
C GLU A 338 -19.36 -27.05 19.61
N ASN A 339 -20.66 -27.04 19.29
CA ASN A 339 -21.34 -25.77 19.04
C ASN A 339 -21.35 -24.89 20.28
N SER A 340 -21.73 -25.45 21.43
CA SER A 340 -21.79 -24.71 22.69
C SER A 340 -20.77 -25.30 23.65
N ILE A 341 -19.93 -24.43 24.20
CA ILE A 341 -18.88 -24.85 25.12
C ILE A 341 -19.14 -24.39 26.55
N GLU A 342 -20.27 -23.73 26.81
CA GLU A 342 -20.49 -23.14 28.12
C GLU A 342 -20.55 -24.19 29.23
N SER A 343 -21.28 -25.29 28.99
CA SER A 343 -21.47 -26.27 30.05
C SER A 343 -20.17 -27.01 30.36
N THR A 344 -19.45 -27.42 29.32
CA THR A 344 -18.19 -28.12 29.52
C THR A 344 -17.22 -27.28 30.35
N LEU A 345 -17.05 -26.01 29.96
CA LEU A 345 -16.13 -25.14 30.69
C LEU A 345 -16.66 -24.78 32.07
N ASN A 346 -17.99 -24.80 32.26
CA ASN A 346 -18.53 -24.65 33.60
C ASN A 346 -18.06 -25.79 34.50
N ASP A 347 -18.17 -27.03 34.01
CA ASP A 347 -17.74 -28.16 34.83
C ASP A 347 -16.23 -28.16 35.09
N LEU A 348 -15.46 -27.49 34.26
CA LEU A 348 -14.01 -27.42 34.43
C LEU A 348 -13.57 -26.26 35.32
N GLY A 349 -14.50 -25.45 35.80
CA GLY A 349 -14.15 -24.37 36.71
C GLY A 349 -13.70 -23.08 36.06
N VAL A 350 -14.21 -22.78 34.86
CA VAL A 350 -13.85 -21.56 34.13
C VAL A 350 -14.98 -20.57 34.29
N SER A 351 -14.63 -19.32 34.60
CA SER A 351 -15.62 -18.27 34.82
C SER A 351 -16.00 -17.61 33.50
N THR A 352 -16.84 -16.57 33.60
CA THR A 352 -17.36 -15.91 32.41
C THR A 352 -16.25 -15.25 31.59
N ARG A 353 -15.31 -14.58 32.27
CA ARG A 353 -14.27 -13.84 31.57
C ARG A 353 -13.29 -14.77 30.86
N GLY A 354 -12.82 -15.80 31.56
CA GLY A 354 -11.97 -16.79 30.92
C GLY A 354 -12.69 -17.47 29.77
N ARG A 355 -14.00 -17.64 29.89
CA ARG A 355 -14.78 -18.21 28.79
C ARG A 355 -14.76 -17.28 27.58
N GLN A 356 -14.86 -15.97 27.81
CA GLN A 356 -14.71 -15.02 26.71
C GLN A 356 -13.37 -15.21 26.00
N TYR A 357 -12.30 -15.35 26.77
CA TYR A 357 -10.97 -15.39 26.14
C TYR A 357 -10.72 -16.71 25.43
N VAL A 358 -11.23 -17.82 25.96
CA VAL A 358 -11.13 -19.09 25.26
C VAL A 358 -11.94 -19.05 23.96
N GLN A 359 -13.14 -18.44 24.02
CA GLN A 359 -13.92 -18.27 22.80
C GLN A 359 -13.15 -17.47 21.75
N ALA A 360 -12.49 -16.39 22.17
CA ALA A 360 -11.71 -15.61 21.22
C ALA A 360 -10.60 -16.44 20.60
N ALA A 361 -9.94 -17.27 21.41
CA ALA A 361 -8.87 -18.12 20.88
C ALA A 361 -9.38 -19.04 19.78
N LEU A 362 -10.57 -19.62 19.95
CA LEU A 362 -11.12 -20.49 18.91
C LEU A 362 -11.57 -19.69 17.68
N GLU A 363 -12.18 -18.53 17.91
CA GLU A 363 -12.68 -17.73 16.80
C GLU A 363 -11.57 -17.27 15.89
N GLU A 364 -10.37 -17.04 16.43
CA GLU A 364 -9.26 -16.60 15.58
C GLU A 364 -8.91 -17.66 14.54
N GLU A 365 -8.93 -18.94 14.93
CA GLU A 365 -8.67 -20.01 13.97
C GLU A 365 -9.77 -20.09 12.92
N LYS A 366 -11.03 -19.94 13.35
CA LYS A 366 -12.10 -19.90 12.35
C LYS A 366 -11.87 -18.79 11.33
N LYS A 367 -11.45 -17.61 11.81
CA LYS A 367 -11.14 -16.50 10.91
C LYS A 367 -10.03 -16.85 9.93
N ARG A 368 -8.99 -17.52 10.41
CA ARG A 368 -7.90 -17.91 9.50
C ARG A 368 -8.41 -18.81 8.39
N VAL A 369 -9.28 -19.77 8.73
CA VAL A 369 -9.81 -20.65 7.69
C VAL A 369 -10.61 -19.85 6.66
N GLU A 370 -11.43 -18.90 7.12
CA GLU A 370 -12.20 -18.11 6.16
C GLU A 370 -11.28 -17.28 5.25
N ASN A 371 -10.19 -16.74 5.82
CA ASN A 371 -9.23 -16.01 4.99
C ASN A 371 -8.65 -16.91 3.91
N GLN A 372 -8.30 -18.15 4.26
CA GLN A 372 -7.74 -19.07 3.27
C GLN A 372 -8.75 -19.35 2.17
N LYS A 373 -10.02 -19.55 2.53
CA LYS A 373 -11.02 -19.81 1.51
C LYS A 373 -11.15 -18.63 0.54
N LYS A 374 -11.12 -17.40 1.07
CA LYS A 374 -11.17 -16.24 0.21
C LYS A 374 -9.97 -16.19 -0.74
N ILE A 375 -8.78 -16.49 -0.23
CA ILE A 375 -7.59 -16.46 -1.08
C ILE A 375 -7.70 -17.48 -2.21
N ILE A 376 -8.14 -18.70 -1.89
CA ILE A 376 -8.24 -19.74 -2.91
C ILE A 376 -9.25 -19.33 -3.97
N GLN A 377 -10.41 -18.81 -3.54
CA GLN A 377 -11.41 -18.35 -4.49
C GLN A 377 -10.81 -17.31 -5.44
N VAL A 378 -10.00 -16.38 -4.90
CA VAL A 378 -9.39 -15.38 -5.77
C VAL A 378 -8.46 -16.03 -6.79
N ILE A 379 -7.56 -16.91 -6.33
CA ILE A 379 -6.51 -17.40 -7.23
C ILE A 379 -6.97 -18.51 -8.15
N GLU A 380 -8.21 -18.98 -8.05
CA GLU A 380 -8.73 -19.96 -8.99
C GLU A 380 -9.47 -19.35 -10.18
N GLN A 381 -9.57 -18.03 -10.26
CA GLN A 381 -10.35 -17.38 -11.31
C GLN A 381 -9.63 -17.40 -12.65
N GLU A 382 -10.40 -17.49 -13.73
CA GLU A 382 -9.83 -17.60 -15.07
C GLU A 382 -9.20 -16.28 -15.52
N ARG A 383 -9.80 -15.15 -15.13
CA ARG A 383 -9.22 -13.87 -15.49
C ARG A 383 -7.84 -13.69 -14.87
N PHE A 384 -7.62 -14.22 -13.66
CA PHE A 384 -6.31 -14.19 -13.05
C PHE A 384 -5.32 -15.06 -13.82
N LEU A 385 -5.71 -16.28 -14.18
CA LEU A 385 -4.80 -17.20 -14.83
C LEU A 385 -4.48 -16.80 -16.26
N LYS A 386 -5.35 -16.03 -16.89
CA LYS A 386 -5.11 -15.64 -18.27
C LYS A 386 -3.92 -14.70 -18.41
N LYS A 387 -3.55 -13.98 -17.35
CA LYS A 387 -2.37 -13.12 -17.44
C LYS A 387 -1.08 -13.93 -17.56
N LEU A 388 -0.92 -14.93 -16.68
CA LEU A 388 0.20 -15.85 -16.81
C LEU A 388 0.16 -16.57 -18.15
N ALA A 389 -1.03 -16.97 -18.58
CA ALA A 389 -1.15 -17.64 -19.88
C ALA A 389 -0.70 -16.73 -21.02
N TRP A 390 -1.06 -15.44 -20.95
CA TRP A 390 -0.66 -14.51 -22.00
C TRP A 390 0.85 -14.35 -22.04
N ILE A 391 1.47 -14.15 -20.88
CA ILE A 391 2.94 -14.04 -20.85
C ILE A 391 3.56 -15.31 -21.39
N GLU A 392 2.98 -16.47 -21.09
CA GLU A 392 3.54 -17.73 -21.53
C GLU A 392 3.42 -17.93 -23.03
N ASP A 393 2.29 -17.55 -23.62
CA ASP A 393 1.94 -17.98 -24.97
C ASP A 393 2.06 -16.89 -26.03
N GLU A 394 2.10 -15.61 -25.68
CA GLU A 394 2.11 -14.54 -26.67
C GLU A 394 3.39 -13.71 -26.62
N TYR A 395 3.73 -13.17 -25.45
CA TYR A 395 4.86 -12.25 -25.37
C TYR A 395 6.17 -12.96 -25.64
N LYS A 396 6.37 -14.12 -25.04
CA LYS A 396 7.64 -14.84 -25.20
C LYS A 396 7.87 -15.30 -26.63
N PRO A 397 6.94 -15.98 -27.29
CA PRO A 397 7.18 -16.37 -28.69
C PRO A 397 7.42 -15.20 -29.62
N LYS A 398 6.71 -14.09 -29.43
CA LYS A 398 6.90 -12.93 -30.28
C LYS A 398 8.30 -12.34 -30.10
N CYS A 399 8.76 -12.22 -28.85
CA CYS A 399 10.10 -11.71 -28.61
C CYS A 399 11.18 -12.68 -29.08
N GLN A 400 10.85 -13.97 -29.14
CA GLN A 400 11.78 -14.93 -29.74
C GLN A 400 11.84 -14.78 -31.26
N ALA A 401 10.70 -14.50 -31.89
CA ALA A 401 10.68 -14.28 -33.33
C ALA A 401 11.39 -13.00 -33.74
N HIS A 402 11.63 -12.08 -32.81
CA HIS A 402 12.43 -10.90 -33.07
C HIS A 402 13.92 -11.15 -32.90
N LYS A 403 14.31 -12.32 -32.38
CA LYS A 403 15.69 -12.74 -32.25
C LYS A 403 16.46 -11.94 -31.19
N ASN A 404 15.79 -11.46 -30.16
CA ASN A 404 16.45 -10.77 -29.06
C ASN A 404 16.01 -11.25 -27.69
N GLY A 405 14.83 -11.84 -27.57
CA GLY A 405 14.37 -12.36 -26.29
C GLY A 405 13.57 -11.35 -25.51
N TYR A 406 12.69 -11.87 -24.64
CA TYR A 406 11.74 -11.01 -23.94
C TYR A 406 12.38 -10.26 -22.79
N TYR A 407 13.49 -10.74 -22.22
CA TYR A 407 14.23 -9.95 -21.23
C TYR A 407 14.76 -8.67 -21.87
N ASP A 408 15.46 -8.79 -22.99
CA ASP A 408 16.01 -7.62 -23.67
C ASP A 408 14.91 -6.71 -24.21
N SER A 409 13.84 -7.30 -24.75
CA SER A 409 12.70 -6.50 -25.20
C SER A 409 12.15 -5.65 -24.06
N PHE A 410 11.83 -6.28 -22.93
CA PHE A 410 11.32 -5.52 -21.80
C PHE A 410 12.33 -4.47 -21.35
N LYS A 411 13.61 -4.75 -21.51
CA LYS A 411 14.63 -3.84 -21.01
C LYS A 411 14.77 -2.58 -21.90
N VAL A 412 14.56 -2.70 -23.20
CA VAL A 412 14.97 -1.63 -24.12
C VAL A 412 13.85 -1.13 -25.03
N SER A 413 12.68 -1.77 -25.08
CA SER A 413 11.71 -1.48 -26.13
C SER A 413 10.52 -0.68 -25.58
N ASN A 414 9.83 0.01 -26.50
CA ASN A 414 8.76 0.94 -26.17
C ASN A 414 7.43 0.59 -26.84
N GLU A 415 7.28 -0.64 -27.31
CA GLU A 415 6.11 -1.02 -28.09
C GLU A 415 4.91 -1.27 -27.18
N GLU A 416 3.76 -1.53 -27.83
CA GLU A 416 2.52 -1.77 -27.10
C GLU A 416 2.61 -3.02 -26.24
N ASN A 417 3.26 -4.07 -26.76
CA ASN A 417 3.37 -5.32 -26.02
C ASN A 417 4.17 -5.15 -24.73
N ASP A 418 5.23 -4.35 -24.77
CA ASP A 418 6.01 -4.10 -23.56
C ASP A 418 5.20 -3.37 -22.51
N PHE A 419 4.39 -2.39 -22.92
CA PHE A 419 3.52 -1.69 -21.99
C PHE A 419 2.51 -2.65 -21.36
N LYS A 420 1.93 -3.53 -22.16
CA LYS A 420 0.99 -4.53 -21.65
C LYS A 420 1.66 -5.46 -20.65
N ALA A 421 2.88 -5.92 -20.96
CA ALA A 421 3.62 -6.78 -20.05
C ALA A 421 3.92 -6.07 -18.73
N ASN A 422 4.26 -4.78 -18.79
CA ASN A 422 4.51 -4.02 -17.57
C ASN A 422 3.26 -3.92 -16.70
N VAL A 423 2.11 -3.65 -17.33
CA VAL A 423 0.85 -3.56 -16.60
C VAL A 423 0.55 -4.88 -15.91
N LYS A 424 0.73 -6.00 -16.62
CA LYS A 424 0.39 -7.30 -16.04
C LYS A 424 1.38 -7.70 -14.94
N ARG A 425 2.65 -7.34 -15.09
CA ARG A 425 3.62 -7.55 -14.02
C ARG A 425 3.16 -6.87 -12.73
N ALA A 426 2.75 -5.60 -12.83
CA ALA A 426 2.27 -4.90 -11.64
C ALA A 426 1.03 -5.57 -11.05
N GLU A 427 0.10 -5.98 -11.92
CA GLU A 427 -1.13 -6.60 -11.45
C GLU A 427 -0.85 -7.88 -10.66
N LEU A 428 0.08 -8.72 -11.15
CA LEU A 428 0.39 -9.96 -10.45
C LEU A 428 1.15 -9.69 -9.15
N ALA A 429 2.04 -8.70 -9.16
CA ALA A 429 2.74 -8.33 -7.93
C ALA A 429 1.76 -7.95 -6.85
N GLY A 430 0.65 -7.30 -7.21
CA GLY A 430 -0.34 -6.94 -6.20
C GLY A 430 -0.90 -8.14 -5.46
N VAL A 431 -1.32 -9.16 -6.21
CA VAL A 431 -1.92 -10.35 -5.60
C VAL A 431 -0.92 -11.07 -4.71
N PHE A 432 0.29 -11.27 -5.22
CA PHE A 432 1.25 -12.05 -4.45
C PHE A 432 1.74 -11.28 -3.23
N ASP A 433 1.82 -9.95 -3.31
CA ASP A 433 2.22 -9.18 -2.13
C ASP A 433 1.09 -9.12 -1.10
N GLU A 434 -0.17 -9.17 -1.54
CA GLU A 434 -1.25 -9.28 -0.55
C GLU A 434 -1.15 -10.59 0.22
N VAL A 435 -0.88 -11.69 -0.50
CA VAL A 435 -0.74 -12.97 0.21
C VAL A 435 0.44 -12.94 1.17
N LEU A 436 1.57 -12.36 0.74
CA LEU A 436 2.72 -12.24 1.63
C LEU A 436 2.39 -11.41 2.86
N GLY A 437 1.66 -10.31 2.68
CA GLY A 437 1.30 -9.48 3.82
C GLY A 437 0.41 -10.20 4.81
N LEU A 438 -0.52 -11.01 4.32
CA LEU A 438 -1.34 -11.81 5.23
C LEU A 438 -0.49 -12.85 5.96
N MET A 439 0.45 -13.47 5.25
CA MET A 439 1.28 -14.50 5.86
C MET A 439 2.15 -13.94 6.99
N LYS A 440 2.77 -12.77 6.76
CA LYS A 440 3.70 -12.23 7.75
C LYS A 440 3.02 -11.88 9.07
N LYS A 441 1.70 -11.78 9.10
CA LYS A 441 0.97 -11.42 10.31
C LYS A 441 0.25 -12.59 10.95
N CYS A 442 0.47 -13.81 10.45
CA CYS A 442 -0.13 -15.02 11.03
C CYS A 442 -1.66 -15.00 10.94
N GLN A 443 -2.15 -14.60 9.76
CA GLN A 443 -3.59 -14.55 9.50
C GLN A 443 -4.07 -15.75 8.69
N LEU A 444 -3.20 -16.72 8.42
CA LEU A 444 -3.50 -17.89 7.63
C LEU A 444 -3.18 -19.13 8.45
N PRO A 445 -3.72 -20.29 8.08
CA PRO A 445 -3.44 -21.52 8.83
C PRO A 445 -1.98 -21.94 8.71
N ASP A 446 -1.57 -22.82 9.65
CA ASP A 446 -0.18 -23.27 9.68
C ASP A 446 0.19 -24.08 8.44
N GLU A 447 -0.79 -24.64 7.76
CA GLU A 447 -0.51 -25.59 6.68
C GLU A 447 -0.45 -24.92 5.31
N PHE A 448 -0.58 -23.59 5.23
CA PHE A 448 -0.63 -22.92 3.94
C PHE A 448 0.67 -23.07 3.17
N GLU A 449 1.81 -22.96 3.85
CA GLU A 449 3.11 -22.98 3.18
C GLU A 449 3.51 -24.38 2.70
N GLY A 450 2.76 -25.42 3.07
CA GLY A 450 2.99 -26.75 2.58
C GLY A 450 2.03 -27.23 1.52
N ASP A 451 1.00 -26.46 1.20
CA ASP A 451 -0.01 -26.88 0.22
C ASP A 451 0.61 -26.96 -1.17
N ILE A 452 0.38 -28.10 -1.84
CA ILE A 452 1.10 -28.37 -3.09
C ILE A 452 0.61 -27.48 -4.23
N ASP A 453 -0.69 -27.21 -4.29
CA ASP A 453 -1.20 -26.35 -5.35
C ASP A 453 -0.60 -24.94 -5.26
N TRP A 454 -0.53 -24.39 -4.05
CA TRP A 454 0.07 -23.08 -3.87
C TRP A 454 1.54 -23.09 -4.27
N ILE A 455 2.27 -24.14 -3.91
CA ILE A 455 3.68 -24.24 -4.27
C ILE A 455 3.83 -24.26 -5.78
N LYS A 456 3.01 -25.05 -6.48
CA LYS A 456 3.12 -25.15 -7.93
C LYS A 456 2.84 -23.80 -8.58
N LEU A 457 1.77 -23.13 -8.15
CA LEU A 457 1.43 -21.83 -8.73
C LEU A 457 2.53 -20.80 -8.49
N ALA A 458 3.08 -20.77 -7.27
CA ALA A 458 4.11 -19.79 -6.95
C ALA A 458 5.41 -20.07 -7.69
N THR A 459 5.75 -21.34 -7.88
CA THR A 459 6.94 -21.67 -8.67
C THR A 459 6.76 -21.22 -10.11
N ARG A 460 5.58 -21.46 -10.68
CA ARG A 460 5.33 -21.04 -12.05
C ARG A 460 5.43 -19.51 -12.17
N TYR A 461 4.82 -18.79 -11.23
CA TYR A 461 4.88 -17.33 -11.25
C TYR A 461 6.31 -16.83 -11.14
N ARG A 462 7.10 -17.39 -10.21
CA ARG A 462 8.47 -16.92 -10.04
C ARG A 462 9.29 -17.15 -11.29
N ARG A 463 9.28 -18.39 -11.80
CA ARG A 463 10.07 -18.73 -12.99
C ARG A 463 9.67 -17.87 -14.18
N LEU A 464 8.40 -17.47 -14.25
CA LEU A 464 7.96 -16.70 -15.41
C LEU A 464 8.29 -15.21 -15.28
N VAL A 465 8.12 -14.63 -14.09
CA VAL A 465 8.05 -13.18 -13.98
C VAL A 465 9.25 -12.54 -13.29
N GLU A 466 10.06 -13.28 -12.52
CA GLU A 466 11.19 -12.61 -11.86
C GLU A 466 12.15 -11.98 -12.84
N PRO A 467 12.49 -12.59 -13.99
CA PRO A 467 13.38 -11.91 -14.94
C PRO A 467 12.89 -10.53 -15.37
N LEU A 468 11.58 -10.33 -15.49
CA LEU A 468 11.06 -9.02 -15.85
C LEU A 468 11.24 -8.00 -14.73
N ASP A 469 11.16 -8.43 -13.48
CA ASP A 469 11.47 -7.52 -12.37
C ASP A 469 12.94 -7.15 -12.32
N ILE A 470 13.82 -8.10 -12.64
CA ILE A 470 15.24 -7.76 -12.72
C ILE A 470 15.49 -6.77 -13.86
N ALA A 471 14.83 -6.97 -15.00
CA ALA A 471 14.95 -6.03 -16.11
C ALA A 471 14.42 -4.66 -15.71
N ASN A 472 13.32 -4.61 -14.99
CA ASN A 472 12.77 -3.34 -14.53
C ASN A 472 13.73 -2.62 -13.59
N TYR A 473 14.37 -3.38 -12.69
CA TYR A 473 15.34 -2.80 -11.77
C TYR A 473 16.52 -2.20 -12.52
N HIS A 474 17.00 -2.87 -13.57
CA HIS A 474 18.20 -2.37 -14.25
C HIS A 474 17.90 -1.34 -15.34
N ARG A 475 16.67 -1.31 -15.86
CA ARG A 475 16.33 -0.33 -16.88
C ARG A 475 16.32 1.08 -16.31
N HIS A 476 15.92 1.22 -15.05
CA HIS A 476 15.81 2.51 -14.39
C HIS A 476 17.04 2.83 -13.53
N LEU A 477 18.15 2.14 -13.75
CA LEU A 477 19.41 2.41 -13.07
C LEU A 477 19.25 2.42 -11.55
N LYS A 478 18.36 1.58 -11.04
CA LYS A 478 18.19 1.45 -9.60
C LYS A 478 19.40 0.78 -8.95
N ASN A 479 20.24 0.10 -9.72
CA ASN A 479 21.43 -0.53 -9.15
C ASN A 479 22.53 0.47 -8.86
N GLU A 480 22.45 1.68 -9.41
CA GLU A 480 23.39 2.74 -9.08
C GLU A 480 22.85 3.67 -7.99
N ASP A 481 21.66 3.38 -7.48
CA ASP A 481 21.04 4.14 -6.40
C ASP A 481 21.18 3.44 -5.05
N THR A 482 20.96 2.12 -5.02
CA THR A 482 20.98 1.35 -3.79
C THR A 482 21.75 0.03 -3.91
N GLY A 483 22.52 -0.16 -4.97
CA GLY A 483 23.43 -1.29 -5.05
C GLY A 483 22.88 -2.47 -5.83
N PRO A 484 23.64 -3.56 -5.84
CA PRO A 484 23.26 -4.72 -6.64
C PRO A 484 21.91 -5.31 -6.25
N TYR A 485 21.27 -5.95 -7.22
CA TYR A 485 19.94 -6.52 -7.01
C TYR A 485 19.96 -7.60 -5.94
N MET A 486 20.95 -8.49 -5.97
CA MET A 486 20.96 -9.64 -5.08
C MET A 486 21.17 -9.23 -3.62
N LYS A 487 21.70 -8.04 -3.37
CA LYS A 487 21.91 -7.60 -1.99
C LYS A 487 20.67 -6.94 -1.41
N ARG A 488 20.14 -5.93 -2.09
CA ARG A 488 19.09 -5.10 -1.52
C ARG A 488 17.86 -4.93 -2.40
N GLY A 489 17.87 -5.41 -3.65
CA GLY A 489 16.77 -5.14 -4.56
C GLY A 489 15.70 -6.21 -4.63
N ARG A 490 16.05 -7.46 -4.33
CA ARG A 490 15.15 -8.59 -4.58
C ARG A 490 13.90 -8.52 -3.71
N PRO A 491 12.69 -8.59 -4.28
CA PRO A 491 11.49 -8.64 -3.44
C PRO A 491 11.41 -9.91 -2.60
N THR A 492 10.68 -9.80 -1.49
CA THR A 492 10.58 -10.91 -0.53
C THR A 492 9.70 -12.04 -1.04
N ARG A 493 8.73 -11.74 -1.91
CA ARG A 493 7.83 -12.77 -2.41
C ARG A 493 8.58 -13.86 -3.18
N TYR A 494 9.56 -13.46 -3.99
CA TYR A 494 10.34 -14.45 -4.73
C TYR A 494 11.18 -15.33 -3.79
N ILE A 495 11.73 -14.73 -2.73
CA ILE A 495 12.48 -15.51 -1.75
C ILE A 495 11.59 -16.54 -1.07
N TYR A 496 10.38 -16.13 -0.68
CA TYR A 496 9.45 -17.07 -0.06
C TYR A 496 9.12 -18.21 -1.02
N ALA A 497 8.84 -17.89 -2.30
CA ALA A 497 8.53 -18.93 -3.26
C ALA A 497 9.69 -19.90 -3.43
N GLN A 498 10.91 -19.38 -3.56
CA GLN A 498 12.07 -20.23 -3.76
C GLN A 498 12.27 -21.17 -2.58
N ARG A 499 12.16 -20.63 -1.36
CA ARG A 499 12.37 -21.47 -0.17
C ARG A 499 11.29 -22.54 -0.04
N GLY A 500 10.03 -22.19 -0.32
CA GLY A 500 8.99 -23.19 -0.27
C GLY A 500 9.22 -24.34 -1.22
N TYR A 501 9.58 -24.01 -2.47
CA TYR A 501 9.83 -25.06 -3.46
C TYR A 501 11.03 -25.91 -3.07
N GLU A 502 12.10 -25.27 -2.59
CA GLU A 502 13.30 -26.03 -2.22
C GLU A 502 13.01 -27.00 -1.09
N HIS A 503 12.31 -26.53 -0.05
CA HIS A 503 11.96 -27.42 1.04
C HIS A 503 11.14 -28.60 0.54
N TYR A 504 10.11 -28.31 -0.27
CA TYR A 504 9.23 -29.38 -0.74
C TYR A 504 10.01 -30.44 -1.51
N ILE A 505 10.92 -30.01 -2.38
CA ILE A 505 11.66 -30.95 -3.20
C ILE A 505 12.70 -31.73 -2.37
N LEU A 506 13.38 -31.07 -1.44
CA LEU A 506 14.57 -31.65 -0.83
C LEU A 506 14.33 -32.37 0.48
N LYS A 507 13.23 -32.12 1.19
CA LYS A 507 13.09 -32.74 2.51
C LYS A 507 13.11 -34.26 2.50
N PRO A 508 12.69 -34.97 1.44
CA PRO A 508 12.71 -36.45 1.50
C PRO A 508 14.09 -37.04 1.65
N ASN A 509 15.16 -36.31 1.29
CA ASN A 509 16.51 -36.86 1.29
C ASN A 509 17.40 -36.30 2.37
N GLY A 510 16.89 -35.41 3.23
CA GLY A 510 17.60 -35.06 4.45
C GLY A 510 18.45 -33.81 4.42
N MET A 511 19.03 -33.47 3.27
CA MET A 511 19.95 -32.35 3.19
C MET A 511 19.25 -31.06 2.80
N ILE A 512 19.86 -29.94 3.18
CA ILE A 512 19.29 -28.62 2.94
C ILE A 512 19.98 -27.99 1.74
N ALA A 513 19.39 -26.91 1.23
CA ALA A 513 19.80 -26.36 -0.06
C ALA A 513 21.21 -25.77 -0.02
N GLU A 514 21.59 -25.17 1.11
CA GLU A 514 22.91 -24.53 1.19
C GLU A 514 24.03 -25.54 1.07
N ASP A 515 23.92 -26.68 1.77
CA ASP A 515 24.95 -27.71 1.65
C ASP A 515 24.97 -28.32 0.26
N VAL A 516 23.80 -28.45 -0.38
CA VAL A 516 23.76 -28.94 -1.74
C VAL A 516 24.54 -28.01 -2.66
N PHE A 517 24.32 -26.70 -2.52
CA PHE A 517 25.02 -25.73 -3.35
C PHE A 517 26.52 -25.75 -3.08
N TRP A 518 26.92 -25.84 -1.81
CA TRP A 518 28.35 -25.83 -1.49
C TRP A 518 29.04 -27.11 -1.97
N ASN A 519 28.37 -28.26 -1.88
CA ASN A 519 28.95 -29.48 -2.44
C ASN A 519 29.09 -29.39 -3.95
N LYS A 520 28.08 -28.83 -4.62
CA LYS A 520 28.17 -28.69 -6.06
C LYS A 520 29.28 -27.74 -6.46
N VAL A 521 29.52 -26.69 -5.66
CA VAL A 521 30.63 -25.79 -5.94
C VAL A 521 31.97 -26.50 -5.72
N ASN A 522 32.10 -27.21 -4.61
CA ASN A 522 33.33 -27.96 -4.37
C ASN A 522 33.60 -28.94 -5.49
N GLY A 523 32.56 -29.49 -6.11
CA GLY A 523 32.74 -30.45 -7.17
C GLY A 523 33.29 -29.91 -8.47
N LEU A 524 33.36 -28.58 -8.64
CA LEU A 524 33.85 -27.98 -9.88
C LEU A 524 35.37 -27.91 -9.95
N ASN A 525 36.06 -28.07 -8.84
CA ASN A 525 37.53 -28.06 -8.82
C ASN A 525 38.09 -26.75 -9.36
N LEU A 526 37.78 -25.67 -8.64
CA LEU A 526 38.31 -24.36 -8.94
C LEU A 526 39.70 -24.13 -8.35
N GLY A 527 40.13 -24.99 -7.42
CA GLY A 527 41.41 -24.80 -6.75
C GLY A 527 41.38 -23.70 -5.71
N LEU A 528 40.58 -23.89 -4.66
CA LEU A 528 40.47 -22.90 -3.60
C LEU A 528 39.95 -23.58 -2.34
N GLN A 529 40.22 -22.96 -1.20
CA GLN A 529 39.72 -23.42 0.08
C GLN A 529 38.29 -22.95 0.27
N LEU A 530 37.59 -23.59 1.22
CA LEU A 530 36.17 -23.31 1.41
C LEU A 530 35.93 -21.86 1.83
N GLU A 531 36.79 -21.32 2.69
CA GLU A 531 36.56 -19.96 3.19
C GLU A 531 36.73 -18.93 2.09
N GLU A 532 37.78 -19.08 1.27
CA GLU A 532 37.98 -18.15 0.17
C GLU A 532 36.80 -18.17 -0.80
N ILE A 533 36.32 -19.36 -1.14
CA ILE A 533 35.18 -19.46 -2.05
C ILE A 533 33.94 -18.83 -1.40
N GLN A 534 33.71 -19.10 -0.12
CA GLN A 534 32.55 -18.55 0.56
C GLN A 534 32.61 -17.02 0.57
N GLU A 535 33.81 -16.45 0.65
CA GLU A 535 33.93 -15.00 0.60
C GLU A 535 33.74 -14.46 -0.81
N THR A 536 34.24 -15.19 -1.82
CA THR A 536 34.13 -14.73 -3.20
C THR A 536 32.71 -14.83 -3.71
N LEU A 537 31.95 -15.82 -3.25
CA LEU A 537 30.59 -16.07 -3.72
C LEU A 537 29.56 -15.61 -2.72
N LYS A 538 29.78 -14.46 -2.09
CA LYS A 538 28.80 -13.86 -1.19
C LYS A 538 27.81 -13.02 -1.99
N ASN A 539 26.53 -13.16 -1.66
CA ASN A 539 25.45 -12.44 -2.34
C ASN A 539 25.53 -12.65 -3.85
N SER A 540 25.81 -13.88 -4.24
CA SER A 540 25.91 -14.27 -5.64
C SER A 540 24.55 -14.68 -6.19
N GLY A 541 24.42 -14.58 -7.51
CA GLY A 541 23.21 -14.96 -8.20
C GLY A 541 23.17 -16.40 -8.67
N SER A 542 24.13 -17.22 -8.27
CA SER A 542 24.18 -18.61 -8.72
C SER A 542 23.44 -19.56 -7.78
N GLU A 543 22.83 -19.07 -6.70
CA GLU A 543 22.05 -19.94 -5.83
C GLU A 543 20.68 -20.28 -6.42
N CYS A 544 20.08 -19.37 -7.20
CA CYS A 544 18.75 -19.57 -7.76
C CYS A 544 18.83 -19.44 -9.27
N GLY A 545 18.03 -20.24 -9.97
CA GLY A 545 18.04 -20.22 -11.42
C GLY A 545 17.31 -19.04 -12.01
N SER A 546 16.43 -18.42 -11.24
CA SER A 546 15.69 -17.25 -11.71
C SER A 546 16.43 -15.94 -11.45
N CYS A 547 17.64 -15.97 -10.87
CA CYS A 547 18.50 -14.80 -10.71
C CYS A 547 19.68 -14.82 -11.68
N PHE A 548 19.52 -15.57 -12.77
CA PHE A 548 20.56 -15.68 -13.78
C PHE A 548 20.89 -14.31 -14.39
N TRP A 549 19.86 -13.51 -14.68
CA TRP A 549 20.08 -12.21 -15.30
C TRP A 549 20.72 -11.23 -14.34
N ALA A 550 20.38 -11.30 -13.05
CA ALA A 550 21.06 -10.46 -12.07
C ALA A 550 22.55 -10.78 -12.03
N GLU A 551 22.88 -12.07 -12.02
CA GLU A 551 24.29 -12.46 -12.04
C GLU A 551 24.98 -11.96 -13.31
N VAL A 552 24.30 -12.08 -14.46
CA VAL A 552 24.90 -11.65 -15.72
C VAL A 552 25.13 -10.15 -15.73
N GLU A 553 24.16 -9.38 -15.22
CA GLU A 553 24.33 -7.93 -15.14
C GLU A 553 25.53 -7.58 -14.26
N GLU A 554 25.70 -8.31 -13.15
CA GLU A 554 26.78 -7.99 -12.24
C GLU A 554 28.15 -8.32 -12.84
N LEU A 555 28.28 -9.45 -13.54
CA LEU A 555 29.59 -9.81 -14.06
C LEU A 555 29.93 -9.11 -15.36
N LYS A 556 28.95 -8.50 -16.02
CA LYS A 556 29.17 -7.89 -17.32
C LYS A 556 30.02 -6.62 -17.20
N GLY A 557 30.97 -6.47 -18.12
CA GLY A 557 31.80 -5.29 -18.20
C GLY A 557 33.05 -5.29 -17.35
N LYS A 558 33.26 -6.31 -16.52
CA LYS A 558 34.46 -6.36 -15.70
C LYS A 558 35.54 -7.21 -16.37
N PRO A 559 36.81 -6.98 -16.05
CA PRO A 559 37.87 -7.82 -16.63
C PRO A 559 37.80 -9.25 -16.12
N TYR A 560 38.25 -10.17 -16.98
CA TYR A 560 38.11 -11.60 -16.69
C TYR A 560 38.92 -12.00 -15.45
N GLU A 561 40.12 -11.44 -15.31
CA GLU A 561 41.00 -11.85 -14.21
C GLU A 561 40.35 -11.59 -12.85
N GLU A 562 39.37 -10.70 -12.81
CA GLU A 562 38.71 -10.38 -11.55
C GLU A 562 37.48 -11.22 -11.27
N VAL A 563 36.91 -11.87 -12.29
CA VAL A 563 35.62 -12.54 -12.16
C VAL A 563 35.70 -13.97 -12.68
N GLU A 564 36.93 -14.50 -12.77
CA GLU A 564 37.12 -15.87 -13.26
C GLU A 564 36.23 -16.87 -12.52
N VAL A 565 36.28 -16.85 -11.19
CA VAL A 565 35.60 -17.87 -10.40
C VAL A 565 34.09 -17.77 -10.52
N ARG A 566 33.53 -16.57 -10.52
CA ARG A 566 32.09 -16.42 -10.68
C ARG A 566 31.61 -16.83 -12.07
N VAL A 567 32.39 -16.50 -13.11
CA VAL A 567 32.04 -16.97 -14.44
C VAL A 567 32.01 -18.48 -14.49
N LYS A 568 33.03 -19.13 -13.91
CA LYS A 568 33.09 -20.59 -13.92
C LYS A 568 31.93 -21.21 -13.14
N THR A 569 31.59 -20.66 -11.98
CA THR A 569 30.47 -21.19 -11.21
C THR A 569 29.17 -21.09 -11.99
N LEU A 570 28.91 -19.94 -12.62
CA LEU A 570 27.66 -19.76 -13.36
C LEU A 570 27.59 -20.76 -14.52
N GLU A 571 28.67 -20.86 -15.29
CA GLU A 571 28.68 -21.81 -16.40
C GLU A 571 28.50 -23.23 -15.90
N GLY A 572 28.99 -23.55 -14.70
CA GLY A 572 28.81 -24.88 -14.15
C GLY A 572 27.37 -25.19 -13.81
N MET A 573 26.66 -24.23 -13.23
CA MET A 573 25.26 -24.46 -12.85
C MET A 573 24.28 -24.38 -14.03
N LEU A 574 24.68 -23.79 -15.16
CA LEU A 574 23.72 -23.51 -16.22
C LEU A 574 23.05 -24.77 -16.77
N GLY A 575 23.81 -25.85 -16.96
CA GLY A 575 23.24 -27.04 -17.59
C GLY A 575 22.13 -27.67 -16.76
N GLU A 576 22.37 -27.83 -15.46
CA GLU A 576 21.32 -28.33 -14.59
C GLU A 576 20.15 -27.37 -14.55
N TRP A 577 20.41 -26.05 -14.59
CA TRP A 577 19.30 -25.11 -14.63
C TRP A 577 18.43 -25.33 -15.85
N ILE A 578 19.06 -25.56 -17.01
CA ILE A 578 18.29 -25.78 -18.23
C ILE A 578 17.49 -27.08 -18.15
N THR A 579 18.07 -28.13 -17.56
CA THR A 579 17.35 -29.41 -17.52
C THR A 579 16.06 -29.32 -16.71
N ASP A 580 16.07 -28.61 -15.58
CA ASP A 580 14.90 -28.54 -14.72
C ASP A 580 13.87 -27.50 -15.16
N GLY A 581 14.15 -26.72 -16.19
CA GLY A 581 13.22 -25.69 -16.63
C GLY A 581 13.28 -24.40 -15.86
N GLU A 582 14.33 -24.18 -15.07
CA GLU A 582 14.50 -22.91 -14.36
C GLU A 582 14.92 -21.80 -15.32
N VAL A 583 15.62 -22.17 -16.40
CA VAL A 583 16.09 -21.25 -17.42
C VAL A 583 15.64 -21.78 -18.77
N ASP A 584 15.16 -20.89 -19.63
CA ASP A 584 14.68 -21.26 -20.96
C ASP A 584 15.83 -21.20 -21.94
N ASP A 585 16.10 -22.33 -22.60
CA ASP A 585 17.21 -22.44 -23.53
C ASP A 585 16.85 -21.96 -24.93
N LYS A 586 15.61 -21.54 -25.16
CA LYS A 586 15.21 -20.89 -26.39
C LYS A 586 15.35 -19.38 -26.33
N GLU A 587 15.85 -18.84 -25.23
CA GLU A 587 15.90 -17.39 -24.99
C GLU A 587 17.31 -16.84 -24.92
N ILE A 588 18.23 -17.53 -24.24
CA ILE A 588 19.46 -16.90 -23.78
C ILE A 588 20.62 -17.00 -24.77
N PHE A 589 20.54 -17.88 -25.77
CA PHE A 589 21.59 -18.01 -26.77
C PHE A 589 21.27 -17.27 -28.06
N LEU A 590 20.20 -16.47 -28.06
CA LEU A 590 19.80 -15.76 -29.26
C LEU A 590 20.87 -14.75 -29.69
N GLU A 591 20.71 -14.23 -30.90
CA GLU A 591 21.73 -13.37 -31.50
C GLU A 591 21.78 -12.02 -30.83
N GLY A 592 20.62 -11.51 -30.40
CA GLY A 592 20.55 -10.20 -29.77
C GLY A 592 20.43 -10.25 -28.26
N SER A 593 20.82 -11.38 -27.66
CA SER A 593 20.77 -11.54 -26.22
C SER A 593 21.96 -10.84 -25.58
N THR A 594 21.76 -10.36 -24.35
CA THR A 594 22.85 -9.74 -23.60
C THR A 594 23.90 -10.77 -23.21
N PHE A 595 23.46 -11.96 -22.79
CA PHE A 595 24.38 -13.00 -22.35
C PHE A 595 25.28 -13.43 -23.49
N ARG A 596 24.72 -13.65 -24.68
CA ARG A 596 25.55 -14.10 -25.80
C ARG A 596 26.54 -13.01 -26.22
N LYS A 597 26.07 -11.76 -26.28
CA LYS A 597 26.93 -10.66 -26.69
C LYS A 597 28.09 -10.47 -25.72
N TRP A 598 27.85 -10.63 -24.42
CA TRP A 598 28.96 -10.58 -23.47
C TRP A 598 29.86 -11.80 -23.59
N TRP A 599 29.29 -13.00 -23.67
CA TRP A 599 30.08 -14.23 -23.63
C TRP A 599 31.01 -14.34 -24.83
N ILE A 600 30.63 -13.80 -25.99
CA ILE A 600 31.49 -13.95 -27.16
C ILE A 600 32.70 -13.01 -27.16
N THR A 601 32.87 -12.21 -26.12
CA THR A 601 34.03 -11.33 -26.00
C THR A 601 35.04 -11.80 -24.97
N LEU A 602 34.80 -12.93 -24.31
CA LEU A 602 35.74 -13.45 -23.35
C LEU A 602 36.96 -14.02 -24.07
N PRO A 603 38.07 -14.20 -23.37
CA PRO A 603 39.28 -14.71 -24.04
C PRO A 603 39.05 -16.08 -24.65
N LYS A 604 39.68 -16.31 -25.80
CA LYS A 604 39.44 -17.55 -26.54
C LYS A 604 39.95 -18.76 -25.78
N ASN A 605 40.94 -18.58 -24.90
CA ASN A 605 41.39 -19.70 -24.07
C ASN A 605 40.26 -20.22 -23.19
N HIS A 606 39.52 -19.30 -22.56
CA HIS A 606 38.36 -19.71 -21.77
C HIS A 606 37.29 -20.35 -22.65
N LYS A 607 37.03 -19.75 -23.81
CA LYS A 607 35.96 -20.24 -24.66
C LYS A 607 36.23 -21.60 -25.24
N SER A 608 37.50 -21.98 -25.42
CA SER A 608 37.82 -23.28 -25.95
C SER A 608 37.37 -24.41 -25.03
N HIS A 609 37.54 -24.25 -23.73
CA HIS A 609 37.25 -25.30 -22.75
C HIS A 609 35.91 -25.09 -22.05
N SER A 610 35.11 -24.13 -22.48
CA SER A 610 33.82 -23.90 -21.83
C SER A 610 32.87 -25.06 -22.12
N PRO A 611 32.03 -25.43 -21.16
CA PRO A 611 31.01 -26.46 -21.44
C PRO A 611 30.03 -26.05 -22.53
N LEU A 612 29.77 -24.76 -22.72
CA LEU A 612 28.74 -24.28 -23.64
C LEU A 612 29.33 -23.84 -24.98
N ARG A 613 30.49 -24.38 -25.35
CA ARG A 613 31.16 -23.91 -26.56
C ARG A 613 30.33 -24.16 -27.81
N ASP A 614 29.52 -25.22 -27.83
CA ASP A 614 28.76 -25.57 -29.02
C ASP A 614 27.40 -24.86 -29.08
N TYR A 615 26.87 -24.42 -27.95
CA TYR A 615 25.59 -23.72 -27.95
C TYR A 615 25.69 -22.39 -28.72
N MET A 616 26.79 -21.67 -28.54
CA MET A 616 26.97 -20.36 -29.13
C MET A 616 27.95 -20.40 -30.29
N CYS B 4 -16.99 -4.31 15.12
CA CYS B 4 -16.15 -4.76 16.21
C CYS B 4 -16.90 -5.72 17.13
N ARG B 5 -16.50 -6.98 17.11
CA ARG B 5 -17.10 -8.03 17.91
C ARG B 5 -16.38 -8.25 19.24
N PHE B 6 -15.35 -7.48 19.55
CA PHE B 6 -14.50 -7.74 20.72
C PHE B 6 -14.23 -6.44 21.45
N GLU B 7 -14.68 -6.36 22.70
CA GLU B 7 -14.32 -5.27 23.58
C GLU B 7 -12.99 -5.58 24.27
N THR B 8 -12.09 -4.60 24.32
CA THR B 8 -10.75 -4.80 24.85
C THR B 8 -10.38 -3.82 25.96
N SER B 9 -11.34 -3.06 26.49
CA SER B 9 -11.00 -2.05 27.49
C SER B 9 -10.60 -2.68 28.82
N GLU B 10 -11.25 -3.79 29.19
CA GLU B 10 -10.91 -4.48 30.42
C GLU B 10 -9.63 -5.30 30.28
N LEU B 11 -9.43 -5.90 29.10
CA LEU B 11 -8.24 -6.71 28.87
C LEU B 11 -6.98 -5.88 28.95
N GLN B 12 -7.02 -4.65 28.43
CA GLN B 12 -5.87 -3.76 28.48
C GLN B 12 -5.48 -3.44 29.92
N ALA B 13 -6.48 -3.13 30.76
CA ALA B 13 -6.20 -2.87 32.16
C ALA B 13 -5.64 -4.10 32.86
N SER B 14 -6.17 -5.29 32.54
CA SER B 14 -5.62 -6.52 33.12
C SER B 14 -4.16 -6.71 32.74
N VAL B 15 -3.84 -6.48 31.46
CA VAL B 15 -2.44 -6.59 31.02
C VAL B 15 -1.56 -5.63 31.82
N MET B 16 -1.98 -4.37 31.94
CA MET B 16 -1.16 -3.40 32.67
C MET B 16 -1.00 -3.79 34.13
N ILE B 17 -2.09 -4.20 34.77
CA ILE B 17 -2.06 -4.49 36.21
C ILE B 17 -1.22 -5.73 36.51
N SER B 18 -1.15 -6.68 35.59
CA SER B 18 -0.44 -7.93 35.87
C SER B 18 1.08 -7.80 35.76
N THR B 19 1.62 -6.67 35.33
CA THR B 19 3.05 -6.51 35.19
C THR B 19 3.70 -6.08 36.49
N PRO B 20 5.03 -6.26 36.63
CA PRO B 20 5.72 -5.78 37.84
C PRO B 20 5.96 -4.28 37.86
N LEU B 21 5.83 -3.59 36.73
CA LEU B 21 5.97 -2.14 36.73
C LEU B 21 4.93 -1.47 37.62
N PHE B 22 3.69 -1.95 37.56
CA PHE B 22 2.63 -1.45 38.42
C PHE B 22 3.09 -1.34 39.88
N THR B 23 3.45 -2.48 40.47
CA THR B 23 3.81 -2.52 41.89
C THR B 23 5.15 -1.84 42.17
N ASP B 24 6.14 -2.00 41.29
CA ASP B 24 7.43 -1.37 41.53
C ASP B 24 7.33 0.16 41.51
N SER B 25 6.57 0.70 40.57
CA SER B 25 6.40 2.14 40.51
C SER B 25 5.62 2.65 41.72
N TRP B 26 4.59 1.92 42.17
CA TRP B 26 3.92 2.37 43.38
C TRP B 26 4.87 2.36 44.57
N SER B 27 5.71 1.33 44.69
CA SER B 27 6.66 1.27 45.78
C SER B 27 7.61 2.46 45.76
N SER B 28 8.13 2.79 44.57
CA SER B 28 9.01 3.95 44.46
C SER B 28 8.29 5.24 44.84
N CYS B 29 7.04 5.41 44.39
CA CYS B 29 6.30 6.61 44.74
C CYS B 29 6.09 6.72 46.25
N ASN B 30 5.76 5.60 46.89
CA ASN B 30 5.55 5.62 48.33
C ASN B 30 6.82 6.00 49.07
N THR B 31 7.95 5.44 48.64
CA THR B 31 9.22 5.81 49.26
C THR B 31 9.53 7.29 49.07
N ALA B 32 9.30 7.81 47.86
CA ALA B 32 9.57 9.22 47.62
C ALA B 32 8.70 10.11 48.49
N ASN B 33 7.42 9.76 48.63
CA ASN B 33 6.56 10.52 49.53
C ASN B 33 7.09 10.47 50.95
N CYS B 34 7.51 9.30 51.41
CA CYS B 34 7.99 9.19 52.79
C CYS B 34 9.24 10.03 53.02
N ASN B 35 10.18 10.02 52.06
CA ASN B 35 11.41 10.78 52.22
C ASN B 35 11.19 12.28 52.09
N GLY B 36 10.46 12.72 51.07
CA GLY B 36 10.34 14.13 50.77
C GLY B 36 11.30 14.63 49.71
N SER B 37 12.00 13.74 49.01
CA SER B 37 12.96 14.12 47.99
C SER B 37 12.92 13.09 46.86
N ILE B 38 13.50 13.46 45.72
CA ILE B 38 13.49 12.60 44.55
C ILE B 38 14.35 11.37 44.82
N LYS B 39 13.84 10.19 44.44
CA LYS B 39 14.54 8.93 44.63
C LYS B 39 14.79 8.26 43.28
N ILE B 40 15.99 7.71 43.12
CA ILE B 40 16.41 7.01 41.91
C ILE B 40 17.09 5.72 42.33
N HIS B 41 16.70 4.61 41.72
CA HIS B 41 17.35 3.33 41.98
C HIS B 41 16.94 2.32 40.92
N ASP B 42 17.64 1.18 40.90
CA ASP B 42 17.37 0.09 39.98
C ASP B 42 16.65 -1.04 40.70
N ILE B 43 15.69 -1.66 40.01
CA ILE B 43 15.03 -2.87 40.48
C ILE B 43 14.97 -3.83 39.30
N ALA B 44 15.75 -4.92 39.38
CA ALA B 44 15.72 -5.99 38.38
C ALA B 44 16.02 -5.46 36.98
N GLY B 45 16.83 -4.42 36.89
CA GLY B 45 17.28 -3.92 35.61
C GLY B 45 16.53 -2.74 35.04
N ILE B 46 15.60 -2.14 35.79
CA ILE B 46 14.84 -0.98 35.36
C ILE B 46 15.02 0.13 36.38
N THR B 47 15.35 1.32 35.91
CA THR B 47 15.54 2.49 36.77
C THR B 47 14.20 3.19 37.00
N TYR B 48 13.90 3.47 38.26
CA TYR B 48 12.67 4.14 38.65
C TYR B 48 13.00 5.52 39.22
N VAL B 49 12.41 6.56 38.64
CA VAL B 49 12.63 7.94 39.06
C VAL B 49 11.33 8.43 39.68
N ALA B 50 11.24 8.36 41.00
CA ALA B 50 10.03 8.76 41.72
C ALA B 50 10.15 10.20 42.17
N ILE B 51 9.07 10.96 42.01
CA ILE B 51 9.04 12.38 42.32
C ILE B 51 7.98 12.61 43.40
N PRO B 52 8.29 13.30 44.49
CA PRO B 52 7.34 13.41 45.60
C PRO B 52 6.25 14.44 45.35
N ALA B 53 5.26 14.41 46.22
CA ALA B 53 4.10 15.29 46.13
C ALA B 53 4.33 16.55 46.95
N VAL B 54 4.28 17.70 46.29
CA VAL B 54 4.49 18.99 46.95
C VAL B 54 3.14 19.48 47.47
N SER B 55 3.09 19.81 48.76
CA SER B 55 1.82 20.04 49.43
C SER B 55 1.06 21.23 48.83
N MET B 56 1.71 22.38 48.73
CA MET B 56 1.02 23.63 48.39
C MET B 56 1.65 24.23 47.14
N ILE B 57 0.87 24.25 46.06
CA ILE B 57 1.18 25.05 44.87
C ILE B 57 -0.16 25.48 44.27
N GLN B 58 -0.17 26.66 43.67
CA GLN B 58 -1.38 27.20 43.06
C GLN B 58 -1.50 26.66 41.64
N LEU B 59 -2.61 25.98 41.37
CA LEU B 59 -2.89 25.42 40.06
C LEU B 59 -4.09 26.12 39.43
N GLY B 60 -4.05 26.25 38.11
CA GLY B 60 -5.15 26.83 37.35
C GLY B 60 -4.74 27.89 36.36
N ASN B 61 -3.46 28.24 36.25
CA ASN B 61 -3.01 29.29 35.34
C ASN B 61 -2.19 28.66 34.23
N LEU B 62 -2.63 28.85 32.99
CA LEU B 62 -1.95 28.28 31.83
C LEU B 62 -1.03 29.31 31.19
N VAL B 63 0.08 28.82 30.64
CA VAL B 63 1.06 29.67 29.97
C VAL B 63 1.69 28.88 28.83
N GLY B 64 2.28 29.61 27.89
CA GLY B 64 2.90 28.98 26.75
C GLY B 64 4.22 28.31 27.09
N LEU B 65 4.60 27.37 26.23
CA LEU B 65 5.84 26.63 26.44
C LEU B 65 7.05 27.55 26.19
N PRO B 66 8.17 27.32 26.87
CA PRO B 66 9.36 28.14 26.61
C PRO B 66 9.81 28.01 25.16
N VAL B 67 10.34 29.10 24.63
CA VAL B 67 10.92 29.13 23.30
C VAL B 67 12.29 29.80 23.29
N THR B 68 12.77 30.29 24.43
CA THR B 68 14.03 31.00 24.53
C THR B 68 14.99 30.40 25.54
N GLY B 69 14.47 29.89 26.67
CA GLY B 69 15.32 29.40 27.74
C GLY B 69 16.10 28.15 27.39
N ASP B 70 16.60 27.47 28.43
CA ASP B 70 17.40 26.27 28.22
C ASP B 70 16.54 25.02 28.08
N VAL B 71 15.26 25.09 28.41
CA VAL B 71 14.34 23.96 28.30
C VAL B 71 13.42 24.20 27.12
N LEU B 72 13.60 23.40 26.06
CA LEU B 72 12.87 23.60 24.83
C LEU B 72 12.28 22.28 24.35
N PHE B 73 11.12 22.38 23.70
CA PHE B 73 10.37 21.23 23.22
C PHE B 73 10.28 21.30 21.71
N PRO B 74 11.41 21.16 21.02
CA PRO B 74 11.39 21.32 19.55
C PRO B 74 10.52 20.30 18.83
N GLY B 75 10.20 19.18 19.47
CA GLY B 75 9.42 18.14 18.83
C GLY B 75 7.92 18.38 18.80
N LEU B 76 7.44 19.44 19.44
CA LEU B 76 6.02 19.72 19.52
C LEU B 76 5.66 20.85 18.56
N SER B 77 4.37 20.95 18.23
CA SER B 77 3.92 21.93 17.25
C SER B 77 4.04 23.35 17.80
N SER B 78 4.59 24.24 16.98
CA SER B 78 4.74 25.65 17.33
C SER B 78 3.76 26.55 16.60
N ASP B 79 2.77 25.96 15.93
CA ASP B 79 1.79 26.74 15.18
C ASP B 79 0.72 27.28 16.13
N GLU B 80 -0.33 27.88 15.57
CA GLU B 80 -1.39 28.50 16.34
C GLU B 80 -2.69 27.74 16.11
N PRO B 81 -3.51 27.52 17.16
CA PRO B 81 -3.35 27.91 18.57
C PRO B 81 -2.20 27.19 19.25
N LEU B 82 -1.57 27.86 20.21
CA LEU B 82 -0.33 27.43 20.84
C LEU B 82 -0.61 26.43 21.96
N PRO B 83 0.19 25.36 22.07
CA PRO B 83 0.11 24.51 23.25
C PRO B 83 0.49 25.29 24.51
N MET B 84 -0.17 24.95 25.62
CA MET B 84 -0.01 25.68 26.86
C MET B 84 -0.03 24.70 28.02
N VAL B 85 0.72 25.03 29.08
CA VAL B 85 0.88 24.18 30.24
C VAL B 85 0.58 25.00 31.49
N ASP B 86 0.61 24.34 32.64
CA ASP B 86 0.38 25.02 33.90
C ASP B 86 1.65 25.74 34.35
N ALA B 87 1.49 26.98 34.80
CA ALA B 87 2.64 27.80 35.15
C ALA B 87 3.38 27.26 36.36
N ALA B 88 2.65 26.76 37.35
CA ALA B 88 3.27 26.30 38.57
C ALA B 88 4.15 25.07 38.31
N ILE B 89 3.74 24.19 37.41
CA ILE B 89 4.53 22.99 37.14
C ILE B 89 5.84 23.37 36.48
N LEU B 90 5.80 24.29 35.52
CA LEU B 90 7.04 24.75 34.90
C LEU B 90 7.93 25.44 35.92
N LYS B 91 7.34 26.26 36.79
CA LYS B 91 8.12 26.93 37.82
C LYS B 91 8.80 25.91 38.73
N LEU B 92 8.06 24.89 39.16
CA LEU B 92 8.64 23.88 40.04
C LEU B 92 9.73 23.09 39.34
N PHE B 93 9.51 22.71 38.08
CA PHE B 93 10.53 21.98 37.34
C PHE B 93 11.81 22.79 37.25
N LEU B 94 11.71 24.08 36.92
CA LEU B 94 12.89 24.93 36.88
C LEU B 94 13.53 25.04 38.26
N GLN B 95 12.71 25.15 39.30
CA GLN B 95 13.22 25.37 40.65
C GLN B 95 14.01 24.17 41.15
N LEU B 96 13.45 22.97 41.04
CA LEU B 96 14.09 21.78 41.57
C LEU B 96 15.29 21.33 40.76
N LYS B 97 15.54 21.95 39.60
CA LYS B 97 16.70 21.65 38.77
C LYS B 97 16.78 20.15 38.49
N ILE B 98 15.64 19.60 38.03
CA ILE B 98 15.59 18.18 37.69
C ILE B 98 16.48 17.87 36.51
N LYS B 99 16.59 18.82 35.57
CA LYS B 99 17.41 18.60 34.38
C LYS B 99 18.84 18.21 34.76
N GLU B 100 19.47 18.97 35.65
CA GLU B 100 20.85 18.71 36.02
C GLU B 100 20.99 17.35 36.69
N GLY B 101 20.07 17.01 37.59
CA GLY B 101 20.15 15.71 38.25
C GLY B 101 20.01 14.56 37.27
N LEU B 102 19.03 14.66 36.38
CA LEU B 102 18.78 13.56 35.46
C LEU B 102 19.88 13.42 34.42
N GLU B 103 20.48 14.53 33.98
CA GLU B 103 21.52 14.47 32.97
C GLU B 103 22.79 13.80 33.49
N LEU B 104 22.89 13.58 34.80
CA LEU B 104 24.02 12.91 35.42
C LEU B 104 23.67 11.53 35.96
N GLU B 105 22.46 11.37 36.50
CA GLU B 105 22.06 10.11 37.12
C GLU B 105 21.66 9.04 36.12
N LEU B 106 21.21 9.42 34.92
CA LEU B 106 20.67 8.48 33.95
C LEU B 106 21.72 8.04 32.93
N LEU B 107 22.99 8.36 33.13
CA LEU B 107 24.01 8.03 32.16
C LEU B 107 24.27 6.53 32.16
N GLY B 108 24.24 5.93 30.97
CA GLY B 108 24.50 4.52 30.82
C GLY B 108 23.31 3.61 31.05
N LYS B 109 22.14 4.15 31.35
CA LYS B 109 20.96 3.35 31.63
C LYS B 109 20.28 2.92 30.34
N LYS B 110 19.44 1.89 30.45
CA LYS B 110 18.75 1.29 29.31
C LYS B 110 17.23 1.46 29.37
N LEU B 111 16.62 1.33 30.54
CA LEU B 111 15.18 1.41 30.70
C LEU B 111 14.87 2.30 31.89
N VAL B 112 14.00 3.29 31.69
CA VAL B 112 13.69 4.29 32.71
C VAL B 112 12.19 4.46 32.80
N VAL B 113 11.67 4.42 34.03
CA VAL B 113 10.27 4.71 34.31
C VAL B 113 10.23 5.91 35.25
N ILE B 114 9.54 6.98 34.83
CA ILE B 114 9.34 8.17 35.64
C ILE B 114 7.94 8.12 36.22
N THR B 115 7.82 8.36 37.52
CA THR B 115 6.55 8.14 38.20
C THR B 115 6.39 9.14 39.33
N GLY B 116 5.15 9.36 39.73
CA GLY B 116 4.87 10.26 40.83
C GLY B 116 3.42 10.12 41.26
N HIS B 117 3.12 10.71 42.41
CA HIS B 117 1.78 10.72 42.98
C HIS B 117 1.28 12.15 43.09
N SER B 118 0.13 12.43 42.47
CA SER B 118 -0.58 13.71 42.61
C SER B 118 0.22 14.80 41.91
N THR B 119 0.56 15.90 42.57
CA THR B 119 1.36 16.94 41.93
C THR B 119 2.71 16.39 41.51
N GLY B 120 3.24 15.42 42.26
CA GLY B 120 4.38 14.67 41.79
C GLY B 120 4.09 13.95 40.49
N GLY B 121 2.86 13.48 40.31
CA GLY B 121 2.49 12.87 39.03
C GLY B 121 2.50 13.86 37.89
N ALA B 122 1.96 15.06 38.12
CA ALA B 122 1.99 16.08 37.07
C ALA B 122 3.42 16.46 36.71
N LEU B 123 4.28 16.64 37.72
CA LEU B 123 5.68 16.93 37.45
C LEU B 123 6.37 15.77 36.71
N ALA B 124 6.04 14.54 37.08
CA ALA B 124 6.63 13.38 36.41
C ALA B 124 6.24 13.33 34.94
N ALA B 125 4.96 13.58 34.63
CA ALA B 125 4.52 13.62 33.24
C ALA B 125 5.22 14.74 32.47
N PHE B 126 5.38 15.90 33.11
CA PHE B 126 6.11 17.00 32.46
C PHE B 126 7.54 16.59 32.14
N THR B 127 8.21 15.93 33.09
CA THR B 127 9.59 15.50 32.86
C THR B 127 9.67 14.48 31.72
N ALA B 128 8.76 13.49 31.73
CA ALA B 128 8.77 12.49 30.67
C ALA B 128 8.55 13.14 29.31
N LEU B 129 7.58 14.07 29.22
CA LEU B 129 7.31 14.75 27.96
C LEU B 129 8.53 15.53 27.50
N TRP B 130 9.23 16.19 28.42
CA TRP B 130 10.45 16.88 28.02
C TRP B 130 11.49 15.90 27.47
N LEU B 131 11.69 14.77 28.16
CA LEU B 131 12.66 13.79 27.70
C LEU B 131 12.33 13.29 26.31
N LEU B 132 11.04 13.09 26.02
CA LEU B 132 10.63 12.53 24.74
C LEU B 132 10.46 13.56 23.63
N SER B 133 10.53 14.86 23.94
CA SER B 133 10.18 15.91 22.99
C SER B 133 11.41 16.52 22.30
N GLN B 134 12.59 15.94 22.46
CA GLN B 134 13.77 16.49 21.83
C GLN B 134 13.83 16.10 20.35
N SER B 135 14.79 16.71 19.64
CA SER B 135 14.97 16.40 18.23
C SER B 135 15.62 15.04 18.04
N SER B 136 16.52 14.66 18.96
CA SER B 136 17.15 13.37 18.94
C SER B 136 16.47 12.45 19.95
N PRO B 137 15.99 11.27 19.56
CA PRO B 137 15.33 10.39 20.52
C PRO B 137 16.29 9.95 21.61
N PRO B 138 15.81 9.75 22.84
CA PRO B 138 16.73 9.44 23.94
C PRO B 138 17.40 8.09 23.73
N SER B 139 18.59 7.96 24.32
CA SER B 139 19.36 6.73 24.18
C SER B 139 18.76 5.56 24.94
N PHE B 140 17.77 5.82 25.81
CA PHE B 140 17.07 4.78 26.54
C PHE B 140 15.58 4.85 26.22
N ARG B 141 14.83 3.87 26.70
CA ARG B 141 13.38 3.89 26.58
C ARG B 141 12.77 4.55 27.80
N VAL B 142 11.58 5.14 27.60
CA VAL B 142 10.91 5.91 28.63
C VAL B 142 9.46 5.45 28.76
N PHE B 143 9.01 5.29 29.99
CA PHE B 143 7.60 5.08 30.29
C PHE B 143 7.24 5.93 31.51
N CYS B 144 5.97 6.33 31.59
CA CYS B 144 5.49 7.20 32.66
C CYS B 144 4.21 6.64 33.26
N ILE B 145 4.16 6.56 34.59
CA ILE B 145 2.99 6.09 35.32
C ILE B 145 2.72 7.07 36.46
N THR B 146 1.48 7.55 36.54
CA THR B 146 1.08 8.49 37.57
C THR B 146 -0.14 7.94 38.32
N PHE B 147 -0.33 8.43 39.55
CA PHE B 147 -1.40 7.96 40.42
C PHE B 147 -2.17 9.17 40.94
N GLY B 148 -3.40 9.34 40.47
CA GLY B 148 -4.26 10.41 40.96
C GLY B 148 -3.71 11.80 40.71
N SER B 149 -3.26 12.05 39.49
CA SER B 149 -2.59 13.29 39.13
C SER B 149 -3.55 14.29 38.50
N PRO B 150 -3.42 15.58 38.78
CA PRO B 150 -4.25 16.58 38.09
C PRO B 150 -3.79 16.81 36.66
N LEU B 151 -4.63 17.51 35.90
CA LEU B 151 -4.39 17.72 34.48
C LEU B 151 -3.27 18.75 34.27
N LEU B 152 -2.61 18.63 33.12
CA LEU B 152 -1.39 19.38 32.83
C LEU B 152 -1.56 20.50 31.81
N GLY B 153 -2.30 20.28 30.73
CA GLY B 153 -2.34 21.26 29.65
C GLY B 153 -3.71 21.48 29.02
N ASN B 154 -3.72 22.07 27.83
CA ASN B 154 -4.94 22.42 27.11
C ASN B 154 -5.08 21.53 25.87
N GLN B 155 -6.11 21.81 25.07
CA GLN B 155 -6.45 20.93 23.96
C GLN B 155 -5.36 20.91 22.89
N SER B 156 -4.71 22.06 22.65
CA SER B 156 -3.66 22.09 21.63
C SER B 156 -2.50 21.20 22.01
N LEU B 157 -2.12 21.20 23.29
CA LEU B 157 -1.03 20.32 23.74
C LEU B 157 -1.40 18.86 23.55
N SER B 158 -2.64 18.49 23.90
CA SER B 158 -3.07 17.10 23.72
C SER B 158 -3.03 16.69 22.26
N THR B 159 -3.57 17.54 21.38
CA THR B 159 -3.56 17.22 19.95
C THR B 159 -2.15 17.14 19.41
N SER B 160 -1.25 18.01 19.88
CA SER B 160 0.13 17.95 19.43
C SER B 160 0.81 16.66 19.87
N ILE B 161 0.57 16.24 21.11
CA ILE B 161 1.17 15.01 21.60
C ILE B 161 0.63 13.81 20.82
N SER B 162 -0.67 13.80 20.56
CA SER B 162 -1.26 12.69 19.81
C SER B 162 -0.74 12.64 18.38
N ARG B 163 -0.59 13.79 17.72
CA ARG B 163 -0.09 13.80 16.35
C ARG B 163 1.37 13.38 16.29
N SER B 164 2.10 13.48 17.40
CA SER B 164 3.51 13.10 17.43
C SER B 164 3.72 11.62 17.73
N ARG B 165 2.64 10.86 17.95
CA ARG B 165 2.73 9.44 18.27
C ARG B 165 3.53 9.22 19.55
N LEU B 166 3.14 9.94 20.61
CA LEU B 166 3.77 9.83 21.91
C LEU B 166 2.79 9.52 23.02
N ALA B 167 1.49 9.44 22.72
CA ALA B 167 0.49 9.30 23.77
C ALA B 167 0.49 7.92 24.41
N HIS B 168 1.14 6.94 23.79
CA HIS B 168 1.15 5.58 24.34
C HIS B 168 2.34 5.32 25.25
N ASN B 169 3.05 6.36 25.67
CA ASN B 169 4.08 6.24 26.69
C ASN B 169 3.59 6.66 28.07
N PHE B 170 2.30 6.96 28.22
CA PHE B 170 1.73 7.48 29.45
C PHE B 170 0.59 6.59 29.92
N CYS B 171 0.42 6.50 31.23
CA CYS B 171 -0.66 5.72 31.83
C CYS B 171 -1.05 6.38 33.14
N HIS B 172 -2.27 6.90 33.21
CA HIS B 172 -2.76 7.61 34.39
C HIS B 172 -3.75 6.74 35.11
N VAL B 173 -3.43 6.37 36.35
CA VAL B 173 -4.28 5.53 37.18
C VAL B 173 -5.18 6.44 38.01
N VAL B 174 -6.49 6.30 37.85
CA VAL B 174 -7.46 7.18 38.48
C VAL B 174 -8.50 6.32 39.19
N SER B 175 -8.76 6.64 40.45
CA SER B 175 -9.84 5.98 41.18
C SER B 175 -11.17 6.67 40.86
N ILE B 176 -12.24 5.87 40.80
CA ILE B 176 -13.55 6.42 40.44
C ILE B 176 -14.11 7.33 41.52
N HIS B 177 -13.52 7.33 42.71
CA HIS B 177 -13.98 8.18 43.81
C HIS B 177 -13.02 9.34 44.08
N ASP B 178 -12.00 9.52 43.27
CA ASP B 178 -11.04 10.61 43.43
C ASP B 178 -11.53 11.83 42.66
N LEU B 179 -11.59 12.97 43.34
CA LEU B 179 -12.06 14.21 42.72
C LEU B 179 -10.95 15.02 42.08
N VAL B 180 -9.70 14.84 42.51
CA VAL B 180 -8.63 15.72 42.03
C VAL B 180 -8.46 15.65 40.52
N PRO B 181 -8.41 14.47 39.88
CA PRO B 181 -8.19 14.45 38.43
C PRO B 181 -9.32 15.05 37.63
N ARG B 182 -10.51 15.23 38.21
CA ARG B 182 -11.66 15.75 37.49
C ARG B 182 -12.22 17.02 38.16
N SER B 183 -11.33 17.90 38.63
CA SER B 183 -11.74 19.12 39.30
C SER B 183 -11.06 20.35 38.71
N SER B 184 -10.60 20.26 37.47
CA SER B 184 -9.89 21.35 36.82
C SER B 184 -10.84 22.19 35.97
N ASN B 185 -10.42 23.41 35.66
CA ASN B 185 -11.22 24.31 34.83
C ASN B 185 -11.27 23.79 33.40
N GLU B 186 -12.35 24.14 32.70
CA GLU B 186 -12.67 23.52 31.42
C GLU B 186 -11.62 23.74 30.34
N GLN B 187 -10.69 24.69 30.52
CA GLN B 187 -9.63 24.86 29.55
C GLN B 187 -8.63 23.70 29.58
N PHE B 188 -8.65 22.88 30.63
CA PHE B 188 -7.69 21.80 30.79
C PHE B 188 -8.20 20.51 30.16
N TRP B 189 -7.33 19.84 29.41
CA TRP B 189 -7.68 18.62 28.69
C TRP B 189 -6.74 17.49 29.07
N PRO B 190 -7.20 16.24 28.99
CA PRO B 190 -6.33 15.10 29.25
C PRO B 190 -5.63 14.58 28.00
N PHE B 191 -4.54 13.86 28.24
CA PHE B 191 -3.80 13.19 27.17
C PHE B 191 -3.23 11.88 27.72
N GLY B 192 -3.00 10.93 26.82
CA GLY B 192 -2.51 9.62 27.20
C GLY B 192 -3.62 8.63 27.47
N THR B 193 -3.23 7.51 28.08
CA THR B 193 -4.16 6.44 28.42
C THR B 193 -4.54 6.51 29.88
N TYR B 194 -5.84 6.39 30.16
CA TYR B 194 -6.37 6.50 31.50
C TYR B 194 -6.93 5.15 31.94
N LEU B 195 -6.56 4.73 33.16
CA LEU B 195 -7.00 3.48 33.75
C LEU B 195 -7.91 3.79 34.93
N PHE B 196 -9.21 3.63 34.74
CA PHE B 196 -10.19 3.86 35.79
C PHE B 196 -10.36 2.59 36.60
N CYS B 197 -10.13 2.67 37.90
CA CYS B 197 -10.08 1.50 38.76
C CYS B 197 -11.03 1.66 39.93
N SER B 198 -11.51 0.53 40.43
CA SER B 198 -12.35 0.47 41.62
C SER B 198 -11.95 -0.77 42.41
N ASP B 199 -12.80 -1.19 43.33
CA ASP B 199 -12.57 -2.40 44.11
C ASP B 199 -12.80 -3.68 43.32
N LYS B 200 -13.32 -3.60 42.10
CA LYS B 200 -13.74 -4.77 41.35
C LYS B 200 -12.92 -4.99 40.08
N GLY B 201 -12.09 -4.05 39.69
CA GLY B 201 -11.28 -4.20 38.49
C GLY B 201 -11.01 -2.85 37.89
N GLY B 202 -10.54 -2.85 36.64
CA GLY B 202 -10.16 -1.62 35.97
C GLY B 202 -10.55 -1.65 34.51
N VAL B 203 -10.58 -0.45 33.93
CA VAL B 203 -10.93 -0.26 32.53
C VAL B 203 -10.01 0.81 31.97
N CYS B 204 -9.60 0.64 30.71
CA CYS B 204 -8.72 1.59 30.03
C CYS B 204 -9.48 2.35 28.96
N LEU B 205 -9.32 3.66 28.94
CA LEU B 205 -9.87 4.52 27.91
C LEU B 205 -8.76 5.36 27.31
N ASP B 206 -8.72 5.46 25.98
CA ASP B 206 -7.60 6.06 25.28
C ASP B 206 -7.96 7.34 24.54
N ASN B 207 -9.22 7.75 24.56
CA ASN B 207 -9.71 8.87 23.76
C ASN B 207 -10.01 10.05 24.67
N ALA B 208 -9.50 11.22 24.32
CA ALA B 208 -9.67 12.40 25.17
C ALA B 208 -11.14 12.73 25.38
N GLY B 209 -11.93 12.67 24.31
CA GLY B 209 -13.36 12.91 24.46
C GLY B 209 -14.04 11.93 25.39
N SER B 210 -13.69 10.64 25.28
CA SER B 210 -14.28 9.65 26.16
C SER B 210 -13.88 9.89 27.61
N VAL B 211 -12.62 10.29 27.84
CA VAL B 211 -12.19 10.56 29.21
C VAL B 211 -12.93 11.77 29.76
N ARG B 212 -13.16 12.79 28.94
CA ARG B 212 -13.96 13.94 29.37
C ARG B 212 -15.39 13.52 29.70
N LEU B 213 -15.99 12.69 28.86
CA LEU B 213 -17.35 12.23 29.12
C LEU B 213 -17.43 11.42 30.42
N MET B 214 -16.45 10.55 30.65
CA MET B 214 -16.42 9.79 31.90
C MET B 214 -16.26 10.72 33.09
N PHE B 215 -15.41 11.75 32.97
CA PHE B 215 -15.28 12.73 34.04
C PHE B 215 -16.62 13.37 34.35
N ASN B 216 -17.35 13.77 33.31
CA ASN B 216 -18.67 14.38 33.51
C ASN B 216 -19.63 13.41 34.21
N ILE B 217 -19.65 12.16 33.76
CA ILE B 217 -20.56 11.18 34.35
C ILE B 217 -20.24 11.02 35.83
N LEU B 218 -18.95 10.88 36.17
CA LEU B 218 -18.57 10.69 37.56
C LEU B 218 -18.88 11.94 38.39
N ASN B 219 -18.71 13.12 37.80
CA ASN B 219 -19.05 14.35 38.51
C ASN B 219 -20.53 14.42 38.85
N THR B 220 -21.39 14.02 37.91
CA THR B 220 -22.83 14.13 38.10
C THR B 220 -23.44 12.94 38.84
N THR B 221 -22.71 11.84 38.97
CA THR B 221 -23.28 10.60 39.52
C THR B 221 -22.34 9.98 40.53
N ALA B 222 -21.83 10.78 41.47
CA ALA B 222 -20.98 10.26 42.52
C ALA B 222 -21.08 11.17 43.74
N THR B 223 -20.75 10.60 44.90
CA THR B 223 -20.70 11.34 46.15
C THR B 223 -19.25 11.72 46.45
N GLN B 224 -19.08 12.90 47.06
CA GLN B 224 -17.76 13.45 47.29
C GLN B 224 -17.21 12.95 48.63
N ASN B 225 -16.17 12.12 48.57
CA ASN B 225 -15.43 11.67 49.75
C ASN B 225 -13.98 12.13 49.55
N THR B 226 -13.56 13.10 50.37
CA THR B 226 -12.29 13.77 50.14
C THR B 226 -11.08 12.97 50.60
N GLU B 227 -11.27 11.87 51.32
CA GLU B 227 -10.16 11.07 51.81
C GLU B 227 -9.77 9.96 50.85
N GLU B 228 -10.33 9.94 49.64
CA GLU B 228 -10.02 8.87 48.69
C GLU B 228 -8.69 9.08 48.00
N HIS B 229 -8.02 10.21 48.22
CA HIS B 229 -6.72 10.45 47.62
C HIS B 229 -5.61 9.68 48.33
N GLN B 230 -5.93 8.99 49.42
CA GLN B 230 -4.94 8.28 50.23
C GLN B 230 -5.18 6.78 50.24
N ARG B 231 -5.81 6.25 49.19
CA ARG B 231 -6.20 4.84 49.13
C ARG B 231 -5.54 4.10 47.97
N TYR B 232 -4.56 4.71 47.31
CA TYR B 232 -3.99 4.10 46.11
C TYR B 232 -3.17 2.86 46.45
N GLY B 233 -2.52 2.83 47.61
CA GLY B 233 -1.81 1.62 48.01
C GLY B 233 -2.74 0.43 48.19
N HIS B 234 -3.88 0.67 48.84
CA HIS B 234 -4.88 -0.39 49.01
C HIS B 234 -5.42 -0.85 47.65
N TYR B 235 -5.71 0.11 46.77
CA TYR B 235 -6.19 -0.27 45.44
C TYR B 235 -5.15 -1.11 44.70
N VAL B 236 -3.88 -0.70 44.77
CA VAL B 236 -2.84 -1.41 44.04
C VAL B 236 -2.69 -2.83 44.57
N PHE B 237 -2.69 -2.99 45.89
CA PHE B 237 -2.59 -4.32 46.48
C PHE B 237 -3.74 -5.22 46.01
N THR B 238 -4.97 -4.72 46.14
CA THR B 238 -6.13 -5.52 45.76
C THR B 238 -6.07 -5.91 44.29
N LEU B 239 -5.81 -4.94 43.41
CA LEU B 239 -5.81 -5.23 41.98
C LEU B 239 -4.70 -6.18 41.60
N SER B 240 -3.52 -6.03 42.20
CA SER B 240 -2.40 -6.88 41.85
C SER B 240 -2.55 -8.30 42.37
N HIS B 241 -3.36 -8.52 43.41
CA HIS B 241 -3.60 -9.87 43.90
C HIS B 241 -4.89 -10.49 43.37
N MET B 242 -5.70 -9.75 42.63
CA MET B 242 -6.95 -10.32 42.11
C MET B 242 -6.78 -11.62 41.32
N PHE B 243 -5.58 -11.97 40.87
CA PHE B 243 -5.42 -13.09 39.93
C PHE B 243 -5.66 -14.45 40.56
N LEU B 244 -5.78 -14.55 41.89
CA LEU B 244 -5.88 -15.85 42.54
C LEU B 244 -7.30 -16.39 42.64
N LYS B 245 -8.32 -15.61 42.28
CA LYS B 245 -9.70 -16.04 42.44
C LYS B 245 -10.45 -15.82 41.13
N SER B 246 -11.44 -16.68 40.90
CA SER B 246 -12.23 -16.65 39.67
C SER B 246 -13.41 -15.71 39.85
N ARG B 247 -13.60 -14.82 38.88
CA ARG B 247 -14.58 -13.74 38.96
C ARG B 247 -15.63 -13.94 37.88
N SER B 248 -16.87 -14.17 38.29
CA SER B 248 -17.98 -14.41 37.40
C SER B 248 -18.94 -13.22 37.42
N PHE B 249 -19.91 -13.27 36.51
CA PHE B 249 -20.94 -12.24 36.41
C PHE B 249 -21.91 -12.38 37.58
N LEU B 250 -22.13 -11.29 38.32
CA LEU B 250 -22.96 -11.30 39.51
C LEU B 250 -24.35 -10.73 39.29
N GLY B 251 -24.64 -10.19 38.12
CA GLY B 251 -25.92 -9.57 37.88
C GLY B 251 -27.01 -10.59 37.59
N GLY B 252 -27.67 -10.47 36.45
CA GLY B 252 -28.66 -11.44 36.04
C GLY B 252 -28.05 -12.49 35.13
N SER B 253 -28.48 -12.51 33.88
CA SER B 253 -27.94 -13.40 32.86
C SER B 253 -27.16 -12.57 31.84
N ILE B 254 -25.98 -13.05 31.49
CA ILE B 254 -25.13 -12.32 30.54
C ILE B 254 -25.81 -12.27 29.18
N PRO B 255 -25.67 -11.17 28.42
CA PRO B 255 -26.22 -11.17 27.06
C PRO B 255 -25.61 -12.27 26.20
N ASP B 256 -26.40 -12.74 25.23
CA ASP B 256 -25.95 -13.81 24.35
C ASP B 256 -24.88 -13.35 23.37
N ASN B 257 -24.98 -12.10 22.88
CA ASN B 257 -23.93 -11.56 22.03
C ASN B 257 -22.63 -11.43 22.80
N SER B 258 -21.51 -11.71 22.13
CA SER B 258 -20.21 -11.67 22.81
C SER B 258 -19.80 -10.23 23.11
N TYR B 259 -20.01 -9.32 22.16
CA TYR B 259 -19.68 -7.92 22.38
C TYR B 259 -20.50 -7.33 23.52
N GLN B 260 -21.79 -7.67 23.56
CA GLN B 260 -22.64 -7.21 24.65
C GLN B 260 -22.19 -7.76 25.98
N ALA B 261 -21.79 -9.04 26.02
CA ALA B 261 -21.29 -9.63 27.26
C ALA B 261 -20.02 -8.93 27.72
N GLY B 262 -19.11 -8.61 26.79
CA GLY B 262 -17.91 -7.88 27.16
C GLY B 262 -18.22 -6.50 27.72
N VAL B 263 -19.15 -5.78 27.07
CA VAL B 263 -19.52 -4.46 27.55
C VAL B 263 -20.13 -4.55 28.95
N ALA B 264 -21.00 -5.53 29.17
CA ALA B 264 -21.61 -5.70 30.49
C ALA B 264 -20.56 -6.01 31.55
N LEU B 265 -19.60 -6.87 31.22
CA LEU B 265 -18.54 -7.20 32.17
C LEU B 265 -17.70 -5.97 32.51
N ALA B 266 -17.39 -5.14 31.50
CA ALA B 266 -16.62 -3.93 31.75
C ALA B 266 -17.40 -2.95 32.61
N VAL B 267 -18.70 -2.80 32.36
CA VAL B 267 -19.51 -1.93 33.21
C VAL B 267 -19.52 -2.45 34.64
N GLU B 268 -19.54 -3.76 34.81
CA GLU B 268 -19.52 -4.34 36.15
C GLU B 268 -18.16 -4.21 36.82
N ALA B 269 -17.09 -4.10 36.03
CA ALA B 269 -15.76 -3.99 36.61
C ALA B 269 -15.58 -2.69 37.40
N LEU B 270 -16.43 -1.70 37.14
CA LEU B 270 -16.34 -0.43 37.84
C LEU B 270 -17.35 -0.30 38.98
N GLY B 271 -18.15 -1.32 39.24
CA GLY B 271 -19.07 -1.33 40.36
C GLY B 271 -20.49 -0.93 40.04
N PHE B 272 -20.79 -0.59 38.79
CA PHE B 272 -22.13 -0.12 38.44
C PHE B 272 -23.00 -1.29 37.98
N SER B 273 -24.18 -1.39 38.57
CA SER B 273 -25.16 -2.37 38.13
C SER B 273 -25.67 -2.00 36.74
N ASN B 274 -25.86 -3.01 35.90
CA ASN B 274 -26.26 -2.77 34.52
C ASN B 274 -27.70 -2.28 34.41
N ASP B 275 -28.49 -2.35 35.47
CA ASP B 275 -29.87 -1.87 35.46
C ASP B 275 -30.07 -0.58 36.24
N ASP B 276 -29.00 0.15 36.55
CA ASP B 276 -29.12 1.43 37.23
C ASP B 276 -29.08 2.57 36.20
N THR B 277 -29.27 3.80 36.69
CA THR B 277 -29.26 4.96 35.80
C THR B 277 -27.86 5.33 35.34
N SER B 278 -26.86 5.23 36.22
CA SER B 278 -25.48 5.52 35.83
C SER B 278 -24.85 4.39 35.04
N GLY B 279 -25.32 3.16 35.24
CA GLY B 279 -24.79 2.05 34.46
C GLY B 279 -25.02 2.23 32.98
N VAL B 280 -26.18 2.75 32.59
CA VAL B 280 -26.48 2.94 31.18
C VAL B 280 -25.60 4.04 30.59
N LEU B 281 -25.37 5.12 31.34
CA LEU B 281 -24.49 6.17 30.85
C LEU B 281 -23.06 5.65 30.67
N VAL B 282 -22.58 4.85 31.63
CA VAL B 282 -21.24 4.26 31.49
C VAL B 282 -21.20 3.32 30.28
N LYS B 283 -22.28 2.57 30.07
CA LYS B 283 -22.32 1.64 28.94
C LYS B 283 -22.20 2.39 27.62
N GLU B 284 -22.97 3.49 27.48
CA GLU B 284 -22.89 4.29 26.27
C GLU B 284 -21.50 4.89 26.10
N CYS B 285 -20.90 5.36 27.21
CA CYS B 285 -19.55 5.91 27.11
C CYS B 285 -18.57 4.88 26.57
N ILE B 286 -18.62 3.66 27.10
CA ILE B 286 -17.68 2.62 26.66
C ILE B 286 -17.93 2.25 25.20
N GLU B 287 -19.21 2.04 24.84
CA GLU B 287 -19.51 1.67 23.45
C GLU B 287 -19.05 2.74 22.49
N THR B 288 -19.28 4.02 22.83
CA THR B 288 -18.84 5.10 21.97
C THR B 288 -17.32 5.15 21.88
N ALA B 289 -16.62 4.84 22.98
CA ALA B 289 -15.17 4.84 22.96
C ALA B 289 -14.63 3.79 22.00
N THR B 290 -15.25 2.61 21.97
CA THR B 290 -14.66 1.46 21.29
C THR B 290 -15.04 1.35 19.80
N ARG B 291 -15.30 2.44 19.09
CA ARG B 291 -15.92 2.37 17.78
C ARG B 291 -14.90 2.69 16.67
N ILE B 292 -14.46 1.64 15.98
CA ILE B 292 -13.75 1.73 14.70
C ILE B 292 -14.05 0.44 13.95
N VAL B 293 -13.81 0.45 12.63
CA VAL B 293 -14.24 -0.65 11.76
C VAL B 293 -13.11 -1.00 10.78
N ARG B 294 -13.25 -2.19 10.16
CA ARG B 294 -12.33 -2.63 9.12
C ARG B 294 -10.89 -2.79 9.59
N ALA B 295 -10.60 -3.88 10.31
CA ALA B 295 -9.31 -4.17 10.90
C ALA B 295 -8.12 -3.71 10.07
N PRO B 296 -7.23 -2.89 10.65
CA PRO B 296 -6.13 -2.32 9.87
C PRO B 296 -5.20 -3.33 9.23
N ILE B 297 -5.00 -4.51 9.83
CA ILE B 297 -4.13 -5.52 9.23
C ILE B 297 -4.67 -5.94 7.87
N LEU B 298 -5.96 -6.25 7.81
CA LEU B 298 -6.58 -6.64 6.55
C LEU B 298 -6.60 -5.47 5.57
N ARG B 299 -6.88 -4.26 6.06
CA ARG B 299 -6.87 -3.10 5.16
C ARG B 299 -5.49 -2.90 4.53
N SER B 300 -4.44 -3.02 5.34
CA SER B 300 -3.08 -2.84 4.85
C SER B 300 -2.72 -3.92 3.83
N ALA B 301 -3.15 -5.16 4.08
CA ALA B 301 -2.90 -6.20 3.10
C ALA B 301 -3.63 -5.90 1.79
N GLU B 302 -4.87 -5.41 1.87
CA GLU B 302 -5.64 -5.12 0.66
C GLU B 302 -5.00 -4.01 -0.17
N LEU B 303 -4.44 -2.98 0.49
CA LEU B 303 -3.96 -1.80 -0.21
C LEU B 303 -3.04 -2.11 -1.41
N ALA B 304 -2.40 -3.28 -1.43
CA ALA B 304 -1.50 -3.60 -2.53
C ALA B 304 -2.26 -3.71 -3.85
N ASN B 305 -3.50 -4.20 -3.80
CA ASN B 305 -4.30 -4.29 -5.01
C ASN B 305 -4.68 -2.90 -5.53
N GLU B 306 -5.00 -1.96 -4.64
CA GLU B 306 -5.32 -0.61 -5.05
C GLU B 306 -4.10 0.08 -5.66
N LEU B 307 -2.92 -0.14 -5.08
CA LEU B 307 -1.71 0.39 -5.68
C LEU B 307 -1.50 -0.19 -7.08
N ALA B 308 -1.72 -1.49 -7.24
CA ALA B 308 -1.58 -2.10 -8.56
C ALA B 308 -2.63 -1.56 -9.53
N SER B 309 -3.79 -1.17 -9.03
CA SER B 309 -4.80 -0.55 -9.86
C SER B 309 -4.35 0.81 -10.38
N VAL B 310 -3.69 1.60 -9.52
CA VAL B 310 -3.34 2.95 -9.91
C VAL B 310 -1.98 3.04 -10.63
N LEU B 311 -1.18 1.99 -10.62
CA LEU B 311 0.17 1.98 -11.22
C LEU B 311 0.25 2.41 -12.70
N PRO B 312 -0.74 2.07 -13.52
CA PRO B 312 -0.65 2.44 -14.95
C PRO B 312 -0.50 3.95 -15.20
N ALA B 313 -1.02 4.80 -14.33
CA ALA B 313 -0.79 6.24 -14.48
C ALA B 313 0.69 6.59 -14.36
N ARG B 314 1.37 5.97 -13.40
CA ARG B 314 2.81 6.17 -13.28
C ARG B 314 3.54 5.66 -14.51
N LEU B 315 3.09 4.53 -15.06
CA LEU B 315 3.71 4.02 -16.28
C LEU B 315 3.52 4.99 -17.45
N GLU B 316 2.35 5.63 -17.52
CA GLU B 316 2.12 6.61 -18.58
C GLU B 316 3.01 7.82 -18.43
N ILE B 317 3.24 8.28 -17.19
CA ILE B 317 4.22 9.36 -16.99
C ILE B 317 5.60 8.92 -17.47
N GLN B 318 5.99 7.68 -17.19
CA GLN B 318 7.29 7.19 -17.66
C GLN B 318 7.38 7.22 -19.19
N TRP B 319 6.33 6.75 -19.86
CA TRP B 319 6.34 6.72 -21.33
C TRP B 319 6.39 8.14 -21.91
N TYR B 320 5.66 9.07 -21.30
CA TYR B 320 5.71 10.46 -21.74
C TYR B 320 7.10 11.05 -21.57
N LYS B 321 7.76 10.77 -20.44
CA LYS B 321 9.13 11.23 -20.24
C LYS B 321 10.06 10.68 -21.32
N ASP B 322 9.93 9.38 -21.63
CA ASP B 322 10.78 8.79 -22.65
C ASP B 322 10.55 9.43 -24.01
N ARG B 323 9.29 9.68 -24.37
CA ARG B 323 9.01 10.29 -25.66
C ARG B 323 9.54 11.71 -25.74
N CYS B 324 9.41 12.47 -24.64
CA CYS B 324 9.98 13.81 -24.61
C CYS B 324 11.50 13.78 -24.78
N ASP B 325 12.15 12.79 -24.19
CA ASP B 325 13.62 12.73 -24.25
C ASP B 325 14.14 12.59 -25.67
N ALA B 326 13.38 11.98 -26.58
CA ALA B 326 13.83 11.71 -27.94
C ALA B 326 13.33 12.73 -28.95
N SER B 327 12.60 13.75 -28.51
CA SER B 327 12.04 14.72 -29.43
C SER B 327 13.12 15.62 -30.01
N GLU B 328 12.84 16.18 -31.18
CA GLU B 328 13.82 17.02 -31.86
C GLU B 328 13.85 18.44 -31.32
N GLU B 329 12.84 18.83 -30.53
CA GLU B 329 12.84 20.17 -29.96
C GLU B 329 13.82 20.30 -28.81
N GLN B 330 14.01 19.23 -28.04
CA GLN B 330 15.06 19.16 -27.02
C GLN B 330 14.83 20.17 -25.89
N LEU B 331 13.66 20.08 -25.27
CA LEU B 331 13.34 20.95 -24.14
C LEU B 331 13.44 20.26 -22.79
N GLY B 332 13.31 18.93 -22.73
CA GLY B 332 13.15 18.26 -21.48
C GLY B 332 11.70 18.28 -21.06
N TYR B 333 11.24 17.27 -20.33
CA TYR B 333 9.80 17.09 -20.16
C TYR B 333 9.18 18.11 -19.21
N TYR B 334 9.98 18.74 -18.34
CA TYR B 334 9.46 19.83 -17.51
C TYR B 334 8.98 21.01 -18.35
N ASP B 335 9.81 21.43 -19.31
CA ASP B 335 9.43 22.55 -20.16
C ASP B 335 8.37 22.15 -21.18
N PHE B 336 8.39 20.91 -21.65
CA PHE B 336 7.30 20.44 -22.50
C PHE B 336 5.97 20.54 -21.78
N PHE B 337 5.90 20.04 -20.54
CA PHE B 337 4.65 20.13 -19.80
C PHE B 337 4.28 21.58 -19.54
N LYS B 338 5.26 22.43 -19.21
CA LYS B 338 4.95 23.82 -18.90
C LYS B 338 4.39 24.55 -20.12
N ARG B 339 4.92 24.28 -21.32
CA ARG B 339 4.40 24.91 -22.52
C ARG B 339 2.95 24.54 -22.78
N TYR B 340 2.63 23.24 -22.73
CA TYR B 340 1.25 22.76 -22.76
C TYR B 340 0.58 23.03 -24.10
N SER B 341 1.31 22.76 -25.18
CA SER B 341 0.85 23.09 -26.53
C SER B 341 0.63 21.85 -27.40
N LEU B 342 0.48 20.68 -26.79
CA LEU B 342 0.23 19.45 -27.52
C LEU B 342 -0.85 18.66 -26.81
N LYS B 343 -1.38 17.64 -27.48
CA LYS B 343 -2.47 16.85 -26.92
C LYS B 343 -2.00 15.87 -25.85
N ARG B 344 -0.77 15.38 -25.92
CA ARG B 344 -0.29 14.43 -24.91
C ARG B 344 -0.13 15.07 -23.54
N ASP B 345 0.02 16.40 -23.48
CA ASP B 345 0.12 17.10 -22.20
C ASP B 345 -1.17 16.98 -21.39
N PHE B 346 -2.33 17.08 -22.06
CA PHE B 346 -3.61 16.98 -21.36
C PHE B 346 -3.81 15.58 -20.76
N LYS B 347 -3.42 14.55 -21.52
CA LYS B 347 -3.58 13.18 -21.04
C LYS B 347 -2.63 12.90 -19.86
N VAL B 348 -1.38 13.33 -19.97
CA VAL B 348 -0.48 13.12 -18.85
C VAL B 348 -0.96 13.91 -17.63
N ASN B 349 -1.65 15.03 -17.85
CA ASN B 349 -2.31 15.74 -16.75
C ASN B 349 -3.33 14.85 -16.05
N MET B 350 -4.13 14.13 -16.83
CA MET B 350 -5.05 13.15 -16.26
C MET B 350 -4.33 12.19 -15.31
N SER B 351 -3.23 11.62 -15.79
CA SER B 351 -2.50 10.64 -14.97
C SER B 351 -1.98 11.28 -13.68
N ARG B 352 -1.47 12.50 -13.79
CA ARG B 352 -0.96 13.22 -12.62
C ARG B 352 -2.04 13.39 -11.56
N ILE B 353 -3.25 13.79 -11.97
CA ILE B 353 -4.32 14.00 -11.01
C ILE B 353 -4.71 12.69 -10.33
N ARG B 354 -4.78 11.59 -11.10
CA ARG B 354 -5.11 10.30 -10.51
C ARG B 354 -4.12 9.93 -9.41
N LEU B 355 -2.82 10.08 -9.70
CA LEU B 355 -1.81 9.73 -8.71
C LEU B 355 -1.93 10.58 -7.45
N ALA B 356 -2.17 11.89 -7.64
CA ALA B 356 -2.32 12.78 -6.49
C ALA B 356 -3.47 12.31 -5.60
N LYS B 357 -4.61 11.96 -6.20
CA LYS B 357 -5.75 11.52 -5.40
C LYS B 357 -5.41 10.26 -4.60
N PHE B 358 -4.75 9.28 -5.25
CA PHE B 358 -4.43 8.04 -4.55
C PHE B 358 -3.56 8.32 -3.32
N TRP B 359 -2.49 9.10 -3.50
CA TRP B 359 -1.57 9.26 -2.38
C TRP B 359 -2.14 10.16 -1.29
N ASP B 360 -3.00 11.12 -1.65
CA ASP B 360 -3.70 11.89 -0.62
C ASP B 360 -4.58 10.97 0.23
N THR B 361 -5.30 10.04 -0.42
CA THR B 361 -6.13 9.12 0.35
C THR B 361 -5.29 8.25 1.28
N VAL B 362 -4.14 7.78 0.81
CA VAL B 362 -3.30 6.93 1.66
C VAL B 362 -2.83 7.70 2.89
N ILE B 363 -2.38 8.96 2.68
CA ILE B 363 -1.90 9.75 3.81
C ILE B 363 -3.03 10.02 4.81
N LYS B 364 -4.23 10.35 4.31
CA LYS B 364 -5.36 10.57 5.20
C LYS B 364 -5.68 9.33 6.01
N MET B 365 -5.61 8.15 5.38
CA MET B 365 -5.86 6.91 6.09
C MET B 365 -4.83 6.68 7.19
N VAL B 366 -3.57 7.01 6.90
CA VAL B 366 -2.53 6.86 7.92
C VAL B 366 -2.83 7.77 9.11
N GLU B 367 -3.25 9.01 8.84
CA GLU B 367 -3.43 9.97 9.92
C GLU B 367 -4.64 9.67 10.80
N THR B 368 -5.52 8.76 10.39
CA THR B 368 -6.77 8.52 11.09
C THR B 368 -6.80 7.17 11.81
N ASN B 369 -5.70 6.41 11.78
CA ASN B 369 -5.63 5.11 12.44
C ASN B 369 -6.55 4.08 11.80
N GLU B 370 -6.67 4.15 10.47
CA GLU B 370 -7.28 3.06 9.72
C GLU B 370 -6.25 2.06 9.22
N LEU B 371 -4.97 2.36 9.34
CA LEU B 371 -3.87 1.48 9.01
C LEU B 371 -3.03 1.21 10.26
N PRO B 372 -2.14 0.22 10.21
CA PRO B 372 -1.33 -0.09 11.40
C PRO B 372 -0.47 1.09 11.82
N PHE B 373 -0.18 1.15 13.13
CA PHE B 373 0.62 2.23 13.69
C PHE B 373 2.04 2.23 13.15
N ASP B 374 2.53 1.12 12.61
CA ASP B 374 3.87 1.03 12.05
C ASP B 374 3.86 0.90 10.53
N PHE B 375 2.79 1.41 9.89
CA PHE B 375 2.64 1.24 8.44
C PHE B 375 3.77 1.90 7.67
N HIS B 376 4.20 3.09 8.11
CA HIS B 376 5.18 3.87 7.36
C HIS B 376 6.59 3.30 7.45
N LEU B 377 6.82 2.29 8.28
CA LEU B 377 8.14 1.68 8.38
C LEU B 377 8.34 0.53 7.39
N GLY B 378 7.35 0.22 6.57
CA GLY B 378 7.50 -0.86 5.62
C GLY B 378 8.33 -0.44 4.41
N LYS B 379 9.22 -1.33 3.97
CA LYS B 379 10.14 -1.01 2.87
C LYS B 379 9.38 -0.78 1.57
N LYS B 380 8.37 -1.61 1.30
CA LYS B 380 7.61 -1.51 0.05
C LYS B 380 6.99 -0.13 -0.12
N TRP B 381 6.33 0.37 0.92
CA TRP B 381 5.63 1.64 0.80
C TRP B 381 6.59 2.81 0.73
N ILE B 382 7.70 2.75 1.47
CA ILE B 382 8.71 3.80 1.39
C ILE B 382 9.23 3.90 -0.04
N TYR B 383 9.56 2.77 -0.66
CA TYR B 383 10.15 2.84 -2.00
C TYR B 383 9.11 3.16 -3.07
N ALA B 384 7.86 2.73 -2.89
CA ALA B 384 6.82 3.12 -3.84
C ALA B 384 6.57 4.63 -3.80
N SER B 385 6.51 5.21 -2.60
CA SER B 385 6.33 6.66 -2.49
C SER B 385 7.53 7.41 -3.05
N GLN B 386 8.74 6.89 -2.84
CA GLN B 386 9.92 7.52 -3.42
C GLN B 386 9.87 7.53 -4.95
N PHE B 387 9.56 6.37 -5.55
CA PHE B 387 9.41 6.28 -7.00
C PHE B 387 8.40 7.30 -7.50
N TYR B 388 7.23 7.32 -6.87
CA TYR B 388 6.17 8.23 -7.29
C TYR B 388 6.64 9.68 -7.23
N GLN B 389 7.24 10.09 -6.11
CA GLN B 389 7.64 11.48 -5.96
C GLN B 389 8.71 11.86 -6.97
N LEU B 390 9.74 11.02 -7.12
CA LEU B 390 10.78 11.28 -8.10
C LEU B 390 10.20 11.54 -9.48
N LEU B 391 9.18 10.76 -9.88
CA LEU B 391 8.62 10.99 -11.20
C LEU B 391 7.70 12.21 -11.25
N ALA B 392 6.89 12.43 -10.22
CA ALA B 392 5.72 13.30 -10.36
C ALA B 392 5.91 14.72 -9.83
N GLU B 393 6.77 14.94 -8.83
CA GLU B 393 6.85 16.28 -8.25
C GLU B 393 7.23 17.36 -9.26
N PRO B 394 8.15 17.13 -10.20
CA PRO B 394 8.45 18.16 -11.21
C PRO B 394 7.23 18.61 -12.01
N LEU B 395 6.31 17.69 -12.33
CA LEU B 395 5.12 18.08 -13.08
C LEU B 395 4.18 18.93 -12.23
N ASP B 396 4.10 18.68 -10.93
CA ASP B 396 3.33 19.55 -10.05
C ASP B 396 3.95 20.94 -9.98
N ILE B 397 5.28 21.02 -9.95
CA ILE B 397 5.94 22.33 -9.97
C ILE B 397 5.61 23.05 -11.27
N ALA B 398 5.66 22.33 -12.40
CA ALA B 398 5.34 22.93 -13.69
C ALA B 398 3.89 23.39 -13.74
N ASN B 399 2.99 22.63 -13.11
CA ASN B 399 1.59 23.05 -13.05
C ASN B 399 1.44 24.35 -12.27
N PHE B 400 2.09 24.45 -11.11
CA PHE B 400 1.99 25.67 -10.33
C PHE B 400 2.51 26.87 -11.11
N TYR B 401 3.65 26.71 -11.78
CA TYR B 401 4.23 27.84 -12.50
C TYR B 401 3.58 28.08 -13.86
N LYS B 402 2.72 27.16 -14.32
CA LYS B 402 1.92 27.41 -15.50
C LYS B 402 0.65 28.19 -15.16
N ASN B 403 -0.02 27.83 -14.07
CA ASN B 403 -1.28 28.46 -13.70
C ASN B 403 -1.10 29.67 -12.79
N ARG B 404 0.06 30.33 -12.86
CA ARG B 404 0.41 31.38 -11.91
C ARG B 404 0.05 32.75 -12.46
N ASP B 405 -0.64 33.55 -11.64
CA ASP B 405 -0.82 34.97 -11.92
C ASP B 405 0.52 35.66 -11.67
N ILE B 406 1.13 36.17 -12.74
CA ILE B 406 2.52 36.61 -12.66
C ILE B 406 2.72 37.71 -11.63
N LYS B 407 1.72 38.56 -11.41
CA LYS B 407 1.89 39.67 -10.46
C LYS B 407 1.66 39.22 -9.02
N THR B 408 0.45 38.75 -8.71
CA THR B 408 0.10 38.35 -7.36
C THR B 408 0.36 36.86 -7.11
N GLY B 409 1.28 36.25 -7.87
CA GLY B 409 1.63 34.86 -7.67
C GLY B 409 2.93 34.74 -6.90
N GLY B 410 2.87 33.97 -5.81
CA GLY B 410 4.05 33.79 -4.97
C GLY B 410 5.01 32.78 -5.57
N HIS B 411 5.59 31.94 -4.72
CA HIS B 411 6.52 30.91 -5.16
C HIS B 411 6.10 29.57 -4.59
N TYR B 412 6.47 28.50 -5.30
CA TYR B 412 6.10 27.16 -4.90
C TYR B 412 6.61 26.84 -3.50
N LEU B 413 7.91 27.00 -3.28
CA LEU B 413 8.50 26.63 -1.99
C LEU B 413 8.13 27.59 -0.87
N GLU B 414 7.57 28.76 -1.19
CA GLU B 414 7.17 29.73 -0.17
C GLU B 414 5.70 29.52 0.20
N GLY B 415 5.39 28.31 0.65
CA GLY B 415 4.10 28.01 1.21
C GLY B 415 3.06 27.42 0.27
N ASN B 416 3.46 26.95 -0.91
CA ASN B 416 2.51 26.39 -1.87
C ASN B 416 2.78 24.92 -2.17
N ARG B 417 3.71 24.29 -1.46
CA ARG B 417 4.00 22.89 -1.67
C ARG B 417 2.90 22.02 -1.09
N PRO B 418 2.47 20.96 -1.78
CA PRO B 418 1.45 20.07 -1.18
C PRO B 418 1.99 19.31 0.02
N LYS B 419 1.07 18.90 0.89
CA LYS B 419 1.43 18.26 2.16
C LYS B 419 1.99 16.85 1.96
N ARG B 420 1.43 16.10 1.00
CA ARG B 420 1.85 14.72 0.80
C ARG B 420 3.34 14.63 0.51
N TYR B 421 3.91 15.60 -0.19
CA TYR B 421 5.33 15.55 -0.50
C TYR B 421 6.19 15.74 0.74
N GLU B 422 5.76 16.61 1.65
CA GLU B 422 6.47 16.76 2.92
C GLU B 422 6.37 15.48 3.75
N VAL B 423 5.21 14.84 3.77
CA VAL B 423 5.08 13.60 4.54
C VAL B 423 5.95 12.51 3.94
N ILE B 424 6.06 12.46 2.61
CA ILE B 424 6.89 11.44 1.97
C ILE B 424 8.37 11.72 2.22
N ASP B 425 8.76 12.99 2.18
CA ASP B 425 10.14 13.34 2.56
C ASP B 425 10.44 12.90 3.99
N LYS B 426 9.47 13.06 4.89
CA LYS B 426 9.65 12.57 6.26
C LYS B 426 9.80 11.06 6.29
N TRP B 427 8.96 10.33 5.55
CA TRP B 427 9.05 8.87 5.52
C TRP B 427 10.39 8.39 5.00
N GLN B 428 11.01 9.16 4.10
CA GLN B 428 12.28 8.72 3.53
C GLN B 428 13.38 8.60 4.57
N LYS B 429 13.20 9.20 5.75
CA LYS B 429 14.22 9.13 6.79
C LYS B 429 14.35 7.73 7.39
N GLY B 430 13.42 6.83 7.09
CA GLY B 430 13.58 5.44 7.45
C GLY B 430 14.51 4.73 6.48
N VAL B 431 14.59 3.41 6.63
CA VAL B 431 15.39 2.55 5.75
C VAL B 431 16.86 2.89 5.90
N LYS B 432 17.71 1.87 5.89
CA LYS B 432 19.14 2.09 6.06
C LYS B 432 19.70 2.91 4.91
N VAL B 433 20.67 3.77 5.23
CA VAL B 433 21.27 4.65 4.24
C VAL B 433 22.05 3.82 3.23
N PRO B 434 22.06 4.18 1.95
CA PRO B 434 22.86 3.41 0.99
C PRO B 434 24.30 3.89 0.91
N GLU B 435 25.21 2.94 0.75
CA GLU B 435 26.59 3.29 0.45
C GLU B 435 26.64 4.00 -0.89
N GLU B 436 27.45 5.04 -0.98
CA GLU B 436 27.56 5.80 -2.22
C GLU B 436 28.15 4.89 -3.29
N CYS B 437 27.31 4.46 -4.23
CA CYS B 437 27.80 3.69 -5.36
C CYS B 437 28.56 4.60 -6.32
N VAL B 438 29.26 3.97 -7.25
CA VAL B 438 29.96 4.71 -8.30
C VAL B 438 29.03 4.81 -9.50
N ARG B 439 28.69 6.03 -9.89
CA ARG B 439 27.77 6.27 -10.98
C ARG B 439 28.55 6.38 -12.29
N SER B 440 28.17 5.57 -13.27
CA SER B 440 28.77 5.59 -14.60
C SER B 440 27.92 6.33 -15.61
N ARG B 441 26.80 6.91 -15.19
CA ARG B 441 25.86 7.56 -16.08
C ARG B 441 24.98 8.49 -15.25
N TYR B 442 24.31 9.41 -15.95
CA TYR B 442 23.33 10.27 -15.29
C TYR B 442 22.20 9.44 -14.71
N ALA B 443 21.69 9.86 -13.56
CA ALA B 443 20.57 9.17 -12.94
C ALA B 443 19.35 9.21 -13.87
N SER B 444 18.51 8.18 -13.76
CA SER B 444 17.31 8.14 -14.59
C SER B 444 16.32 9.24 -14.21
N THR B 445 16.44 9.80 -13.01
CA THR B 445 15.67 10.97 -12.62
C THR B 445 16.53 11.84 -11.71
N THR B 446 16.22 13.13 -11.64
CA THR B 446 16.93 14.02 -10.76
C THR B 446 16.63 13.69 -9.31
N GLN B 447 17.68 13.48 -8.51
CA GLN B 447 17.50 12.95 -7.17
C GLN B 447 16.98 14.01 -6.20
N ASP B 448 17.23 15.28 -6.47
CA ASP B 448 16.59 16.36 -5.73
C ASP B 448 15.29 16.72 -6.44
N THR B 449 14.17 16.46 -5.77
CA THR B 449 12.85 16.62 -6.38
C THR B 449 12.35 18.05 -6.39
N CYS B 450 13.03 18.97 -5.70
CA CYS B 450 12.69 20.38 -5.70
C CYS B 450 13.68 21.22 -6.49
N PHE B 451 14.41 20.60 -7.42
CA PHE B 451 15.41 21.31 -8.20
C PHE B 451 14.78 22.40 -9.07
N TRP B 452 13.64 22.11 -9.70
CA TRP B 452 13.06 23.05 -10.67
C TRP B 452 12.47 24.28 -9.98
N ALA B 453 11.90 24.11 -8.80
CA ALA B 453 11.42 25.26 -8.04
C ALA B 453 12.57 26.19 -7.66
N LYS B 454 13.69 25.62 -7.23
CA LYS B 454 14.86 26.43 -6.91
C LYS B 454 15.39 27.14 -8.14
N LEU B 455 15.36 26.48 -9.30
CA LEU B 455 15.77 27.15 -10.52
C LEU B 455 14.84 28.32 -10.85
N GLU B 456 13.54 28.16 -10.59
CA GLU B 456 12.61 29.26 -10.80
C GLU B 456 12.95 30.46 -9.93
N GLN B 457 13.23 30.22 -8.64
CA GLN B 457 13.60 31.31 -7.75
C GLN B 457 14.91 31.98 -8.19
N ALA B 458 15.91 31.18 -8.57
CA ALA B 458 17.17 31.75 -9.04
C ALA B 458 16.97 32.55 -10.32
N LYS B 459 16.05 32.11 -11.19
CA LYS B 459 15.76 32.84 -12.42
C LYS B 459 15.15 34.19 -12.12
N GLU B 460 14.21 34.23 -11.17
CA GLU B 460 13.64 35.49 -10.75
C GLU B 460 14.71 36.42 -10.18
N TRP B 461 15.61 35.87 -9.36
CA TRP B 461 16.67 36.69 -8.77
C TRP B 461 17.59 37.25 -9.85
N LEU B 462 17.97 36.42 -10.82
CA LEU B 462 18.87 36.91 -11.87
C LEU B 462 18.20 38.00 -12.70
N ASP B 463 16.91 37.83 -13.02
CA ASP B 463 16.22 38.87 -13.77
C ASP B 463 16.12 40.16 -12.96
N GLU B 464 15.80 40.07 -11.67
CA GLU B 464 15.69 41.26 -10.85
C GLU B 464 17.02 41.98 -10.73
N ALA B 465 18.12 41.24 -10.56
CA ALA B 465 19.43 41.87 -10.54
C ALA B 465 19.76 42.48 -11.90
N ARG B 466 19.35 41.82 -12.99
CA ARG B 466 19.65 42.31 -14.32
C ARG B 466 18.90 43.60 -14.64
N LYS B 467 17.73 43.78 -14.05
CA LYS B 467 16.87 44.91 -14.41
C LYS B 467 17.62 46.23 -14.25
N GLU B 468 17.42 47.12 -15.22
CA GLU B 468 18.17 48.37 -15.25
C GLU B 468 17.97 49.17 -13.97
N SER B 469 16.85 48.97 -13.29
CA SER B 469 16.58 49.65 -12.03
C SER B 469 17.17 48.93 -10.82
N SER B 470 17.86 47.81 -11.04
CA SER B 470 18.45 47.06 -9.94
C SER B 470 19.40 47.94 -9.13
N ASP B 471 19.23 47.93 -7.82
CA ASP B 471 20.06 48.77 -6.95
C ASP B 471 21.37 48.04 -6.64
N PRO B 472 22.52 48.73 -6.72
CA PRO B 472 23.80 48.03 -6.50
C PRO B 472 23.87 47.30 -5.18
N GLN B 473 23.26 47.83 -4.12
CA GLN B 473 23.16 47.06 -2.88
C GLN B 473 22.25 45.85 -3.09
N ARG B 474 21.08 46.07 -3.70
CA ARG B 474 20.26 44.96 -4.13
C ARG B 474 21.09 43.99 -4.99
N ARG B 475 21.95 44.52 -5.85
CA ARG B 475 22.74 43.66 -6.73
C ARG B 475 23.70 42.78 -5.95
N SER B 476 24.40 43.36 -4.96
CA SER B 476 25.32 42.56 -4.16
C SER B 476 24.58 41.49 -3.37
N LEU B 477 23.46 41.86 -2.74
CA LEU B 477 22.67 40.86 -2.03
C LEU B 477 22.20 39.77 -2.97
N LEU B 478 21.75 40.15 -4.16
CA LEU B 478 21.23 39.18 -5.11
C LEU B 478 22.33 38.26 -5.61
N ARG B 479 23.54 38.77 -5.77
CA ARG B 479 24.65 37.91 -6.16
C ARG B 479 25.00 36.94 -5.04
N GLU B 480 24.93 37.39 -3.79
CA GLU B 480 25.13 36.47 -2.67
C GLU B 480 24.00 35.45 -2.57
N LYS B 481 22.85 35.73 -3.22
CA LYS B 481 21.83 34.69 -3.34
C LYS B 481 22.03 33.81 -4.58
N ILE B 482 22.67 34.33 -5.62
CA ILE B 482 22.72 33.67 -6.91
C ILE B 482 23.89 32.71 -7.02
N VAL B 483 25.05 33.06 -6.46
CA VAL B 483 26.22 32.19 -6.58
C VAL B 483 26.05 30.90 -5.78
N PRO B 484 25.44 30.91 -4.59
CA PRO B 484 25.21 29.63 -3.90
C PRO B 484 24.45 28.60 -4.73
N PHE B 485 23.39 29.02 -5.42
CA PHE B 485 22.64 28.08 -6.25
C PHE B 485 23.48 27.57 -7.39
N GLU B 486 24.29 28.44 -8.00
CA GLU B 486 25.17 28.00 -9.07
C GLU B 486 26.12 26.92 -8.57
N SER B 487 26.71 27.12 -7.40
CA SER B 487 27.62 26.12 -6.85
C SER B 487 26.91 24.80 -6.59
N TYR B 488 25.70 24.87 -6.00
CA TYR B 488 24.96 23.65 -5.71
C TYR B 488 24.61 22.88 -6.98
N ALA B 489 24.14 23.59 -8.02
CA ALA B 489 23.80 22.95 -9.27
C ALA B 489 25.04 22.34 -9.94
N ASN B 490 26.17 23.05 -9.89
CA ASN B 490 27.40 22.50 -10.46
C ASN B 490 27.82 21.22 -9.77
N THR B 491 27.72 21.19 -8.43
CA THR B 491 28.05 19.97 -7.70
C THR B 491 27.11 18.84 -8.09
N LEU B 492 25.82 19.13 -8.22
CA LEU B 492 24.88 18.09 -8.63
C LEU B 492 25.22 17.55 -10.01
N VAL B 493 25.62 18.42 -10.94
CA VAL B 493 25.93 17.97 -12.29
C VAL B 493 27.19 17.12 -12.31
N THR B 494 28.22 17.52 -11.53
CA THR B 494 29.47 16.78 -11.57
C THR B 494 29.34 15.42 -10.88
N LYS B 495 28.40 15.29 -9.95
CA LYS B 495 28.17 14.01 -9.30
C LYS B 495 27.26 13.09 -10.09
N LYS B 496 26.71 13.55 -11.22
CA LYS B 496 25.77 12.76 -12.02
C LYS B 496 24.50 12.46 -11.24
N GLU B 497 24.02 13.43 -10.49
CA GLU B 497 22.80 13.31 -9.72
C GLU B 497 21.57 13.84 -10.46
N VAL B 498 21.74 14.37 -11.67
CA VAL B 498 20.64 14.88 -12.47
C VAL B 498 20.45 13.97 -13.67
N SER B 499 19.26 14.05 -14.26
CA SER B 499 18.90 13.25 -15.42
C SER B 499 19.28 13.99 -16.71
N LEU B 500 19.03 13.33 -17.83
CA LEU B 500 19.45 13.86 -19.12
C LEU B 500 18.66 15.10 -19.52
N ASP B 501 17.43 15.23 -19.02
CA ASP B 501 16.58 16.34 -19.42
C ASP B 501 17.09 17.68 -18.90
N VAL B 502 17.70 17.70 -17.71
CA VAL B 502 18.28 18.93 -17.18
C VAL B 502 19.37 19.46 -18.11
N LYS B 503 20.00 18.58 -18.87
CA LYS B 503 21.12 18.94 -19.74
C LYS B 503 20.71 19.10 -21.19
N ALA B 504 19.41 19.12 -21.49
CA ALA B 504 18.95 19.25 -22.86
C ALA B 504 19.34 20.62 -23.43
N LYS B 505 19.47 20.67 -24.75
CA LYS B 505 20.03 21.86 -25.39
C LYS B 505 19.16 23.10 -25.16
N ASN B 506 17.84 22.93 -25.16
CA ASN B 506 16.92 24.06 -25.10
C ASN B 506 16.10 24.09 -23.80
N SER B 507 16.54 23.38 -22.77
CA SER B 507 15.85 23.46 -21.49
C SER B 507 16.13 24.80 -20.83
N SER B 508 15.30 25.15 -19.84
CA SER B 508 15.45 26.44 -19.18
C SER B 508 16.77 26.55 -18.43
N TYR B 509 17.31 25.42 -17.95
CA TYR B 509 18.56 25.46 -17.21
C TYR B 509 19.72 25.91 -18.09
N SER B 510 19.78 25.41 -19.33
CA SER B 510 20.85 25.82 -20.23
C SER B 510 20.76 27.31 -20.55
N VAL B 511 19.53 27.80 -20.75
CA VAL B 511 19.33 29.21 -21.05
C VAL B 511 19.78 30.06 -19.87
N TRP B 512 19.38 29.67 -18.66
CA TRP B 512 19.77 30.42 -17.48
C TRP B 512 21.29 30.42 -17.30
N GLU B 513 21.92 29.28 -17.57
CA GLU B 513 23.38 29.18 -17.44
C GLU B 513 24.07 30.13 -18.41
N ALA B 514 23.62 30.14 -19.67
CA ALA B 514 24.21 31.05 -20.65
C ALA B 514 23.99 32.51 -20.25
N ASN B 515 22.79 32.82 -19.74
CA ASN B 515 22.51 34.19 -19.34
C ASN B 515 23.40 34.63 -18.18
N LEU B 516 23.62 33.75 -17.21
CA LEU B 516 24.48 34.11 -16.08
C LEU B 516 25.93 34.28 -16.53
N LYS B 517 26.40 33.44 -17.44
CA LYS B 517 27.75 33.63 -17.97
C LYS B 517 27.87 34.98 -18.65
N GLU B 518 26.87 35.35 -19.45
CA GLU B 518 26.87 36.66 -20.09
C GLU B 518 26.86 37.79 -19.06
N PHE B 519 26.05 37.65 -18.00
CA PHE B 519 25.94 38.69 -17.00
C PHE B 519 27.27 38.88 -16.27
N LYS B 520 27.93 37.78 -15.91
CA LYS B 520 29.24 37.89 -15.27
C LYS B 520 30.25 38.53 -16.20
N CYS B 521 30.24 38.16 -17.48
CA CYS B 521 31.18 38.76 -18.42
C CYS B 521 30.95 40.26 -18.56
N LYS B 522 29.68 40.67 -18.64
CA LYS B 522 29.37 42.10 -18.80
C LYS B 522 29.73 42.88 -17.53
N MET B 523 29.46 42.31 -16.36
CA MET B 523 29.64 43.04 -15.11
C MET B 523 31.10 43.06 -14.63
N GLY B 524 32.00 42.36 -15.31
CA GLY B 524 33.40 42.37 -14.94
C GLY B 524 33.76 41.48 -13.78
N TYR B 525 32.82 40.68 -13.28
CA TYR B 525 33.13 39.72 -12.23
C TYR B 525 33.73 38.45 -12.83
N ASP C 389 7.02 13.01 -64.81
CA ASP C 389 6.96 13.27 -66.24
C ASP C 389 5.81 12.50 -66.88
N GLU C 390 5.90 12.24 -68.19
CA GLU C 390 4.80 11.59 -68.89
C GLU C 390 4.55 10.18 -68.37
N THR C 391 5.61 9.43 -68.11
CA THR C 391 5.45 8.02 -67.74
C THR C 391 4.74 7.87 -66.40
N HIS C 392 5.19 8.62 -65.39
CA HIS C 392 4.54 8.56 -64.09
C HIS C 392 3.06 8.89 -64.21
N GLU C 393 2.73 9.97 -64.93
CA GLU C 393 1.34 10.33 -65.18
C GLU C 393 0.58 9.17 -65.80
N SER C 394 0.99 8.75 -67.00
CA SER C 394 0.24 7.73 -67.73
C SER C 394 0.13 6.43 -66.94
N ARG C 395 1.07 6.15 -66.04
CA ARG C 395 1.07 4.86 -65.35
C ARG C 395 0.27 4.87 -64.05
N VAL C 396 0.18 6.00 -63.37
CA VAL C 396 -0.51 6.10 -62.09
C VAL C 396 -1.80 6.90 -62.21
N PHE C 397 -1.70 8.12 -62.75
CA PHE C 397 -2.84 9.02 -62.81
C PHE C 397 -3.95 8.44 -63.68
N ALA C 398 -3.58 7.83 -64.81
CA ALA C 398 -4.59 7.24 -65.70
C ALA C 398 -5.29 6.08 -65.03
N GLN C 399 -4.54 5.21 -64.33
CA GLN C 399 -5.16 4.10 -63.62
C GLN C 399 -6.14 4.62 -62.56
N ILE C 400 -5.73 5.63 -61.81
CA ILE C 400 -6.57 6.14 -60.74
C ILE C 400 -7.81 6.82 -61.34
N GLU C 401 -7.64 7.51 -62.47
CA GLU C 401 -8.80 8.12 -63.13
C GLU C 401 -9.78 7.06 -63.59
N ALA C 402 -9.27 5.96 -64.15
CA ALA C 402 -10.14 4.87 -64.55
C ALA C 402 -10.90 4.32 -63.34
N THR C 403 -10.22 4.16 -62.21
CA THR C 403 -10.89 3.71 -61.00
C THR C 403 -11.97 4.71 -60.57
N LEU C 404 -11.67 6.00 -60.66
CA LEU C 404 -12.61 7.03 -60.24
C LEU C 404 -13.77 7.19 -61.21
N GLU C 405 -13.66 6.64 -62.42
CA GLU C 405 -14.73 6.76 -63.39
C GLU C 405 -16.03 6.12 -62.93
N ASN C 406 -15.95 5.14 -62.02
CA ASN C 406 -17.15 4.49 -61.51
C ASN C 406 -17.90 5.35 -60.50
N LEU C 407 -17.24 6.35 -59.92
CA LEU C 407 -17.88 7.15 -58.88
C LEU C 407 -19.00 8.00 -59.47
N ASP C 408 -20.08 8.15 -58.70
CA ASP C 408 -21.13 9.08 -59.06
C ASP C 408 -20.71 10.50 -58.68
N PRO C 409 -21.35 11.52 -59.28
CA PRO C 409 -20.82 12.88 -59.16
C PRO C 409 -20.60 13.35 -57.73
N LYS C 410 -21.51 13.03 -56.80
CA LYS C 410 -21.33 13.51 -55.43
C LYS C 410 -20.09 12.89 -54.79
N THR C 411 -19.90 11.58 -54.98
CA THR C 411 -18.74 10.92 -54.41
C THR C 411 -17.45 11.38 -55.10
N ARG C 412 -17.50 11.59 -56.42
CA ARG C 412 -16.32 12.09 -57.11
C ARG C 412 -15.94 13.48 -56.60
N ASP C 413 -16.92 14.33 -56.38
CA ASP C 413 -16.64 15.67 -55.86
C ASP C 413 -16.09 15.59 -54.44
N CYS C 414 -16.62 14.70 -53.61
CA CYS C 414 -16.06 14.52 -52.29
C CYS C 414 -14.61 14.06 -52.36
N PHE C 415 -14.30 13.19 -53.32
CA PHE C 415 -12.91 12.77 -53.51
C PHE C 415 -12.03 13.95 -53.91
N LEU C 416 -12.50 14.77 -54.85
CA LEU C 416 -11.67 15.86 -55.33
C LEU C 416 -11.45 16.93 -54.26
N VAL C 417 -12.45 17.17 -53.41
CA VAL C 417 -12.33 18.20 -52.39
C VAL C 417 -11.17 17.90 -51.46
N LEU C 418 -10.80 16.63 -51.30
CA LEU C 418 -9.75 16.25 -50.36
C LEU C 418 -8.39 16.79 -50.76
N GLY C 419 -8.22 17.28 -51.98
CA GLY C 419 -6.96 17.84 -52.40
C GLY C 419 -6.68 19.23 -51.88
N ALA C 420 -7.61 19.82 -51.16
CA ALA C 420 -7.45 21.16 -50.61
C ALA C 420 -6.67 21.17 -49.30
N PHE C 421 -6.33 20.00 -48.75
CA PHE C 421 -5.72 19.91 -47.44
C PHE C 421 -4.25 19.55 -47.55
N PRO C 422 -3.41 19.99 -46.61
CA PRO C 422 -1.97 19.73 -46.72
C PRO C 422 -1.65 18.24 -46.75
N GLU C 423 -0.38 17.94 -47.00
CA GLU C 423 0.05 16.56 -47.17
C GLU C 423 0.45 15.93 -45.84
N ASP C 424 0.16 14.62 -45.73
CA ASP C 424 0.57 13.80 -44.60
C ASP C 424 -0.08 14.22 -43.29
N LYS C 425 -1.00 15.18 -43.32
CA LYS C 425 -1.70 15.64 -42.13
C LYS C 425 -3.05 14.95 -42.04
N LYS C 426 -3.56 14.80 -40.83
CA LYS C 426 -4.89 14.25 -40.65
C LYS C 426 -5.94 15.31 -40.94
N ILE C 427 -7.12 14.87 -41.39
CA ILE C 427 -8.26 15.76 -41.63
C ILE C 427 -9.38 15.34 -40.68
N PRO C 428 -9.83 16.21 -39.77
CA PRO C 428 -10.98 15.87 -38.93
C PRO C 428 -12.24 15.74 -39.77
N LEU C 429 -13.12 14.82 -39.36
CA LEU C 429 -14.31 14.54 -40.15
C LEU C 429 -15.25 15.73 -40.21
N ASP C 430 -15.26 16.56 -39.16
CA ASP C 430 -16.24 17.65 -39.11
C ASP C 430 -16.01 18.67 -40.20
N VAL C 431 -14.75 19.02 -40.47
CA VAL C 431 -14.44 19.99 -41.51
C VAL C 431 -14.94 19.48 -42.87
N LEU C 432 -14.58 18.24 -43.20
CA LEU C 432 -14.98 17.68 -44.49
C LEU C 432 -16.50 17.56 -44.59
N ILE C 433 -17.14 17.11 -43.51
CA ILE C 433 -18.59 16.95 -43.53
C ILE C 433 -19.27 18.28 -43.75
N ASN C 434 -18.83 19.34 -43.06
CA ASN C 434 -19.49 20.63 -43.20
C ASN C 434 -19.27 21.19 -44.60
N VAL C 435 -18.07 20.99 -45.16
CA VAL C 435 -17.84 21.42 -46.53
C VAL C 435 -18.81 20.73 -47.48
N LEU C 436 -18.92 19.39 -47.38
CA LEU C 436 -19.81 18.66 -48.29
C LEU C 436 -21.26 19.08 -48.10
N VAL C 437 -21.69 19.23 -46.85
CA VAL C 437 -23.09 19.54 -46.58
C VAL C 437 -23.45 20.90 -47.15
N GLU C 438 -22.57 21.90 -46.98
CA GLU C 438 -22.85 23.21 -47.53
C GLU C 438 -22.58 23.28 -49.02
N LEU C 439 -21.97 22.27 -49.62
CA LEU C 439 -21.74 22.30 -51.07
C LEU C 439 -22.84 21.59 -51.85
N HIS C 440 -23.15 20.33 -51.51
CA HIS C 440 -24.13 19.54 -52.25
C HIS C 440 -25.48 19.44 -51.55
N ASP C 441 -25.67 20.12 -50.42
CA ASP C 441 -26.95 20.15 -49.72
C ASP C 441 -27.39 18.73 -49.30
N LEU C 442 -26.64 18.16 -48.36
CA LEU C 442 -26.94 16.87 -47.76
C LEU C 442 -27.21 17.04 -46.26
N GLU C 443 -27.33 15.92 -45.57
CA GLU C 443 -27.35 15.86 -44.12
C GLU C 443 -26.10 15.17 -43.61
N ASP C 444 -25.89 15.24 -42.30
CA ASP C 444 -24.65 14.71 -41.72
C ASP C 444 -24.51 13.22 -41.97
N ALA C 445 -25.58 12.46 -41.75
CA ALA C 445 -25.49 11.01 -41.92
C ALA C 445 -25.18 10.64 -43.36
N THR C 446 -25.78 11.35 -44.32
CA THR C 446 -25.51 11.07 -45.71
C THR C 446 -24.04 11.32 -46.06
N ALA C 447 -23.48 12.43 -45.57
CA ALA C 447 -22.08 12.74 -45.86
C ALA C 447 -21.14 11.76 -45.18
N PHE C 448 -21.48 11.34 -43.96
CA PHE C 448 -20.71 10.29 -43.31
C PHE C 448 -20.73 9.01 -44.14
N ALA C 449 -21.89 8.69 -44.71
CA ALA C 449 -21.98 7.53 -45.60
C ALA C 449 -21.09 7.71 -46.82
N VAL C 450 -21.08 8.91 -47.41
CA VAL C 450 -20.21 9.16 -48.55
C VAL C 450 -18.75 8.88 -48.19
N ILE C 451 -18.32 9.40 -47.04
CA ILE C 451 -16.93 9.25 -46.64
C ILE C 451 -16.60 7.77 -46.39
N VAL C 452 -17.47 7.06 -45.69
CA VAL C 452 -17.22 5.64 -45.42
C VAL C 452 -17.15 4.86 -46.72
N ASP C 453 -18.06 5.13 -47.65
CA ASP C 453 -18.04 4.44 -48.94
C ASP C 453 -16.73 4.72 -49.67
N LEU C 454 -16.28 5.98 -49.66
CA LEU C 454 -14.98 6.28 -50.25
C LEU C 454 -13.88 5.44 -49.60
N ALA C 455 -13.96 5.26 -48.28
CA ALA C 455 -12.98 4.44 -47.59
C ALA C 455 -13.01 3.00 -48.09
N ASN C 456 -14.22 2.44 -48.27
CA ASN C 456 -14.36 1.04 -48.68
C ASN C 456 -13.66 0.76 -50.00
N ARG C 457 -13.49 1.76 -50.85
CA ARG C 457 -12.89 1.58 -52.17
C ARG C 457 -11.38 1.74 -52.17
N ASN C 458 -10.76 1.80 -50.99
CA ASN C 458 -9.32 1.95 -50.83
C ASN C 458 -8.79 3.26 -51.38
N LEU C 459 -9.66 4.24 -51.59
CA LEU C 459 -9.25 5.57 -52.01
C LEU C 459 -8.95 6.48 -50.83
N LEU C 460 -9.10 5.98 -49.60
CA LEU C 460 -9.05 6.80 -48.40
C LEU C 460 -8.85 5.93 -47.18
N THR C 461 -8.12 6.42 -46.19
CA THR C 461 -7.83 5.67 -44.97
C THR C 461 -8.51 6.30 -43.76
N LEU C 462 -9.19 5.47 -42.99
CA LEU C 462 -9.71 5.86 -41.69
C LEU C 462 -8.64 5.66 -40.63
N VAL C 463 -8.73 6.43 -39.55
CA VAL C 463 -7.82 6.31 -38.42
C VAL C 463 -8.53 5.54 -37.32
N LYS C 464 -7.79 4.63 -36.67
CA LYS C 464 -8.39 3.76 -35.67
C LYS C 464 -8.86 4.54 -34.46
N ASP C 465 -10.05 4.18 -33.96
CA ASP C 465 -10.63 4.80 -32.78
C ASP C 465 -11.57 3.80 -32.12
N PRO C 466 -11.65 3.80 -30.78
CA PRO C 466 -12.57 2.86 -30.11
C PRO C 466 -14.04 3.13 -30.30
N ARG C 467 -14.45 4.37 -30.62
CA ARG C 467 -15.85 4.70 -30.79
C ARG C 467 -16.13 5.32 -32.15
N PHE C 468 -15.38 4.91 -33.17
CA PHE C 468 -15.51 5.55 -34.48
C PHE C 468 -16.93 5.41 -35.02
N GLY C 469 -17.61 6.55 -35.11
CA GLY C 469 -18.93 6.59 -35.74
C GLY C 469 -20.01 5.85 -35.01
N HIS C 470 -19.91 5.74 -33.69
CA HIS C 470 -20.99 5.19 -32.89
C HIS C 470 -22.12 6.21 -32.77
N MET C 471 -23.23 5.77 -32.17
CA MET C 471 -24.41 6.61 -32.10
C MET C 471 -24.20 7.76 -31.13
N TYR C 472 -24.52 8.98 -31.57
CA TYR C 472 -24.49 10.22 -30.81
C TYR C 472 -23.08 10.77 -30.56
N THR C 473 -22.05 10.14 -31.08
CA THR C 473 -20.69 10.62 -30.87
C THR C 473 -20.35 11.70 -31.89
N SER C 474 -19.25 12.41 -31.62
CA SER C 474 -18.89 13.59 -32.39
C SER C 474 -17.98 13.24 -33.54
N TYR C 475 -17.76 14.22 -34.42
CA TYR C 475 -16.97 14.04 -35.62
C TYR C 475 -15.69 14.85 -35.65
N TYR C 476 -15.48 15.75 -34.71
CA TYR C 476 -14.29 16.61 -34.76
C TYR C 476 -13.06 15.95 -34.17
N ASP C 477 -13.21 14.82 -33.48
CA ASP C 477 -12.09 14.11 -32.88
C ASP C 477 -11.81 12.76 -33.52
N ILE C 478 -12.28 12.51 -34.74
CA ILE C 478 -11.91 11.34 -35.54
C ILE C 478 -11.40 11.84 -36.87
N PHE C 479 -10.52 11.06 -37.50
CA PHE C 479 -9.69 11.56 -38.60
C PHE C 479 -9.70 10.60 -39.78
N VAL C 480 -9.20 11.10 -40.91
CA VAL C 480 -8.98 10.33 -42.12
C VAL C 480 -7.61 10.72 -42.68
N THR C 481 -7.07 9.86 -43.54
CA THR C 481 -5.77 10.10 -44.15
C THR C 481 -5.81 9.66 -45.61
N GLN C 482 -5.02 10.33 -46.45
CA GLN C 482 -4.98 10.08 -47.88
C GLN C 482 -3.54 9.89 -48.33
N HIS C 483 -3.31 8.86 -49.14
CA HIS C 483 -1.98 8.58 -49.63
C HIS C 483 -1.53 9.65 -50.62
N ASP C 484 -0.21 9.88 -50.67
CA ASP C 484 0.32 11.01 -51.42
C ASP C 484 -0.08 10.96 -52.89
N VAL C 485 -0.02 9.78 -53.49
CA VAL C 485 -0.32 9.65 -54.93
C VAL C 485 -1.76 10.04 -55.21
N LEU C 486 -2.69 9.63 -54.35
CA LEU C 486 -4.09 10.00 -54.54
C LEU C 486 -4.27 11.50 -54.48
N ARG C 487 -3.61 12.16 -53.52
CA ARG C 487 -3.68 13.62 -53.45
C ARG C 487 -3.11 14.26 -54.70
N ASP C 488 -2.02 13.70 -55.24
CA ASP C 488 -1.46 14.24 -56.47
C ASP C 488 -2.45 14.14 -57.62
N VAL C 489 -3.12 13.00 -57.73
CA VAL C 489 -4.13 12.82 -58.78
C VAL C 489 -5.24 13.85 -58.62
N ALA C 490 -5.72 14.02 -57.40
CA ALA C 490 -6.80 14.99 -57.16
C ALA C 490 -6.36 16.40 -57.53
N LEU C 491 -5.13 16.77 -57.14
CA LEU C 491 -4.64 18.11 -57.44
C LEU C 491 -4.53 18.34 -58.93
N ARG C 492 -4.02 17.35 -59.67
CA ARG C 492 -3.96 17.49 -61.13
C ARG C 492 -5.35 17.60 -61.74
N LEU C 493 -6.30 16.79 -61.25
CA LEU C 493 -7.64 16.84 -61.82
C LEU C 493 -8.29 18.20 -61.60
N SER C 494 -8.16 18.76 -60.39
CA SER C 494 -8.85 20.01 -60.08
C SER C 494 -8.20 21.20 -60.76
N ASN C 495 -6.91 21.11 -61.10
CA ASN C 495 -6.15 22.23 -61.65
C ASN C 495 -5.99 22.16 -63.16
N HIS C 496 -7.01 21.72 -63.87
CA HIS C 496 -6.96 21.57 -65.32
C HIS C 496 -7.69 22.73 -66.01
N GLY C 497 -7.03 23.31 -67.01
CA GLY C 497 -7.64 24.37 -67.79
C GLY C 497 -7.28 25.76 -67.32
N LYS C 498 -7.98 26.74 -67.89
CA LYS C 498 -7.76 28.13 -67.54
C LYS C 498 -8.07 28.38 -66.07
N VAL C 499 -7.40 29.39 -65.51
CA VAL C 499 -7.52 29.65 -64.07
C VAL C 499 -8.92 30.17 -63.74
N ASN C 500 -9.44 31.08 -64.56
CA ASN C 500 -10.70 31.73 -64.23
C ASN C 500 -11.86 30.73 -64.24
N ASN C 501 -11.87 29.80 -65.18
CA ASN C 501 -13.01 28.91 -65.35
C ASN C 501 -12.89 27.61 -64.56
N ARG C 502 -11.93 27.49 -63.66
CA ARG C 502 -11.84 26.29 -62.84
C ARG C 502 -13.02 26.21 -61.88
N GLU C 503 -13.32 24.99 -61.45
CA GLU C 503 -14.30 24.81 -60.38
C GLU C 503 -13.69 25.05 -59.01
N ARG C 504 -12.46 24.57 -58.80
CA ARG C 504 -11.78 24.66 -57.51
C ARG C 504 -10.46 25.38 -57.69
N LEU C 505 -10.19 26.36 -56.84
CA LEU C 505 -8.91 27.07 -56.81
C LEU C 505 -8.15 26.56 -55.59
N LEU C 506 -7.07 25.80 -55.85
CA LEU C 506 -6.31 25.15 -54.79
C LEU C 506 -4.84 25.47 -54.95
N MET C 507 -4.15 25.60 -53.83
CA MET C 507 -2.70 25.79 -53.82
C MET C 507 -2.02 24.50 -53.40
N PRO C 508 -1.21 23.88 -54.27
CA PRO C 508 -0.69 22.54 -53.93
C PRO C 508 0.19 22.52 -52.69
N LYS C 509 0.93 23.58 -52.40
CA LYS C 509 1.92 23.54 -51.33
C LYS C 509 2.07 24.90 -50.67
N ARG C 510 2.77 24.92 -49.52
CA ARG C 510 3.06 26.16 -48.78
C ARG C 510 4.02 27.02 -49.56
N GLU C 511 3.70 28.30 -49.70
CA GLU C 511 4.52 29.27 -50.38
C GLU C 511 4.44 30.60 -49.65
N SER C 512 5.42 31.46 -49.91
CA SER C 512 5.46 32.75 -49.21
C SER C 512 4.28 33.64 -49.60
N MET C 513 3.96 33.72 -50.89
CA MET C 513 2.91 34.61 -51.37
C MET C 513 2.03 33.84 -52.35
N LEU C 514 0.91 34.47 -52.72
CA LEU C 514 -0.03 33.82 -53.62
C LEU C 514 0.60 33.60 -54.99
N PRO C 515 0.16 32.57 -55.72
CA PRO C 515 0.74 32.32 -57.04
C PRO C 515 0.51 33.47 -58.00
N ARG C 516 1.51 33.71 -58.87
CA ARG C 516 1.46 34.82 -59.82
C ARG C 516 0.37 34.66 -60.86
N GLU C 517 -0.06 33.42 -61.15
CA GLU C 517 -1.07 33.21 -62.17
C GLU C 517 -2.39 33.88 -61.78
N TRP C 518 -2.74 33.83 -60.50
CA TRP C 518 -3.99 34.43 -60.05
C TRP C 518 -4.00 35.94 -60.28
N GLU C 519 -2.89 36.61 -60.02
CA GLU C 519 -2.85 38.05 -60.21
C GLU C 519 -2.75 38.41 -61.69
N ARG C 520 -2.06 37.59 -62.47
CA ARG C 520 -1.93 37.89 -63.90
C ARG C 520 -3.30 37.98 -64.56
N ASN C 521 -4.26 37.17 -64.10
CA ASN C 521 -5.57 37.09 -64.73
C ASN C 521 -6.67 37.68 -63.85
N ASN C 522 -6.31 38.53 -62.89
CA ASN C 522 -7.31 39.10 -62.00
C ASN C 522 -8.23 40.10 -62.69
N ASP C 523 -7.93 40.48 -63.94
CA ASP C 523 -8.79 41.40 -64.66
C ASP C 523 -10.20 40.85 -64.84
N GLU C 524 -10.37 39.53 -64.75
CA GLU C 524 -11.66 38.90 -64.93
C GLU C 524 -12.12 38.19 -63.65
N PRO C 525 -13.42 38.09 -63.42
CA PRO C 525 -13.91 37.37 -62.23
C PRO C 525 -13.65 35.87 -62.33
N TYR C 526 -13.66 35.22 -61.17
CA TYR C 526 -13.46 33.79 -61.07
C TYR C 526 -14.78 33.12 -60.74
N LYS C 527 -15.02 31.95 -61.34
CA LYS C 527 -16.26 31.21 -61.16
C LYS C 527 -16.12 30.03 -60.20
N ALA C 528 -15.03 29.96 -59.45
CA ALA C 528 -14.80 28.81 -58.57
C ALA C 528 -15.76 28.85 -57.39
N ARG C 529 -16.09 27.66 -56.88
CA ARG C 529 -16.86 27.52 -55.65
C ARG C 529 -16.02 27.08 -54.46
N VAL C 530 -14.76 26.73 -54.67
CA VAL C 530 -13.85 26.34 -53.59
C VAL C 530 -12.54 27.09 -53.77
N VAL C 531 -12.07 27.72 -52.69
CA VAL C 531 -10.78 28.39 -52.67
C VAL C 531 -10.01 27.88 -51.47
N SER C 532 -8.76 27.47 -51.69
CA SER C 532 -7.89 26.99 -50.64
C SER C 532 -6.54 27.68 -50.77
N ILE C 533 -6.07 28.36 -49.75
CA ILE C 533 -4.78 29.09 -49.79
C ILE C 533 -3.93 28.54 -48.65
N HIS C 534 -2.72 28.09 -48.89
CA HIS C 534 -1.78 27.59 -47.86
C HIS C 534 -0.51 28.42 -47.92
N THR C 535 -0.35 29.39 -47.04
CA THR C 535 0.80 30.30 -47.06
C THR C 535 1.43 30.36 -45.72
N GLY C 536 2.41 31.23 -45.52
CA GLY C 536 2.99 31.54 -44.23
C GLY C 536 2.38 32.82 -43.67
N GLU C 537 3.17 33.65 -43.01
CA GLU C 537 2.68 34.93 -42.52
C GLU C 537 2.26 35.82 -43.68
N MET C 538 1.17 36.55 -43.50
CA MET C 538 0.67 37.48 -44.50
C MET C 538 0.47 38.85 -43.88
N THR C 539 0.65 39.89 -44.68
CA THR C 539 0.52 41.28 -44.26
C THR C 539 -0.45 41.99 -45.19
N GLN C 540 -1.01 43.11 -44.70
CA GLN C 540 -2.07 43.79 -45.43
C GLN C 540 -1.66 44.14 -46.85
N MET C 541 -0.37 44.36 -47.09
CA MET C 541 0.11 44.68 -48.44
C MET C 541 0.40 43.45 -49.28
N ASP C 542 0.33 42.25 -48.71
CA ASP C 542 0.56 41.03 -49.48
C ASP C 542 -0.64 40.61 -50.30
N TRP C 543 -1.82 41.15 -50.00
CA TRP C 543 -3.05 40.75 -50.66
C TRP C 543 -3.34 41.68 -51.84
N PHE C 544 -3.97 41.15 -52.87
CA PHE C 544 -4.50 41.95 -53.96
C PHE C 544 -5.97 41.58 -54.20
N ASP C 545 -6.70 42.52 -54.81
CA ASP C 545 -8.13 42.37 -54.99
C ASP C 545 -8.45 41.16 -55.85
N MET C 546 -9.57 40.49 -55.53
CA MET C 546 -10.06 39.35 -56.29
C MET C 546 -11.58 39.30 -56.19
N GLU C 547 -12.24 39.12 -57.33
CA GLU C 547 -13.69 39.01 -57.38
C GLU C 547 -14.08 37.54 -57.46
N LEU C 548 -14.89 37.09 -56.50
CA LEU C 548 -15.32 35.70 -56.42
C LEU C 548 -16.83 35.64 -56.21
N PRO C 549 -17.61 35.93 -57.26
CA PRO C 549 -19.07 35.91 -57.11
C PRO C 549 -19.64 34.55 -56.74
N LYS C 550 -19.00 33.46 -57.15
CA LYS C 550 -19.58 32.13 -57.01
C LYS C 550 -18.97 31.33 -55.86
N ALA C 551 -18.02 31.89 -55.11
CA ALA C 551 -17.37 31.12 -54.06
C ALA C 551 -18.36 30.78 -52.95
N GLU C 552 -18.33 29.53 -52.51
CA GLU C 552 -19.20 29.05 -51.44
C GLU C 552 -18.45 28.63 -50.18
N VAL C 553 -17.20 28.20 -50.30
CA VAL C 553 -16.40 27.76 -49.17
C VAL C 553 -15.00 28.35 -49.32
N LEU C 554 -14.41 28.77 -48.21
CA LEU C 554 -13.05 29.30 -48.19
C LEU C 554 -12.27 28.60 -47.09
N ILE C 555 -11.09 28.10 -47.44
CA ILE C 555 -10.21 27.39 -46.51
C ILE C 555 -8.87 28.10 -46.49
N LEU C 556 -8.36 28.37 -45.30
CA LEU C 556 -7.09 29.06 -45.12
C LEU C 556 -6.21 28.28 -44.16
N HIS C 557 -4.98 28.01 -44.56
CA HIS C 557 -3.98 27.37 -43.71
C HIS C 557 -2.75 28.27 -43.63
N PHE C 558 -2.27 28.51 -42.40
CA PHE C 558 -1.08 29.32 -42.20
C PHE C 558 -0.40 28.85 -40.92
N SER C 559 0.85 29.25 -40.76
CA SER C 559 1.64 28.88 -39.59
C SER C 559 2.49 30.09 -39.18
N SER C 560 1.97 30.88 -38.25
CA SER C 560 2.67 32.07 -37.76
C SER C 560 1.96 32.54 -36.49
N ASP C 561 2.34 33.72 -36.01
CA ASP C 561 1.73 34.30 -34.82
C ASP C 561 0.89 35.53 -35.11
N LYS C 562 0.97 36.09 -36.31
CA LYS C 562 0.14 37.21 -36.72
C LYS C 562 -0.34 36.97 -38.15
N TYR C 563 -1.57 37.37 -38.43
CA TYR C 563 -2.17 37.13 -39.73
C TYR C 563 -3.27 38.16 -39.98
N VAL C 564 -3.34 38.65 -41.21
CA VAL C 564 -4.35 39.61 -41.63
C VAL C 564 -5.26 38.95 -42.65
N LEU C 565 -6.57 38.94 -42.37
CA LEU C 565 -7.52 38.30 -43.25
C LEU C 565 -7.53 39.01 -44.61
N PRO C 566 -7.71 38.30 -45.71
CA PRO C 566 -7.75 38.97 -47.02
C PRO C 566 -8.92 39.92 -47.12
N PRO C 567 -8.76 41.07 -47.77
CA PRO C 567 -9.85 42.05 -47.81
C PRO C 567 -10.94 41.72 -48.81
N PHE C 568 -10.77 40.72 -49.67
CA PHE C 568 -11.78 40.42 -50.69
C PHE C 568 -12.95 39.62 -50.14
N ILE C 569 -12.93 39.25 -48.86
CA ILE C 569 -14.03 38.49 -48.28
C ILE C 569 -15.32 39.30 -48.31
N ALA C 570 -15.22 40.61 -48.05
CA ALA C 570 -16.42 41.44 -47.97
C ALA C 570 -17.20 41.48 -49.26
N LYS C 571 -16.55 41.17 -50.38
CA LYS C 571 -17.23 41.08 -51.68
C LYS C 571 -17.57 39.65 -52.07
N MET C 572 -17.44 38.70 -51.14
CA MET C 572 -17.89 37.33 -51.37
C MET C 572 -19.37 37.26 -51.01
N GLY C 573 -20.22 37.42 -52.03
CA GLY C 573 -21.65 37.47 -51.80
C GLY C 573 -22.32 36.12 -51.57
N LYS C 574 -21.60 35.01 -51.74
CA LYS C 574 -22.19 33.69 -51.63
C LYS C 574 -21.39 32.77 -50.69
N LEU C 575 -20.70 33.34 -49.72
CA LEU C 575 -19.86 32.54 -48.83
C LEU C 575 -20.70 31.98 -47.69
N THR C 576 -20.66 30.65 -47.53
CA THR C 576 -21.52 29.96 -46.57
C THR C 576 -20.75 29.23 -45.48
N ALA C 577 -19.49 28.88 -45.70
CA ALA C 577 -18.67 28.21 -44.71
C ALA C 577 -17.24 28.73 -44.78
N LEU C 578 -16.66 28.99 -43.62
CA LEU C 578 -15.33 29.59 -43.51
C LEU C 578 -14.48 28.74 -42.57
N VAL C 579 -13.27 28.40 -43.01
CA VAL C 579 -12.35 27.55 -42.26
C VAL C 579 -11.00 28.25 -42.16
N ILE C 580 -10.55 28.49 -40.93
CA ILE C 580 -9.29 29.16 -40.66
C ILE C 580 -8.50 28.30 -39.68
N ILE C 581 -7.36 27.78 -40.12
CA ILE C 581 -6.57 26.84 -39.33
C ILE C 581 -5.14 27.35 -39.23
N ASN C 582 -4.63 27.44 -38.01
CA ASN C 582 -3.24 27.80 -37.74
C ASN C 582 -2.50 26.54 -37.30
N ASN C 583 -1.35 26.28 -37.94
CA ASN C 583 -0.53 25.13 -37.63
C ASN C 583 0.60 25.44 -36.66
N GLY C 584 0.78 26.71 -36.29
CA GLY C 584 1.91 27.10 -35.49
C GLY C 584 1.81 26.63 -34.05
N MET C 585 2.92 26.79 -33.33
CA MET C 585 3.03 26.26 -31.99
C MET C 585 2.48 27.21 -30.92
N SER C 586 2.19 28.45 -31.28
CA SER C 586 1.58 29.42 -30.38
C SER C 586 0.38 30.05 -31.06
N PRO C 587 -0.63 30.47 -30.30
CA PRO C 587 -1.83 31.04 -30.92
C PRO C 587 -1.50 32.29 -31.72
N ALA C 588 -2.23 32.46 -32.83
CA ALA C 588 -2.08 33.59 -33.72
C ALA C 588 -3.17 34.63 -33.45
N ARG C 589 -2.89 35.86 -33.83
CA ARG C 589 -3.82 36.97 -33.67
C ARG C 589 -4.29 37.44 -35.04
N LEU C 590 -5.61 37.48 -35.25
CA LEU C 590 -6.20 37.86 -36.52
C LEU C 590 -6.59 39.33 -36.48
N HIS C 591 -6.22 40.07 -37.52
CA HIS C 591 -6.47 41.50 -37.61
C HIS C 591 -7.53 41.80 -38.67
N ASP C 592 -8.12 42.99 -38.56
CA ASP C 592 -9.18 43.42 -39.48
C ASP C 592 -10.34 42.44 -39.47
N PHE C 593 -10.77 42.08 -38.25
CA PHE C 593 -11.84 41.12 -38.03
C PHE C 593 -13.21 41.71 -38.33
N SER C 594 -13.28 43.00 -38.68
CA SER C 594 -14.56 43.67 -38.90
C SER C 594 -15.28 43.15 -40.15
N ILE C 595 -14.61 42.38 -41.00
CA ILE C 595 -15.26 41.83 -42.18
C ILE C 595 -16.43 40.94 -41.78
N PHE C 596 -16.35 40.32 -40.60
CA PHE C 596 -17.40 39.45 -40.10
C PHE C 596 -18.71 40.20 -39.83
N THR C 597 -18.66 41.53 -39.77
CA THR C 597 -19.87 42.30 -39.52
C THR C 597 -20.88 42.12 -40.65
N ASN C 598 -20.40 42.04 -41.88
CA ASN C 598 -21.26 41.93 -43.05
C ASN C 598 -21.49 40.49 -43.49
N LEU C 599 -20.91 39.51 -42.81
CA LEU C 599 -21.09 38.09 -43.15
C LEU C 599 -22.45 37.65 -42.62
N ALA C 600 -23.50 38.12 -43.29
CA ALA C 600 -24.86 37.77 -42.89
C ALA C 600 -25.24 36.37 -43.31
N LYS C 601 -24.61 35.84 -44.36
CA LYS C 601 -25.02 34.57 -44.95
C LYS C 601 -24.19 33.38 -44.49
N LEU C 602 -23.30 33.55 -43.52
CA LEU C 602 -22.52 32.41 -43.03
C LEU C 602 -23.42 31.43 -42.30
N LYS C 603 -23.12 30.14 -42.46
CA LYS C 603 -23.83 29.08 -41.73
C LYS C 603 -22.92 28.24 -40.84
N SER C 604 -21.61 28.24 -41.08
CA SER C 604 -20.66 27.51 -40.24
C SER C 604 -19.35 28.26 -40.19
N LEU C 605 -18.62 28.08 -39.09
CA LEU C 605 -17.33 28.75 -38.89
C LEU C 605 -16.43 27.86 -38.05
N TRP C 606 -15.21 27.65 -38.53
CA TRP C 606 -14.22 26.81 -37.86
C TRP C 606 -12.98 27.63 -37.58
N LEU C 607 -12.55 27.67 -36.32
CA LEU C 607 -11.36 28.39 -35.92
C LEU C 607 -10.47 27.46 -35.11
N GLN C 608 -9.15 27.58 -35.30
CA GLN C 608 -8.21 26.63 -34.71
C GLN C 608 -6.89 27.32 -34.40
N ARG C 609 -6.51 27.30 -33.12
CA ARG C 609 -5.21 27.80 -32.66
C ARG C 609 -5.08 29.30 -32.91
N VAL C 610 -6.08 30.06 -32.48
CA VAL C 610 -6.13 31.50 -32.69
C VAL C 610 -6.64 32.19 -31.43
N HIS C 611 -6.45 33.52 -31.38
CA HIS C 611 -7.02 34.33 -30.33
C HIS C 611 -8.46 34.70 -30.67
N VAL C 612 -9.40 34.22 -29.87
CA VAL C 612 -10.82 34.49 -30.10
C VAL C 612 -11.06 35.99 -30.01
N PRO C 613 -11.75 36.61 -30.96
CA PRO C 613 -11.92 38.07 -30.92
C PRO C 613 -12.67 38.50 -29.67
N GLU C 614 -12.29 39.66 -29.14
CA GLU C 614 -12.96 40.23 -27.98
C GLU C 614 -14.33 40.74 -28.39
N LEU C 615 -15.34 39.89 -28.24
CA LEU C 615 -16.71 40.26 -28.60
C LEU C 615 -17.18 41.41 -27.73
N SER C 616 -17.94 42.33 -28.33
CA SER C 616 -18.46 43.50 -27.64
C SER C 616 -19.94 43.66 -27.95
N SER C 617 -20.57 44.58 -27.23
CA SER C 617 -22.00 44.84 -27.41
C SER C 617 -22.32 45.51 -28.73
N SER C 618 -21.33 46.08 -29.41
CA SER C 618 -21.53 46.74 -30.69
C SER C 618 -21.25 45.81 -31.88
N THR C 619 -21.11 44.51 -31.64
CA THR C 619 -20.87 43.57 -32.72
C THR C 619 -22.14 43.40 -33.56
N VAL C 620 -21.94 43.17 -34.85
CA VAL C 620 -23.08 42.98 -35.76
C VAL C 620 -23.51 41.52 -35.71
N PRO C 621 -24.77 41.23 -35.37
CA PRO C 621 -25.18 39.83 -35.19
C PRO C 621 -25.06 39.02 -36.48
N LEU C 622 -24.66 37.77 -36.31
CA LEU C 622 -24.63 36.78 -37.39
C LEU C 622 -25.98 36.09 -37.39
N GLN C 623 -26.82 36.44 -38.36
CA GLN C 623 -28.22 36.03 -38.33
C GLN C 623 -28.46 34.64 -38.92
N ASN C 624 -27.47 34.05 -39.58
CA ASN C 624 -27.65 32.77 -40.24
C ASN C 624 -26.67 31.70 -39.76
N LEU C 625 -25.79 32.01 -38.82
CA LEU C 625 -24.85 31.01 -38.34
C LEU C 625 -25.60 29.89 -37.61
N HIS C 626 -25.19 28.65 -37.89
CA HIS C 626 -25.79 27.48 -37.25
C HIS C 626 -24.78 26.62 -36.51
N LYS C 627 -23.51 26.68 -36.88
CA LYS C 627 -22.46 25.89 -36.27
C LYS C 627 -21.28 26.79 -35.93
N LEU C 628 -20.61 26.49 -34.82
CA LEU C 628 -19.44 27.26 -34.39
C LEU C 628 -18.53 26.37 -33.58
N SER C 629 -17.25 26.31 -33.97
CA SER C 629 -16.25 25.45 -33.34
C SER C 629 -15.02 26.25 -32.98
N LEU C 630 -14.44 25.95 -31.82
CA LEU C 630 -13.20 26.58 -31.36
C LEU C 630 -12.27 25.49 -30.86
N ILE C 631 -11.21 25.21 -31.60
CA ILE C 631 -10.32 24.09 -31.33
C ILE C 631 -8.95 24.64 -30.96
N PHE C 632 -8.47 24.29 -29.77
CA PHE C 632 -7.15 24.71 -29.31
C PHE C 632 -7.01 26.24 -29.33
N CYS C 633 -8.08 26.93 -28.95
CA CYS C 633 -8.13 28.38 -29.05
C CYS C 633 -7.90 29.02 -27.70
N LYS C 634 -7.42 30.26 -27.72
CA LYS C 634 -7.17 31.05 -26.53
C LYS C 634 -8.30 32.06 -26.36
N ILE C 635 -8.91 32.07 -25.18
CA ILE C 635 -10.11 32.87 -24.93
C ILE C 635 -9.77 34.19 -24.25
N ASN C 636 -8.74 34.22 -23.41
CA ASN C 636 -8.32 35.43 -22.71
C ASN C 636 -9.52 35.94 -21.93
N THR C 637 -9.88 37.22 -22.02
CA THR C 637 -11.06 37.77 -21.38
C THR C 637 -12.16 38.11 -22.38
N SER C 638 -12.13 37.48 -23.57
CA SER C 638 -13.09 37.83 -24.60
C SER C 638 -14.52 37.57 -24.15
N LEU C 639 -14.76 36.43 -23.50
CA LEU C 639 -16.10 36.05 -23.07
C LEU C 639 -16.41 36.46 -21.64
N ASP C 640 -15.48 37.12 -20.95
CA ASP C 640 -15.64 37.48 -19.54
C ASP C 640 -16.28 38.85 -19.35
N GLN C 641 -16.64 39.54 -20.44
CA GLN C 641 -17.23 40.86 -20.31
C GLN C 641 -18.62 40.76 -19.68
N THR C 642 -18.85 41.54 -18.62
CA THR C 642 -20.11 41.45 -17.89
C THR C 642 -21.25 42.10 -18.66
N GLU C 643 -20.97 43.19 -19.38
CA GLU C 643 -21.98 43.88 -20.18
C GLU C 643 -22.24 43.18 -21.51
N LEU C 644 -21.85 41.91 -21.64
CA LEU C 644 -22.00 41.17 -22.87
C LEU C 644 -23.29 40.35 -22.81
N ASP C 645 -24.12 40.45 -23.84
CA ASP C 645 -25.33 39.64 -23.97
C ASP C 645 -25.15 38.77 -25.21
N ILE C 646 -24.60 37.57 -25.02
CA ILE C 646 -24.22 36.72 -26.14
C ILE C 646 -25.45 36.29 -26.94
N ALA C 647 -26.60 36.16 -26.28
CA ALA C 647 -27.78 35.65 -26.98
C ALA C 647 -28.20 36.56 -28.13
N GLN C 648 -27.87 37.84 -28.04
CA GLN C 648 -28.27 38.77 -29.10
C GLN C 648 -27.53 38.49 -30.40
N ILE C 649 -26.27 38.10 -30.32
CA ILE C 649 -25.45 37.95 -31.51
C ILE C 649 -25.87 36.74 -32.32
N PHE C 650 -26.17 35.62 -31.65
CA PHE C 650 -26.42 34.34 -32.29
C PHE C 650 -27.90 33.98 -32.12
N PRO C 651 -28.79 34.58 -32.92
CA PRO C 651 -30.22 34.30 -32.74
C PRO C 651 -30.64 32.90 -33.14
N LYS C 652 -29.83 32.17 -33.91
CA LYS C 652 -30.24 30.85 -34.40
C LYS C 652 -29.10 29.83 -34.36
N LEU C 653 -28.16 29.97 -33.43
CA LEU C 653 -27.11 28.97 -33.29
C LEU C 653 -27.66 27.70 -32.65
N SER C 654 -27.34 26.56 -33.25
CA SER C 654 -27.84 25.27 -32.79
C SER C 654 -26.75 24.30 -32.32
N ASP C 655 -25.49 24.55 -32.65
CA ASP C 655 -24.38 23.66 -32.30
C ASP C 655 -23.20 24.49 -31.83
N LEU C 656 -22.58 24.06 -30.73
CA LEU C 656 -21.42 24.76 -30.17
C LEU C 656 -20.38 23.75 -29.71
N THR C 657 -19.12 23.98 -30.08
CA THR C 657 -18.00 23.14 -29.70
C THR C 657 -16.86 24.00 -29.17
N ILE C 658 -16.38 23.67 -27.99
CA ILE C 658 -15.18 24.28 -27.41
C ILE C 658 -14.31 23.13 -26.92
N ASP C 659 -13.11 22.99 -27.49
CA ASP C 659 -12.28 21.82 -27.28
C ASP C 659 -10.84 22.24 -27.04
N HIS C 660 -10.19 21.58 -26.07
CA HIS C 660 -8.76 21.79 -25.79
C HIS C 660 -8.46 23.26 -25.49
N CYS C 661 -9.15 23.82 -24.50
CA CYS C 661 -8.98 25.20 -24.10
C CYS C 661 -8.49 25.23 -22.66
N ASP C 662 -7.25 25.64 -22.46
CA ASP C 662 -6.61 25.50 -21.15
C ASP C 662 -6.91 26.67 -20.22
N ASP C 663 -7.18 27.85 -20.75
CA ASP C 663 -7.41 29.03 -19.91
C ASP C 663 -8.90 29.31 -19.66
N LEU C 664 -9.79 28.43 -20.10
CA LEU C 664 -11.21 28.55 -19.80
C LEU C 664 -11.42 28.15 -18.34
N LEU C 665 -11.92 29.09 -17.54
CA LEU C 665 -12.15 28.84 -16.11
C LEU C 665 -13.63 28.78 -15.75
N GLU C 666 -14.50 29.33 -16.57
CA GLU C 666 -15.93 29.26 -16.36
C GLU C 666 -16.62 29.67 -17.65
N LEU C 667 -17.89 29.33 -17.76
CA LEU C 667 -18.61 29.75 -18.95
C LEU C 667 -19.32 31.08 -18.70
N PRO C 668 -19.42 31.96 -19.70
CA PRO C 668 -20.25 33.15 -19.52
C PRO C 668 -21.70 32.76 -19.27
N SER C 669 -22.34 33.46 -18.33
CA SER C 669 -23.68 33.08 -17.90
C SER C 669 -24.73 33.34 -18.97
N THR C 670 -24.40 34.11 -20.01
CA THR C 670 -25.37 34.43 -21.06
C THR C 670 -25.49 33.33 -22.10
N ILE C 671 -24.61 32.33 -22.09
CA ILE C 671 -24.72 31.23 -23.04
C ILE C 671 -26.04 30.50 -22.87
N CYS C 672 -26.60 30.53 -21.65
CA CYS C 672 -27.91 29.92 -21.42
C CYS C 672 -29.03 30.70 -22.08
N GLY C 673 -28.76 31.93 -22.55
CA GLY C 673 -29.77 32.70 -23.23
C GLY C 673 -29.99 32.35 -24.68
N ILE C 674 -29.18 31.45 -25.24
CA ILE C 674 -29.34 30.99 -26.61
C ILE C 674 -30.34 29.83 -26.60
N THR C 675 -31.59 30.12 -26.96
CA THR C 675 -32.66 29.13 -26.82
C THR C 675 -32.69 28.14 -27.97
N SER C 676 -31.95 28.38 -29.05
CA SER C 676 -31.97 27.49 -30.20
C SER C 676 -30.91 26.41 -30.11
N LEU C 677 -30.17 26.31 -29.00
CA LEU C 677 -29.08 25.35 -28.90
C LEU C 677 -29.63 23.93 -28.76
N ASN C 678 -29.11 23.01 -29.59
CA ASN C 678 -29.49 21.61 -29.55
C ASN C 678 -28.43 20.69 -28.96
N SER C 679 -27.15 21.03 -29.07
CA SER C 679 -26.09 20.20 -28.55
C SER C 679 -24.92 21.08 -28.11
N ILE C 680 -24.28 20.68 -27.01
CA ILE C 680 -23.15 21.39 -26.44
C ILE C 680 -22.02 20.40 -26.20
N SER C 681 -20.81 20.76 -26.64
CA SER C 681 -19.61 19.97 -26.40
C SER C 681 -18.58 20.87 -25.74
N ILE C 682 -18.22 20.57 -24.49
CA ILE C 682 -17.12 21.23 -23.80
C ILE C 682 -16.20 20.12 -23.34
N THR C 683 -15.14 19.87 -24.08
CA THR C 683 -14.31 18.69 -23.89
C THR C 683 -12.84 19.09 -23.77
N ASN C 684 -12.08 18.28 -23.03
CA ASN C 684 -10.65 18.48 -22.85
C ASN C 684 -10.35 19.90 -22.35
N CYS C 685 -11.15 20.36 -21.39
CA CYS C 685 -10.98 21.66 -20.76
C CYS C 685 -10.64 21.38 -19.30
N PRO C 686 -9.35 21.34 -18.95
CA PRO C 686 -8.97 20.73 -17.66
C PRO C 686 -9.20 21.62 -16.45
N ARG C 687 -9.41 22.92 -16.61
CA ARG C 687 -9.49 23.83 -15.47
C ARG C 687 -10.90 24.31 -15.17
N ILE C 688 -11.87 24.08 -16.05
CA ILE C 688 -13.26 24.37 -15.74
C ILE C 688 -13.69 23.54 -14.54
N LYS C 689 -14.34 24.19 -13.56
CA LYS C 689 -14.68 23.55 -12.30
C LYS C 689 -16.18 23.46 -12.03
N GLU C 690 -16.99 24.28 -12.69
CA GLU C 690 -18.44 24.20 -12.52
C GLU C 690 -19.12 24.77 -13.76
N LEU C 691 -20.38 24.41 -13.91
CA LEU C 691 -21.19 24.85 -15.04
C LEU C 691 -22.20 25.90 -14.58
N PRO C 692 -22.65 26.77 -15.49
CA PRO C 692 -23.59 27.82 -15.08
C PRO C 692 -24.89 27.24 -14.54
N LYS C 693 -25.51 27.97 -13.61
CA LYS C 693 -26.67 27.48 -12.90
C LYS C 693 -27.99 27.80 -13.58
N ASN C 694 -27.94 28.43 -14.77
CA ASN C 694 -29.13 28.75 -15.53
C ASN C 694 -29.37 27.77 -16.68
N LEU C 695 -28.78 26.56 -16.59
CA LEU C 695 -28.88 25.61 -17.68
C LEU C 695 -30.31 25.19 -17.97
N SER C 696 -31.23 25.36 -17.02
CA SER C 696 -32.60 24.91 -17.23
C SER C 696 -33.30 25.68 -18.34
N LYS C 697 -32.74 26.81 -18.77
CA LYS C 697 -33.35 27.58 -19.85
C LYS C 697 -33.20 26.90 -21.22
N LEU C 698 -32.14 26.13 -21.42
CA LEU C 698 -31.86 25.51 -22.71
C LEU C 698 -32.81 24.34 -22.94
N LYS C 699 -34.03 24.68 -23.34
CA LYS C 699 -35.08 23.69 -23.47
C LYS C 699 -34.92 22.79 -24.68
N ALA C 700 -34.27 23.26 -25.75
CA ALA C 700 -34.07 22.47 -26.94
C ALA C 700 -32.85 21.57 -26.85
N LEU C 701 -32.07 21.66 -25.78
CA LEU C 701 -30.86 20.86 -25.65
C LEU C 701 -31.21 19.37 -25.62
N GLN C 702 -30.47 18.59 -26.40
CA GLN C 702 -30.65 17.15 -26.48
C GLN C 702 -29.38 16.36 -26.17
N LEU C 703 -28.21 16.90 -26.52
CA LEU C 703 -26.94 16.22 -26.30
C LEU C 703 -26.06 17.09 -25.41
N LEU C 704 -25.31 16.45 -24.51
CA LEU C 704 -24.45 17.16 -23.57
C LEU C 704 -23.18 16.33 -23.36
N ARG C 705 -22.10 16.74 -24.00
CA ARG C 705 -20.81 16.06 -23.88
C ARG C 705 -19.88 16.88 -22.99
N LEU C 706 -19.22 16.21 -22.06
CA LEU C 706 -18.30 16.89 -21.15
C LEU C 706 -17.02 16.11 -20.88
N TYR C 707 -16.65 15.17 -21.73
CA TYR C 707 -15.61 14.21 -21.36
C TYR C 707 -14.25 14.90 -21.28
N ALA C 708 -13.44 14.44 -20.31
CA ALA C 708 -12.06 14.88 -20.11
C ALA C 708 -11.97 16.28 -19.51
N CYS C 709 -12.96 16.67 -18.71
CA CYS C 709 -12.86 17.86 -17.88
C CYS C 709 -12.33 17.40 -16.53
N HIS C 710 -11.00 17.40 -16.39
CA HIS C 710 -10.35 16.68 -15.31
C HIS C 710 -10.65 17.27 -13.93
N GLU C 711 -11.19 18.48 -13.85
CA GLU C 711 -11.41 19.14 -12.57
C GLU C 711 -12.88 19.45 -12.31
N LEU C 712 -13.76 19.24 -13.28
CA LEU C 712 -15.19 19.40 -13.03
C LEU C 712 -15.61 18.50 -11.88
N ASN C 713 -16.24 19.10 -10.86
CA ASN C 713 -16.49 18.41 -9.61
C ASN C 713 -17.95 18.04 -9.39
N SER C 714 -18.88 18.60 -10.15
CA SER C 714 -20.27 18.22 -10.03
C SER C 714 -21.04 18.70 -11.25
N LEU C 715 -22.25 18.16 -11.41
CA LEU C 715 -23.17 18.64 -12.44
C LEU C 715 -24.24 19.52 -11.80
N PRO C 716 -24.63 20.63 -12.43
CA PRO C 716 -25.63 21.49 -11.78
C PRO C 716 -26.94 20.76 -11.55
N VAL C 717 -27.62 21.12 -10.47
CA VAL C 717 -28.87 20.47 -10.11
C VAL C 717 -29.99 20.80 -11.08
N GLU C 718 -29.79 21.78 -11.96
CA GLU C 718 -30.83 22.17 -12.91
C GLU C 718 -30.96 21.20 -14.07
N ILE C 719 -30.01 20.28 -14.24
CA ILE C 719 -30.05 19.39 -15.39
C ILE C 719 -31.31 18.52 -15.37
N CYS C 720 -31.88 18.30 -14.18
CA CYS C 720 -33.05 17.45 -14.06
C CYS C 720 -34.32 18.08 -14.61
N GLU C 721 -34.28 19.34 -15.02
CA GLU C 721 -35.45 20.00 -15.57
C GLU C 721 -35.48 20.03 -17.09
N LEU C 722 -34.42 19.60 -17.76
CA LEU C 722 -34.38 19.70 -19.21
C LEU C 722 -35.35 18.70 -19.84
N PRO C 723 -36.28 19.15 -20.68
CA PRO C 723 -37.34 18.24 -21.15
C PRO C 723 -37.02 17.44 -22.41
N ARG C 724 -35.84 17.62 -23.01
CA ARG C 724 -35.50 16.90 -24.25
C ARG C 724 -34.11 16.25 -24.19
N LEU C 725 -33.42 16.31 -23.06
CA LEU C 725 -32.09 15.72 -22.98
C LEU C 725 -32.13 14.23 -23.29
N LYS C 726 -31.17 13.76 -24.08
CA LYS C 726 -31.12 12.38 -24.54
C LYS C 726 -29.82 11.66 -24.22
N TYR C 727 -28.70 12.38 -24.17
CA TYR C 727 -27.38 11.76 -24.14
C TYR C 727 -26.47 12.56 -23.22
N VAL C 728 -25.75 11.86 -22.34
CA VAL C 728 -24.78 12.47 -21.43
C VAL C 728 -23.49 11.69 -21.52
N ASP C 729 -22.37 12.40 -21.70
CA ASP C 729 -21.05 11.81 -21.79
C ASP C 729 -20.16 12.49 -20.75
N ILE C 730 -19.76 11.74 -19.71
CA ILE C 730 -18.93 12.29 -18.65
C ILE C 730 -17.71 11.41 -18.44
N SER C 731 -17.25 10.76 -19.50
CA SER C 731 -16.10 9.87 -19.37
C SER C 731 -14.81 10.66 -19.18
N GLN C 732 -13.87 10.06 -18.43
CA GLN C 732 -12.61 10.69 -18.07
C GLN C 732 -12.80 11.92 -17.19
N CYS C 733 -13.86 11.95 -16.40
CA CYS C 733 -14.10 13.02 -15.43
C CYS C 733 -13.66 12.50 -14.07
N VAL C 734 -12.36 12.64 -13.77
CA VAL C 734 -11.77 11.99 -12.60
C VAL C 734 -12.02 12.75 -11.29
N SER C 735 -12.60 13.94 -11.35
CA SER C 735 -12.98 14.68 -10.15
C SER C 735 -14.47 14.61 -9.86
N LEU C 736 -15.26 14.01 -10.74
CA LEU C 736 -16.69 13.88 -10.55
C LEU C 736 -16.97 12.60 -9.75
N SER C 737 -17.80 12.72 -8.71
CA SER C 737 -18.00 11.64 -7.76
C SER C 737 -19.43 11.14 -7.64
N SER C 738 -20.43 12.00 -7.89
CA SER C 738 -21.82 11.59 -7.73
C SER C 738 -22.69 12.36 -8.71
N LEU C 739 -23.85 11.78 -9.01
CA LEU C 739 -24.82 12.37 -9.92
C LEU C 739 -25.87 13.15 -9.15
N PRO C 740 -26.60 14.05 -9.81
CA PRO C 740 -27.71 14.73 -9.13
C PRO C 740 -28.76 13.74 -8.65
N GLU C 741 -29.35 14.03 -7.49
CA GLU C 741 -30.21 13.07 -6.82
C GLU C 741 -31.56 12.94 -7.51
N LYS C 742 -31.94 13.92 -8.34
CA LYS C 742 -33.21 13.90 -9.04
C LYS C 742 -33.07 13.55 -10.51
N ILE C 743 -31.96 12.90 -10.89
CA ILE C 743 -31.72 12.55 -12.29
C ILE C 743 -32.80 11.65 -12.86
N GLY C 744 -33.69 11.11 -12.02
CA GLY C 744 -34.78 10.29 -12.50
C GLY C 744 -35.94 11.07 -13.09
N LYS C 745 -35.85 12.40 -13.12
CA LYS C 745 -36.86 13.22 -13.78
C LYS C 745 -36.69 13.28 -15.29
N VAL C 746 -35.47 13.09 -15.79
CA VAL C 746 -35.21 13.18 -17.22
C VAL C 746 -35.61 11.85 -17.86
N LYS C 747 -36.87 11.76 -18.27
CA LYS C 747 -37.42 10.51 -18.79
C LYS C 747 -37.05 10.26 -20.24
N THR C 748 -36.53 11.25 -20.95
CA THR C 748 -36.14 11.10 -22.34
C THR C 748 -34.72 10.56 -22.50
N LEU C 749 -33.99 10.41 -21.40
CA LEU C 749 -32.60 9.96 -21.47
C LEU C 749 -32.53 8.54 -22.04
N GLU C 750 -31.61 8.33 -22.98
CA GLU C 750 -31.47 7.02 -23.63
C GLU C 750 -30.10 6.39 -23.44
N LYS C 751 -29.04 7.17 -23.29
CA LYS C 751 -27.70 6.62 -23.28
C LYS C 751 -26.82 7.43 -22.34
N ILE C 752 -25.92 6.74 -21.64
CA ILE C 752 -25.00 7.36 -20.69
C ILE C 752 -23.65 6.70 -20.82
N ASP C 753 -22.59 7.50 -20.75
CA ASP C 753 -21.22 7.01 -20.88
C ASP C 753 -20.40 7.49 -19.68
N THR C 754 -19.86 6.56 -18.91
CA THR C 754 -19.09 6.86 -17.70
C THR C 754 -17.79 6.08 -17.68
N ARG C 755 -17.16 5.97 -18.84
CA ARG C 755 -15.88 5.29 -18.98
C ARG C 755 -14.79 6.03 -18.20
N GLU C 756 -14.12 5.33 -17.30
CA GLU C 756 -13.02 5.89 -16.51
C GLU C 756 -13.45 7.08 -15.67
N CYS C 757 -14.70 7.10 -15.22
CA CYS C 757 -15.19 8.13 -14.31
C CYS C 757 -15.06 7.62 -12.87
N SER C 758 -14.96 8.56 -11.93
CA SER C 758 -14.74 8.22 -10.52
C SER C 758 -16.04 8.21 -9.71
N LEU C 759 -17.06 7.50 -10.19
CA LEU C 759 -18.34 7.50 -9.49
C LEU C 759 -18.30 6.52 -8.32
N SER C 760 -18.70 7.00 -7.14
CA SER C 760 -18.75 6.17 -5.95
C SER C 760 -20.12 5.53 -5.75
N SER C 761 -21.16 6.08 -6.38
CA SER C 761 -22.50 5.53 -6.27
C SER C 761 -23.38 6.21 -7.30
N ILE C 762 -24.53 5.60 -7.56
CA ILE C 762 -25.52 6.21 -8.43
C ILE C 762 -26.82 6.35 -7.65
N PRO C 763 -27.62 7.40 -7.88
CA PRO C 763 -28.83 7.60 -7.09
C PRO C 763 -29.86 6.52 -7.35
N ASN C 764 -30.73 6.32 -6.35
CA ASN C 764 -31.81 5.35 -6.48
C ASN C 764 -32.92 5.82 -7.41
N SER C 765 -32.80 7.02 -7.98
CA SER C 765 -33.82 7.53 -8.90
C SER C 765 -33.72 6.92 -10.28
N VAL C 766 -32.52 6.49 -10.71
CA VAL C 766 -32.35 6.03 -12.10
C VAL C 766 -33.21 4.83 -12.42
N VAL C 767 -33.82 4.19 -11.42
CA VAL C 767 -34.76 3.12 -11.68
C VAL C 767 -35.96 3.62 -12.46
N LEU C 768 -36.21 4.92 -12.45
CA LEU C 768 -37.37 5.51 -13.11
C LEU C 768 -37.14 5.86 -14.57
N LEU C 769 -35.92 5.68 -15.08
CA LEU C 769 -35.61 6.01 -16.47
C LEU C 769 -36.04 4.88 -17.40
N THR C 770 -37.26 4.97 -17.93
CA THR C 770 -37.82 3.86 -18.69
C THR C 770 -37.21 3.76 -20.08
N SER C 771 -36.73 4.87 -20.64
CA SER C 771 -36.25 4.88 -22.02
C SER C 771 -34.79 4.49 -22.16
N LEU C 772 -34.09 4.21 -21.06
CA LEU C 772 -32.67 3.91 -21.14
C LEU C 772 -32.44 2.64 -21.96
N ARG C 773 -31.45 2.68 -22.83
CA ARG C 773 -31.15 1.55 -23.71
C ARG C 773 -29.71 1.08 -23.65
N HIS C 774 -28.75 1.99 -23.43
CA HIS C 774 -27.34 1.64 -23.45
C HIS C 774 -26.60 2.38 -22.34
N VAL C 775 -25.76 1.65 -21.61
CA VAL C 775 -24.92 2.22 -20.56
C VAL C 775 -23.52 1.63 -20.71
N ILE C 776 -22.51 2.49 -20.53
CA ILE C 776 -21.12 2.08 -20.61
C ILE C 776 -20.44 2.51 -19.31
N CYS C 777 -19.71 1.58 -18.71
CA CYS C 777 -19.06 1.84 -17.43
C CYS C 777 -17.79 1.01 -17.33
N ASP C 778 -17.08 1.18 -16.24
CA ASP C 778 -15.88 0.39 -15.98
C ASP C 778 -16.27 -1.00 -15.50
N ARG C 779 -15.34 -1.95 -15.64
CA ARG C 779 -15.61 -3.32 -15.23
C ARG C 779 -15.83 -3.43 -13.73
N GLU C 780 -15.33 -2.46 -12.96
CA GLU C 780 -15.47 -2.50 -11.51
C GLU C 780 -16.77 -1.89 -11.01
N ALA C 781 -17.55 -1.25 -11.88
CA ALA C 781 -18.76 -0.56 -11.48
C ALA C 781 -20.03 -1.26 -11.93
N LEU C 782 -19.95 -2.52 -12.36
CA LEU C 782 -21.14 -3.20 -12.86
C LEU C 782 -22.13 -3.47 -11.73
N TRP C 783 -21.62 -3.63 -10.51
CA TRP C 783 -22.52 -3.97 -9.39
C TRP C 783 -23.48 -2.83 -9.08
N MET C 784 -23.19 -1.61 -9.54
CA MET C 784 -24.08 -0.49 -9.26
C MET C 784 -25.28 -0.45 -10.19
N TRP C 785 -25.26 -1.21 -11.29
CA TRP C 785 -26.31 -1.16 -12.28
C TRP C 785 -27.24 -2.37 -12.24
N GLU C 786 -27.15 -3.20 -11.21
CA GLU C 786 -28.04 -4.36 -11.09
C GLU C 786 -29.49 -3.92 -10.93
N LYS C 787 -29.72 -2.88 -10.12
CA LYS C 787 -31.09 -2.42 -9.90
C LYS C 787 -31.74 -2.00 -11.21
N VAL C 788 -31.00 -1.24 -12.04
CA VAL C 788 -31.55 -0.78 -13.30
C VAL C 788 -31.70 -1.94 -14.28
N GLN C 789 -30.70 -2.83 -14.32
CA GLN C 789 -30.82 -4.03 -15.14
C GLN C 789 -32.11 -4.79 -14.83
N LYS C 790 -32.49 -4.82 -13.56
CA LYS C 790 -33.73 -5.48 -13.17
C LYS C 790 -34.96 -4.66 -13.58
N ALA C 791 -34.98 -3.38 -13.22
CA ALA C 791 -36.17 -2.57 -13.45
C ALA C 791 -36.42 -2.36 -14.93
N VAL C 792 -35.48 -1.74 -15.63
CA VAL C 792 -35.65 -1.37 -17.03
C VAL C 792 -35.23 -2.56 -17.88
N ALA C 793 -36.19 -3.17 -18.56
CA ALA C 793 -35.90 -4.28 -19.46
C ALA C 793 -35.47 -3.75 -20.82
N GLY C 794 -34.64 -4.54 -21.50
CA GLY C 794 -34.06 -4.09 -22.74
C GLY C 794 -32.86 -3.19 -22.59
N LEU C 795 -32.34 -3.07 -21.37
CA LEU C 795 -31.17 -2.24 -21.09
C LEU C 795 -29.90 -3.08 -21.24
N ARG C 796 -28.95 -2.57 -22.02
CA ARG C 796 -27.65 -3.19 -22.23
C ARG C 796 -26.61 -2.41 -21.45
N VAL C 797 -25.91 -3.08 -20.54
CA VAL C 797 -24.86 -2.47 -19.74
C VAL C 797 -23.54 -3.07 -20.20
N GLU C 798 -22.69 -2.25 -20.81
CA GLU C 798 -21.43 -2.70 -21.39
C GLU C 798 -20.28 -2.26 -20.50
N ALA C 799 -19.35 -3.18 -20.23
CA ALA C 799 -18.12 -2.87 -19.53
C ALA C 799 -17.01 -2.69 -20.55
N ALA C 800 -16.39 -1.51 -20.54
CA ALA C 800 -15.36 -1.18 -21.52
C ALA C 800 -14.03 -1.77 -21.09
N GLU C 801 -13.35 -2.40 -22.05
CA GLU C 801 -12.05 -2.99 -21.78
C GLU C 801 -10.98 -1.91 -21.79
N LYS C 802 -10.14 -1.90 -20.76
CA LYS C 802 -9.06 -0.93 -20.69
C LYS C 802 -8.19 -1.07 -21.93
N SER C 803 -7.84 0.07 -22.53
CA SER C 803 -7.16 0.09 -23.82
C SER C 803 -5.69 0.42 -23.66
N PHE C 804 -4.84 -0.44 -24.20
CA PHE C 804 -3.44 -0.10 -24.44
C PHE C 804 -3.40 0.63 -25.78
N SER C 805 -2.20 0.82 -26.34
CA SER C 805 -1.96 1.54 -27.59
C SER C 805 -1.18 2.81 -27.33
N ARG C 806 -0.16 3.06 -28.15
CA ARG C 806 0.80 4.14 -27.93
C ARG C 806 0.61 5.29 -28.91
N ASP C 807 -0.59 5.45 -29.45
CA ASP C 807 -0.85 6.45 -30.49
C ASP C 807 -0.97 7.86 -29.93
N TRP C 808 -1.42 8.00 -28.68
CA TRP C 808 -1.58 9.32 -28.08
C TRP C 808 -0.27 10.08 -27.98
N LEU C 809 0.87 9.38 -28.04
CA LEU C 809 2.17 10.02 -27.92
C LEU C 809 2.69 10.60 -29.23
N ASP C 810 2.02 10.34 -30.35
CA ASP C 810 2.56 10.65 -31.66
C ASP C 810 2.37 12.10 -32.07
N ASP C 811 2.10 12.99 -31.12
CA ASP C 811 2.06 14.41 -31.40
C ASP C 811 3.38 14.90 -32.02
#